data_7S1T
#
_entry.id   7S1T
#
_cell.length_a   70.880
_cell.length_b   70.980
_cell.length_c   103.790
_cell.angle_alpha   76.760
_cell.angle_beta   84.610
_cell.angle_gamma   70.550
#
_symmetry.space_group_name_H-M   'P 1'
#
loop_
_entity.id
_entity.type
_entity.pdbx_description
1 polymer 'Protection of telomeres protein 1'
2 polymer 'Adrenocortical dysplasia protein homolog'
3 non-polymer 'ZINC ION'
#
loop_
_entity_poly.entity_id
_entity_poly.type
_entity_poly.pdbx_seq_one_letter_code
_entity_poly.pdbx_strand_id
1 'polypeptide(L)'
;SNIEVERCQQLSATILTDHQYLERTPLCAILKQKAPQQYRIRAKLRSYKPRRLFQSVKLHCPKCHLLQEVPHEGDLDIIF
QDGATKTPDVKLQNTSLYDSKIWTTKNQKGRKVAVHFVKNNGILPLSNECLLLIEGGTLSEICKLSNKFNSVIPVRSGHE
DLELLDLSAPFLIQGTIHHYGCKQCSSLRSIQNLNSLVDKTSWIPSSVAEALGIVPLQYVFVMTFTLDDGTGVLEAYLMD
SDKFFQIPASEVLMDDDLQKSVDMIMDMFCPPGIKIDAYPWLECFIKSYNVTNGTDNQICYQIFDTTVAEDVI
;
A,D,G,J
2 'polypeptide(L)'
;STSSNAGLSLSQLLDEMREDQEHQGALVCLAESCLTLEGPCTAPPVTHWAASRCKATGEAVYTVPSSMLCISENDQLILS
SLGPCQRTQGPEL
;
B,E,H,K
#
# COMPACT_ATOMS: atom_id res chain seq x y z
N LEU A 11 -29.61 -36.13 2.17
CA LEU A 11 -30.73 -36.66 1.40
C LEU A 11 -30.35 -36.78 -0.07
N SER A 12 -29.05 -36.93 -0.32
CA SER A 12 -28.50 -37.20 -1.63
C SER A 12 -27.04 -37.59 -1.48
N ALA A 13 -26.62 -38.67 -2.13
CA ALA A 13 -25.31 -39.27 -1.84
C ALA A 13 -24.16 -38.52 -2.49
N THR A 14 -24.36 -37.98 -3.70
CA THR A 14 -23.33 -37.18 -4.36
C THR A 14 -23.91 -35.82 -4.73
N ILE A 15 -23.06 -34.79 -4.66
CA ILE A 15 -23.47 -33.42 -4.89
C ILE A 15 -22.69 -32.86 -6.07
N LEU A 16 -23.28 -31.85 -6.72
CA LEU A 16 -22.58 -31.09 -7.72
C LEU A 16 -21.65 -30.07 -7.06
N THR A 17 -20.52 -29.82 -7.71
CA THR A 17 -19.58 -28.79 -7.26
C THR A 17 -19.63 -27.55 -8.14
N ASP A 18 -20.65 -27.44 -9.00
CA ASP A 18 -20.85 -26.36 -9.96
C ASP A 18 -22.13 -26.73 -10.70
N HIS A 19 -22.62 -25.80 -11.53
CA HIS A 19 -23.73 -26.07 -12.42
C HIS A 19 -25.01 -26.35 -11.64
N GLN A 20 -25.17 -25.67 -10.51
CA GLN A 20 -26.32 -25.85 -9.64
C GLN A 20 -27.47 -24.90 -9.98
N TYR A 21 -27.27 -24.00 -10.93
CA TYR A 21 -28.38 -23.23 -11.48
C TYR A 21 -29.22 -24.04 -12.45
N LEU A 22 -28.66 -25.12 -12.99
CA LEU A 22 -29.44 -25.94 -13.91
C LEU A 22 -30.53 -26.70 -13.17
N GLU A 23 -31.50 -27.14 -13.96
CA GLU A 23 -32.64 -27.91 -13.54
C GLU A 23 -32.47 -29.37 -13.94
N ARG A 24 -33.14 -30.24 -13.19
CA ARG A 24 -32.99 -31.67 -13.42
C ARG A 24 -33.71 -32.09 -14.69
N THR A 25 -33.00 -32.80 -15.55
CA THR A 25 -33.46 -33.41 -16.78
C THR A 25 -33.69 -34.90 -16.56
N PRO A 26 -34.82 -35.43 -17.04
CA PRO A 26 -35.03 -36.88 -16.94
C PRO A 26 -34.24 -37.62 -18.00
N LEU A 27 -33.86 -38.85 -17.68
CA LEU A 27 -32.97 -39.60 -18.55
C LEU A 27 -33.67 -39.99 -19.85
N CYS A 28 -35.00 -40.14 -19.83
CA CYS A 28 -35.72 -40.41 -21.07
C CYS A 28 -35.60 -39.25 -22.04
N ALA A 29 -35.57 -38.02 -21.53
CA ALA A 29 -35.43 -36.86 -22.39
C ALA A 29 -34.01 -36.74 -22.96
N ILE A 30 -33.00 -37.13 -22.17
CA ILE A 30 -31.62 -37.01 -22.63
C ILE A 30 -31.32 -38.01 -23.72
N LEU A 31 -31.84 -39.23 -23.60
CA LEU A 31 -31.46 -40.32 -24.49
C LEU A 31 -31.89 -40.10 -25.93
N LYS A 32 -32.86 -39.20 -26.17
CA LYS A 32 -33.30 -38.90 -27.53
C LYS A 32 -32.85 -37.51 -27.99
N GLN A 33 -31.95 -36.88 -27.25
CA GLN A 33 -31.56 -35.51 -27.56
C GLN A 33 -30.29 -35.48 -28.40
N LYS A 34 -30.03 -34.32 -29.00
CA LYS A 34 -28.82 -34.10 -29.76
C LYS A 34 -27.62 -33.91 -28.81
N ALA A 35 -26.44 -34.15 -29.36
CA ALA A 35 -25.19 -33.99 -28.62
C ALA A 35 -24.22 -33.16 -29.44
N PRO A 36 -23.30 -32.43 -28.80
CA PRO A 36 -23.05 -32.38 -27.35
C PRO A 36 -24.04 -31.49 -26.59
N GLN A 37 -24.24 -31.82 -25.32
CA GLN A 37 -25.10 -31.05 -24.43
C GLN A 37 -24.74 -31.42 -22.99
N GLN A 38 -24.98 -30.49 -22.08
CA GLN A 38 -24.72 -30.70 -20.66
C GLN A 38 -26.03 -30.66 -19.89
N TYR A 39 -26.21 -31.62 -18.98
CA TYR A 39 -27.44 -31.76 -18.22
C TYR A 39 -27.12 -31.84 -16.73
N ARG A 40 -28.18 -31.74 -15.93
CA ARG A 40 -28.14 -32.06 -14.50
C ARG A 40 -29.14 -33.18 -14.25
N ILE A 41 -28.68 -34.28 -13.67
CA ILE A 41 -29.52 -35.45 -13.42
C ILE A 41 -29.38 -35.83 -11.95
N ARG A 42 -30.32 -36.66 -11.50
CA ARG A 42 -30.15 -37.41 -10.27
C ARG A 42 -30.86 -38.75 -10.45
N ALA A 43 -30.11 -39.83 -10.27
CA ALA A 43 -30.61 -41.17 -10.47
C ALA A 43 -30.01 -42.07 -9.41
N LYS A 44 -30.39 -43.34 -9.45
CA LYS A 44 -29.83 -44.34 -8.55
C LYS A 44 -28.86 -45.22 -9.32
N LEU A 45 -27.80 -45.64 -8.63
CA LEU A 45 -26.76 -46.46 -9.24
C LEU A 45 -27.23 -47.91 -9.24
N ARG A 46 -27.86 -48.32 -10.35
CA ARG A 46 -28.34 -49.69 -10.47
C ARG A 46 -27.21 -50.65 -10.77
N SER A 47 -26.24 -50.24 -11.58
CA SER A 47 -25.21 -51.12 -12.08
C SER A 47 -23.94 -50.32 -12.30
N TYR A 48 -22.79 -50.99 -12.19
CA TYR A 48 -21.52 -50.35 -12.48
C TYR A 48 -20.46 -51.41 -12.75
N LYS A 49 -19.49 -51.03 -13.59
CA LYS A 49 -18.31 -51.82 -13.88
C LYS A 49 -17.06 -50.98 -13.58
N PRO A 50 -16.00 -51.59 -13.06
CA PRO A 50 -15.87 -53.03 -12.80
C PRO A 50 -16.51 -53.47 -11.49
N ARG A 51 -16.98 -54.72 -11.45
CA ARG A 51 -17.43 -55.30 -10.18
C ARG A 51 -16.25 -55.49 -9.22
N ARG A 52 -15.05 -55.61 -9.77
CA ARG A 52 -13.81 -55.71 -8.99
C ARG A 52 -13.13 -54.34 -9.06
N LEU A 53 -13.12 -53.62 -7.93
CA LEU A 53 -12.71 -52.22 -7.95
C LEU A 53 -11.20 -52.02 -8.05
N PHE A 54 -10.40 -53.04 -7.73
CA PHE A 54 -8.95 -52.89 -7.78
C PHE A 54 -8.44 -52.65 -9.20
N GLN A 55 -9.21 -53.04 -10.21
CA GLN A 55 -8.87 -52.79 -11.61
C GLN A 55 -9.60 -51.58 -12.18
N SER A 56 -9.86 -50.57 -11.34
CA SER A 56 -10.47 -49.33 -11.78
C SER A 56 -9.47 -48.19 -11.90
N VAL A 57 -8.29 -48.34 -11.33
CA VAL A 57 -7.25 -47.30 -11.38
C VAL A 57 -6.39 -47.55 -12.61
N LYS A 58 -6.32 -46.56 -13.49
CA LYS A 58 -5.49 -46.59 -14.68
C LYS A 58 -4.59 -45.35 -14.69
N LEU A 59 -3.90 -45.14 -15.81
CA LEU A 59 -2.99 -44.01 -15.98
C LEU A 59 -3.29 -43.33 -17.31
N HIS A 60 -3.89 -42.14 -17.24
CA HIS A 60 -4.21 -41.37 -18.43
C HIS A 60 -3.06 -40.43 -18.78
N CYS A 61 -2.63 -40.46 -20.03
CA CYS A 61 -1.66 -39.50 -20.51
C CYS A 61 -2.39 -38.23 -20.92
N PRO A 62 -2.19 -37.12 -20.22
CA PRO A 62 -2.99 -35.91 -20.50
C PRO A 62 -2.89 -35.43 -21.94
N LYS A 63 -1.73 -35.57 -22.58
CA LYS A 63 -1.61 -35.11 -23.96
C LYS A 63 -2.22 -36.12 -24.94
N CYS A 64 -1.54 -37.24 -25.17
CA CYS A 64 -1.97 -38.21 -26.17
C CYS A 64 -3.18 -39.03 -25.74
N HIS A 65 -3.79 -38.68 -24.60
CA HIS A 65 -5.03 -39.33 -24.12
C HIS A 65 -4.89 -40.85 -24.07
N LEU A 66 -3.68 -41.31 -23.78
CA LEU A 66 -3.42 -42.74 -23.63
C LEU A 66 -4.01 -43.25 -22.32
N LEU A 67 -4.81 -44.30 -22.40
CA LEU A 67 -5.29 -45.00 -21.22
C LEU A 67 -4.53 -46.32 -21.13
N GLN A 68 -3.87 -46.52 -19.99
CA GLN A 68 -3.09 -47.73 -19.79
C GLN A 68 -3.15 -48.12 -18.33
N GLU A 69 -2.59 -49.29 -18.03
CA GLU A 69 -2.70 -49.88 -16.70
C GLU A 69 -1.52 -49.47 -15.83
N VAL A 70 -1.81 -49.21 -14.56
CA VAL A 70 -0.76 -49.05 -13.56
C VAL A 70 -0.02 -50.37 -13.46
N PRO A 71 1.30 -50.38 -13.65
CA PRO A 71 2.04 -51.65 -13.64
C PRO A 71 1.85 -52.40 -12.32
N HIS A 72 1.98 -53.72 -12.41
CA HIS A 72 1.82 -54.55 -11.22
C HIS A 72 3.02 -54.38 -10.29
N GLU A 73 2.75 -54.54 -8.99
CA GLU A 73 3.82 -54.40 -8.00
C GLU A 73 4.86 -55.51 -8.15
N GLY A 74 4.42 -56.74 -8.41
CA GLY A 74 5.35 -57.81 -8.67
C GLY A 74 6.23 -57.56 -9.87
N ASP A 75 5.69 -56.89 -10.90
CA ASP A 75 6.51 -56.48 -12.03
C ASP A 75 7.55 -55.44 -11.61
N LEU A 76 7.15 -54.52 -10.72
CA LEU A 76 8.10 -53.55 -10.17
C LEU A 76 9.19 -54.26 -9.38
N ASP A 77 8.80 -55.23 -8.55
CA ASP A 77 9.77 -55.94 -7.72
C ASP A 77 10.76 -56.73 -8.57
N ILE A 78 10.32 -57.26 -9.71
CA ILE A 78 11.22 -57.99 -10.59
C ILE A 78 12.21 -57.05 -11.26
N ILE A 79 11.74 -55.87 -11.68
CA ILE A 79 12.58 -54.94 -12.42
C ILE A 79 13.75 -54.48 -11.57
N PHE A 80 13.51 -54.19 -10.29
CA PHE A 80 14.58 -53.74 -9.42
C PHE A 80 15.46 -54.90 -8.96
N GLN A 81 14.87 -56.09 -8.76
CA GLN A 81 15.69 -57.26 -8.47
C GLN A 81 16.61 -57.59 -9.64
N ASP A 82 16.13 -57.39 -10.87
CA ASP A 82 16.96 -57.58 -12.05
C ASP A 82 17.98 -56.45 -12.21
N GLY A 83 17.66 -55.26 -11.69
CA GLY A 83 18.59 -54.15 -11.78
C GLY A 83 19.86 -54.37 -10.99
N ALA A 84 19.81 -55.20 -9.95
CA ALA A 84 20.98 -55.54 -9.15
C ALA A 84 21.93 -56.39 -10.00
N THR A 85 22.93 -55.74 -10.61
CA THR A 85 23.86 -56.45 -11.48
C THR A 85 25.15 -55.65 -11.60
N LYS A 86 26.24 -56.42 -11.75
CA LYS A 86 27.63 -55.95 -11.83
C LYS A 86 27.86 -54.82 -10.85
N THR A 87 28.44 -53.74 -11.34
CA THR A 87 28.61 -52.54 -10.54
C THR A 87 28.45 -51.37 -11.48
N PRO A 88 28.10 -50.22 -10.92
CA PRO A 88 27.88 -48.97 -11.64
C PRO A 88 29.02 -48.40 -12.44
N ASP A 89 28.71 -47.22 -12.98
CA ASP A 89 29.61 -46.42 -13.80
C ASP A 89 30.41 -45.43 -12.97
N VAL A 90 30.42 -45.64 -11.65
CA VAL A 90 31.07 -44.83 -10.66
C VAL A 90 30.43 -43.51 -10.93
N LYS A 91 31.26 -42.57 -11.31
CA LYS A 91 30.88 -41.24 -11.75
C LYS A 91 32.14 -40.68 -12.37
N LEU A 92 32.29 -39.36 -12.26
CA LEU A 92 33.44 -38.69 -12.87
C LEU A 92 33.52 -37.31 -12.23
N GLN A 93 34.21 -36.35 -12.82
CA GLN A 93 34.22 -35.02 -12.22
C GLN A 93 32.76 -34.53 -12.31
N ASN A 94 31.86 -35.51 -12.50
CA ASN A 94 30.45 -35.17 -12.71
C ASN A 94 29.71 -34.81 -11.43
N THR A 95 30.24 -35.13 -10.25
CA THR A 95 29.47 -34.97 -9.01
C THR A 95 29.40 -33.51 -8.54
N SER A 96 29.20 -32.56 -9.46
CA SER A 96 28.93 -31.18 -9.10
C SER A 96 27.47 -30.97 -8.69
N LEU A 97 26.57 -31.82 -9.18
CA LEU A 97 25.15 -31.73 -8.85
C LEU A 97 24.79 -32.57 -7.64
N TYR A 98 25.53 -33.64 -7.38
CA TYR A 98 25.20 -34.56 -6.30
C TYR A 98 26.49 -35.10 -5.70
N ASP A 99 26.34 -35.73 -4.53
CA ASP A 99 27.41 -36.50 -3.90
C ASP A 99 27.06 -37.99 -4.04
N SER A 100 27.84 -38.85 -3.39
CA SER A 100 27.60 -40.28 -3.57
C SER A 100 28.20 -41.08 -2.44
N LYS A 101 27.72 -42.32 -2.33
CA LYS A 101 28.17 -43.26 -1.30
C LYS A 101 27.81 -44.66 -1.79
N ILE A 102 28.82 -45.47 -2.06
CA ILE A 102 28.62 -46.81 -2.60
C ILE A 102 28.81 -47.82 -1.48
N TRP A 103 27.77 -48.60 -1.22
CA TRP A 103 27.84 -49.74 -0.32
C TRP A 103 28.20 -51.00 -1.11
N THR A 104 29.02 -51.86 -0.50
CA THR A 104 29.24 -53.21 -0.99
C THR A 104 28.49 -54.18 -0.06
N THR A 105 27.62 -54.98 -0.65
CA THR A 105 26.84 -55.99 0.05
C THR A 105 27.64 -57.29 0.14
N LYS A 106 27.52 -57.97 1.27
CA LYS A 106 27.96 -59.36 1.37
C LYS A 106 26.76 -60.26 1.06
N ASN A 107 27.02 -61.37 0.34
CA ASN A 107 26.11 -62.51 0.24
C ASN A 107 24.95 -62.28 -0.72
N GLN A 108 25.20 -61.51 -1.79
CA GLN A 108 24.18 -61.22 -2.82
C GLN A 108 24.80 -61.08 -4.21
N LYS A 109 25.65 -62.03 -4.60
CA LYS A 109 26.21 -62.09 -5.96
C LYS A 109 26.94 -60.79 -6.32
N GLY A 110 27.68 -60.25 -5.35
CA GLY A 110 28.44 -59.04 -5.58
C GLY A 110 27.59 -57.80 -5.81
N ARG A 111 26.45 -57.69 -5.15
CA ARG A 111 25.61 -56.53 -5.34
C ARG A 111 26.22 -55.33 -4.67
N LYS A 112 26.18 -54.18 -5.33
CA LYS A 112 26.76 -52.94 -4.82
C LYS A 112 25.86 -51.78 -5.24
N VAL A 113 25.04 -51.32 -4.30
CA VAL A 113 24.12 -50.21 -4.55
C VAL A 113 24.87 -48.90 -4.59
N ALA A 114 24.30 -47.90 -5.27
CA ALA A 114 24.91 -46.59 -5.42
C ALA A 114 23.86 -45.52 -5.12
N VAL A 115 23.91 -44.97 -3.91
CA VAL A 115 23.05 -43.87 -3.52
C VAL A 115 23.76 -42.55 -3.84
N HIS A 116 23.06 -41.65 -4.51
CA HIS A 116 23.61 -40.37 -4.91
C HIS A 116 22.72 -39.25 -4.37
N PHE A 117 23.32 -38.36 -3.57
CA PHE A 117 22.58 -37.31 -2.87
C PHE A 117 22.68 -36.00 -3.66
N VAL A 118 21.54 -35.52 -4.17
CA VAL A 118 21.51 -34.28 -4.93
C VAL A 118 21.87 -33.11 -4.04
N LYS A 119 22.76 -32.26 -4.52
CA LYS A 119 23.20 -31.07 -3.79
C LYS A 119 22.34 -29.86 -4.11
N ASN A 120 21.97 -29.13 -3.06
CA ASN A 120 21.19 -27.90 -3.22
C ASN A 120 22.16 -26.73 -3.24
N ASN A 121 22.40 -26.18 -4.43
CA ASN A 121 23.29 -25.06 -4.69
C ASN A 121 24.74 -25.35 -4.36
N GLY A 122 25.09 -26.61 -4.13
CA GLY A 122 26.44 -27.01 -3.78
C GLY A 122 26.58 -27.63 -2.40
N ILE A 123 25.65 -27.35 -1.50
CA ILE A 123 25.67 -27.92 -0.16
C ILE A 123 24.64 -29.03 -0.10
N LEU A 124 24.85 -29.96 0.83
CA LEU A 124 23.87 -31.04 0.92
C LEU A 124 22.80 -30.74 1.96
N PRO A 125 21.55 -31.12 1.70
CA PRO A 125 20.46 -30.72 2.59
C PRO A 125 20.07 -31.76 3.61
N LEU A 126 18.97 -31.52 4.33
CA LEU A 126 18.38 -32.52 5.20
C LEU A 126 17.61 -33.53 4.37
N SER A 127 17.28 -34.65 5.02
CA SER A 127 16.58 -35.73 4.32
C SER A 127 15.16 -35.35 3.93
N ASN A 128 14.58 -34.35 4.59
CA ASN A 128 13.21 -33.95 4.29
C ASN A 128 13.10 -33.06 3.06
N GLU A 129 14.23 -32.58 2.52
CA GLU A 129 14.24 -31.78 1.30
C GLU A 129 15.31 -32.26 0.33
N CYS A 130 15.72 -33.52 0.43
CA CYS A 130 16.77 -34.09 -0.39
C CYS A 130 16.18 -34.91 -1.53
N LEU A 131 16.98 -35.12 -2.56
CA LEU A 131 16.61 -35.91 -3.73
C LEU A 131 17.58 -37.07 -3.88
N LEU A 132 17.06 -38.29 -3.77
CA LEU A 132 17.88 -39.48 -3.85
C LEU A 132 17.96 -40.03 -5.27
N LEU A 133 19.07 -40.68 -5.57
CA LEU A 133 19.33 -41.29 -6.87
C LEU A 133 19.96 -42.65 -6.61
N ILE A 134 19.21 -43.73 -6.83
CA ILE A 134 19.63 -45.06 -6.44
C ILE A 134 19.97 -45.88 -7.68
N GLU A 135 20.98 -46.74 -7.54
CA GLU A 135 21.31 -47.75 -8.53
C GLU A 135 21.30 -49.11 -7.85
N GLY A 136 20.67 -50.09 -8.50
CA GLY A 136 20.65 -51.43 -7.96
C GLY A 136 19.88 -51.62 -6.67
N GLY A 137 19.05 -50.66 -6.29
CA GLY A 137 18.19 -50.86 -5.14
C GLY A 137 17.05 -51.81 -5.45
N THR A 138 16.56 -52.49 -4.41
CA THR A 138 15.41 -53.37 -4.54
C THR A 138 14.15 -52.61 -4.14
N LEU A 139 13.01 -53.06 -4.69
CA LEU A 139 11.75 -52.34 -4.51
C LEU A 139 11.46 -52.05 -3.04
N SER A 140 11.63 -53.06 -2.18
CA SER A 140 11.42 -52.85 -0.76
C SER A 140 12.34 -51.77 -0.21
N GLU A 141 13.64 -51.87 -0.50
CA GLU A 141 14.56 -50.82 -0.10
C GLU A 141 14.21 -49.48 -0.75
N ILE A 142 13.64 -49.52 -1.96
CA ILE A 142 13.11 -48.31 -2.57
C ILE A 142 11.91 -47.80 -1.77
N CYS A 143 11.05 -48.71 -1.30
CA CYS A 143 9.85 -48.31 -0.58
C CYS A 143 10.19 -47.58 0.71
N LYS A 144 11.08 -48.17 1.52
CA LYS A 144 11.40 -47.57 2.82
C LYS A 144 12.24 -46.31 2.67
N LEU A 145 13.11 -46.25 1.67
CA LEU A 145 13.82 -45.01 1.38
C LEU A 145 12.85 -43.87 1.10
N SER A 146 11.78 -44.16 0.37
CA SER A 146 10.79 -43.14 0.04
C SER A 146 10.02 -42.63 1.25
N ASN A 147 9.88 -43.44 2.31
CA ASN A 147 9.08 -43.07 3.46
C ASN A 147 9.87 -42.35 4.54
N LYS A 148 11.16 -42.11 4.30
CA LYS A 148 11.99 -41.27 5.15
C LYS A 148 12.63 -40.11 4.39
N PHE A 149 12.94 -40.29 3.12
CA PHE A 149 13.47 -39.23 2.29
C PHE A 149 12.34 -38.47 1.59
N ASN A 150 12.70 -37.38 0.93
CA ASN A 150 11.69 -36.57 0.24
C ASN A 150 11.42 -37.11 -1.16
N SER A 151 12.47 -37.36 -1.93
CA SER A 151 12.36 -37.84 -3.30
C SER A 151 13.34 -38.99 -3.53
N VAL A 152 12.91 -39.97 -4.31
CA VAL A 152 13.78 -41.07 -4.72
C VAL A 152 13.58 -41.30 -6.21
N ILE A 153 14.63 -41.11 -7.00
CA ILE A 153 14.58 -41.34 -8.45
C ILE A 153 15.47 -42.53 -8.77
N PRO A 154 14.91 -43.72 -9.03
CA PRO A 154 15.75 -44.87 -9.34
C PRO A 154 16.39 -44.74 -10.72
N VAL A 155 17.70 -44.89 -10.77
CA VAL A 155 18.47 -44.66 -11.99
C VAL A 155 19.43 -45.82 -12.20
N ARG A 156 20.23 -45.71 -13.26
CA ARG A 156 21.21 -46.71 -13.64
C ARG A 156 22.44 -45.99 -14.16
N SER A 157 23.54 -46.72 -14.25
CA SER A 157 24.78 -46.17 -14.77
C SER A 157 24.80 -46.34 -16.29
N GLY A 158 24.58 -45.24 -17.01
CA GLY A 158 24.77 -45.22 -18.44
C GLY A 158 26.25 -45.30 -18.79
N HIS A 159 26.54 -45.07 -20.06
CA HIS A 159 27.93 -45.13 -20.49
C HIS A 159 28.61 -43.77 -20.50
N GLU A 160 27.87 -42.70 -20.20
CA GLU A 160 28.47 -41.38 -20.02
C GLU A 160 27.96 -40.70 -18.76
N ASP A 161 26.64 -40.69 -18.56
CA ASP A 161 26.04 -40.05 -17.40
C ASP A 161 24.87 -40.91 -16.90
N LEU A 162 24.49 -40.68 -15.65
CA LEU A 162 23.35 -41.38 -15.06
C LEU A 162 22.09 -41.12 -15.88
N GLU A 163 21.47 -42.20 -16.35
CA GLU A 163 20.23 -42.12 -17.10
C GLU A 163 19.12 -42.82 -16.32
N LEU A 164 17.88 -42.48 -16.66
CA LEU A 164 16.73 -43.10 -16.03
C LEU A 164 16.64 -44.58 -16.41
N LEU A 165 15.71 -45.28 -15.77
CA LEU A 165 15.39 -46.64 -16.15
C LEU A 165 14.45 -46.63 -17.35
N ASP A 166 14.01 -47.82 -17.75
CA ASP A 166 12.88 -47.90 -18.66
C ASP A 166 11.66 -47.27 -18.00
N LEU A 167 10.87 -46.56 -18.80
CA LEU A 167 9.73 -45.87 -18.18
C LEU A 167 8.64 -46.83 -17.66
N SER A 168 8.88 -48.14 -17.67
CA SER A 168 8.01 -49.06 -16.95
C SER A 168 8.14 -48.86 -15.44
N ALA A 169 9.36 -48.55 -14.99
CA ALA A 169 9.65 -48.19 -13.61
C ALA A 169 9.48 -46.68 -13.42
N PRO A 170 8.96 -46.26 -12.27
CA PRO A 170 8.69 -44.83 -12.06
C PRO A 170 9.95 -43.99 -12.18
N PHE A 171 9.78 -42.76 -12.64
CA PHE A 171 10.85 -41.79 -12.69
C PHE A 171 10.94 -40.94 -11.43
N LEU A 172 9.97 -41.05 -10.53
CA LEU A 172 9.98 -40.29 -9.29
C LEU A 172 9.11 -41.01 -8.28
N ILE A 173 9.59 -41.07 -7.04
CA ILE A 173 8.89 -41.72 -5.94
C ILE A 173 9.00 -40.81 -4.73
N GLN A 174 7.88 -40.23 -4.30
CA GLN A 174 7.83 -39.44 -3.07
C GLN A 174 6.72 -39.99 -2.18
N GLY A 175 7.11 -40.74 -1.15
CA GLY A 175 6.16 -41.38 -0.29
C GLY A 175 5.49 -42.57 -0.94
N THR A 176 4.17 -42.54 -1.04
CA THR A 176 3.40 -43.63 -1.60
C THR A 176 2.96 -43.36 -3.03
N ILE A 177 3.52 -42.35 -3.69
CA ILE A 177 3.13 -41.96 -5.03
C ILE A 177 4.26 -42.30 -5.98
N HIS A 178 4.01 -43.26 -6.88
CA HIS A 178 4.90 -43.53 -8.00
C HIS A 178 4.47 -42.66 -9.18
N HIS A 179 5.45 -42.07 -9.85
CA HIS A 179 5.19 -41.19 -10.98
C HIS A 179 5.71 -41.83 -12.25
N TYR A 180 4.85 -41.95 -13.25
CA TYR A 180 5.18 -42.57 -14.53
C TYR A 180 5.07 -41.55 -15.64
N GLY A 181 6.00 -41.62 -16.58
CA GLY A 181 5.95 -40.81 -17.79
C GLY A 181 5.43 -41.62 -18.96
N CYS A 182 4.73 -40.95 -19.86
CA CYS A 182 4.21 -41.61 -21.05
C CYS A 182 5.35 -42.01 -21.98
N LYS A 183 5.39 -43.29 -22.33
CA LYS A 183 6.49 -43.79 -23.15
C LYS A 183 6.42 -43.29 -24.60
N GLN A 184 5.28 -42.79 -25.03
CA GLN A 184 5.09 -42.42 -26.43
C GLN A 184 5.26 -40.95 -26.72
N CYS A 185 5.14 -40.07 -25.71
CA CYS A 185 5.21 -38.64 -25.95
C CYS A 185 6.15 -37.97 -24.94
N SER A 186 7.27 -38.62 -24.63
CA SER A 186 8.24 -38.04 -23.69
C SER A 186 9.62 -38.58 -24.06
N SER A 187 10.40 -37.78 -24.78
CA SER A 187 11.78 -38.12 -25.14
C SER A 187 12.71 -37.61 -24.06
N LEU A 188 13.47 -38.51 -23.45
CA LEU A 188 14.14 -38.23 -22.19
C LEU A 188 15.31 -37.25 -22.35
N ARG A 189 15.58 -36.53 -21.27
CA ARG A 189 16.85 -35.86 -21.05
C ARG A 189 17.49 -36.50 -19.81
N SER A 190 18.82 -36.58 -19.81
CA SER A 190 19.46 -37.35 -18.77
C SER A 190 19.64 -36.52 -17.49
N ILE A 191 19.98 -37.22 -16.41
CA ILE A 191 19.85 -36.71 -15.04
C ILE A 191 20.55 -35.37 -14.83
N GLN A 192 21.64 -35.12 -15.55
CA GLN A 192 22.37 -33.87 -15.33
C GLN A 192 21.61 -32.63 -15.79
N ASN A 193 20.40 -32.77 -16.33
CA ASN A 193 19.57 -31.62 -16.66
C ASN A 193 18.75 -31.15 -15.46
N LEU A 194 18.90 -31.79 -14.30
CA LEU A 194 18.26 -31.30 -13.09
C LEU A 194 18.93 -30.06 -12.54
N ASN A 195 20.16 -29.77 -13.01
CA ASN A 195 20.81 -28.52 -12.64
C ASN A 195 20.00 -27.30 -13.08
N SER A 196 19.18 -27.46 -14.12
CA SER A 196 18.41 -26.36 -14.68
C SER A 196 17.30 -25.88 -13.76
N LEU A 197 17.06 -26.54 -12.64
CA LEU A 197 15.99 -26.14 -11.73
C LEU A 197 16.42 -24.93 -10.91
N VAL A 198 15.54 -23.94 -10.83
CA VAL A 198 15.78 -22.78 -9.97
C VAL A 198 15.31 -23.04 -8.54
N ASP A 199 14.42 -24.01 -8.34
CA ASP A 199 13.89 -24.38 -7.03
C ASP A 199 14.35 -25.81 -6.75
N LYS A 200 15.47 -25.95 -6.05
CA LYS A 200 16.07 -27.25 -5.77
C LYS A 200 15.87 -27.69 -4.32
N THR A 201 14.97 -27.03 -3.59
CA THR A 201 14.56 -27.49 -2.27
C THR A 201 13.15 -28.09 -2.30
N SER A 202 12.22 -27.42 -2.95
CA SER A 202 10.90 -27.99 -3.22
C SER A 202 10.99 -28.84 -4.48
N TRP A 203 10.72 -30.13 -4.36
CA TRP A 203 10.83 -31.06 -5.48
C TRP A 203 9.44 -31.26 -6.08
N ILE A 204 9.09 -30.40 -7.02
CA ILE A 204 7.83 -30.49 -7.76
C ILE A 204 7.97 -31.61 -8.77
N PRO A 205 7.14 -32.66 -8.69
CA PRO A 205 7.20 -33.71 -9.71
C PRO A 205 7.04 -33.18 -11.11
N SER A 206 6.21 -32.14 -11.28
CA SER A 206 6.05 -31.56 -12.60
C SER A 206 7.35 -30.92 -13.07
N SER A 207 8.14 -30.33 -12.16
CA SER A 207 9.38 -29.68 -12.57
C SER A 207 10.54 -30.65 -12.70
N VAL A 208 10.50 -31.77 -11.97
CA VAL A 208 11.46 -32.84 -12.21
C VAL A 208 11.17 -33.51 -13.55
N ALA A 209 9.89 -33.78 -13.84
CA ALA A 209 9.53 -34.38 -15.12
C ALA A 209 9.90 -33.48 -16.28
N GLU A 210 9.65 -32.18 -16.13
CA GLU A 210 9.97 -31.22 -17.19
C GLU A 210 11.48 -31.16 -17.44
N ALA A 211 12.28 -31.16 -16.37
CA ALA A 211 13.72 -31.11 -16.53
C ALA A 211 14.24 -32.38 -17.19
N LEU A 212 13.65 -33.53 -16.86
CA LEU A 212 14.02 -34.79 -17.50
C LEU A 212 13.39 -34.97 -18.87
N GLY A 213 12.51 -34.05 -19.28
CA GLY A 213 11.80 -34.21 -20.53
C GLY A 213 10.68 -35.23 -20.49
N ILE A 214 10.17 -35.52 -19.30
CA ILE A 214 9.16 -36.57 -19.11
C ILE A 214 7.79 -35.92 -19.03
N VAL A 215 6.85 -36.46 -19.79
CA VAL A 215 5.45 -36.05 -19.73
C VAL A 215 4.71 -37.04 -18.85
N PRO A 216 4.30 -36.67 -17.64
CA PRO A 216 3.79 -37.65 -16.68
C PRO A 216 2.38 -38.12 -16.99
N LEU A 217 2.11 -39.36 -16.62
CA LEU A 217 0.77 -39.92 -16.70
C LEU A 217 -0.06 -39.49 -15.49
N GLN A 218 -1.37 -39.62 -15.62
CA GLN A 218 -2.31 -39.21 -14.57
C GLN A 218 -3.05 -40.44 -14.05
N TYR A 219 -2.93 -40.71 -12.76
CA TYR A 219 -3.79 -41.68 -12.10
C TYR A 219 -5.22 -41.17 -12.09
N VAL A 220 -6.12 -41.88 -12.77
CA VAL A 220 -7.53 -41.53 -12.78
C VAL A 220 -8.36 -42.79 -12.56
N PHE A 221 -9.38 -42.68 -11.70
CA PHE A 221 -10.39 -43.72 -11.60
C PHE A 221 -11.21 -43.75 -12.88
N VAL A 222 -11.23 -44.90 -13.56
CA VAL A 222 -12.05 -45.07 -14.75
C VAL A 222 -13.15 -46.07 -14.41
N MET A 223 -14.40 -45.61 -14.47
CA MET A 223 -15.55 -46.44 -14.13
C MET A 223 -16.67 -46.17 -15.12
N THR A 224 -17.60 -47.13 -15.19
CA THR A 224 -18.82 -46.99 -15.99
C THR A 224 -20.01 -47.19 -15.08
N PHE A 225 -20.92 -46.23 -15.08
CA PHE A 225 -22.12 -46.26 -14.25
C PHE A 225 -23.34 -46.54 -15.12
N THR A 226 -24.28 -47.31 -14.57
CA THR A 226 -25.59 -47.48 -15.18
C THR A 226 -26.59 -46.85 -14.21
N LEU A 227 -26.95 -45.61 -14.49
CA LEU A 227 -27.88 -44.86 -13.66
C LEU A 227 -29.31 -45.06 -14.14
N ASP A 228 -30.26 -44.86 -13.23
CA ASP A 228 -31.68 -45.01 -13.56
C ASP A 228 -32.49 -44.08 -12.69
N ASP A 229 -33.19 -43.14 -13.32
CA ASP A 229 -34.02 -42.17 -12.60
C ASP A 229 -35.51 -42.49 -12.69
N GLY A 230 -35.87 -43.62 -13.28
CA GLY A 230 -37.25 -44.02 -13.41
C GLY A 230 -37.84 -43.83 -14.80
N THR A 231 -37.14 -43.14 -15.69
CA THR A 231 -37.61 -42.92 -17.04
C THR A 231 -36.72 -43.57 -18.09
N GLY A 232 -35.61 -44.17 -17.67
CA GLY A 232 -34.65 -44.77 -18.58
C GLY A 232 -33.29 -44.82 -17.92
N VAL A 233 -32.47 -45.75 -18.41
CA VAL A 233 -31.14 -45.95 -17.85
C VAL A 233 -30.10 -45.34 -18.78
N LEU A 234 -28.95 -44.97 -18.21
CA LEU A 234 -27.91 -44.27 -18.95
C LEU A 234 -26.55 -44.83 -18.58
N GLU A 235 -25.66 -44.87 -19.56
CA GLU A 235 -24.28 -45.30 -19.37
C GLU A 235 -23.41 -44.06 -19.25
N ALA A 236 -23.08 -43.68 -18.01
CA ALA A 236 -22.26 -42.51 -17.75
C ALA A 236 -20.88 -42.94 -17.30
N TYR A 237 -19.85 -42.44 -18.00
CA TYR A 237 -18.48 -42.74 -17.65
C TYR A 237 -18.01 -41.86 -16.50
N LEU A 238 -17.09 -42.39 -15.71
CA LEU A 238 -16.47 -41.65 -14.61
C LEU A 238 -14.96 -41.73 -14.76
N MET A 239 -14.34 -40.64 -15.18
CA MET A 239 -12.88 -40.54 -15.30
C MET A 239 -12.44 -39.29 -14.53
N ASP A 240 -11.86 -39.49 -13.35
CA ASP A 240 -11.42 -38.38 -12.53
C ASP A 240 -10.24 -38.81 -11.68
N SER A 241 -9.48 -37.82 -11.20
CA SER A 241 -8.24 -38.08 -10.46
C SER A 241 -8.46 -38.10 -8.95
N ASP A 242 -9.01 -37.01 -8.40
CA ASP A 242 -9.14 -36.93 -6.95
C ASP A 242 -10.31 -36.06 -6.50
N LYS A 243 -11.36 -35.89 -7.31
CA LYS A 243 -12.50 -35.08 -6.92
C LYS A 243 -13.68 -35.92 -6.44
N PHE A 244 -14.10 -36.91 -7.23
CA PHE A 244 -15.33 -37.65 -6.93
C PHE A 244 -15.29 -38.28 -5.55
N PHE A 245 -14.38 -39.24 -5.34
CA PHE A 245 -14.32 -39.96 -4.08
C PHE A 245 -13.63 -39.17 -2.97
N GLN A 246 -13.09 -37.99 -3.28
CA GLN A 246 -12.18 -37.29 -2.36
C GLN A 246 -11.05 -38.21 -1.93
N ILE A 247 -10.69 -39.14 -2.82
CA ILE A 247 -9.60 -40.07 -2.61
C ILE A 247 -8.65 -39.89 -3.78
N PRO A 248 -7.39 -39.51 -3.55
CA PRO A 248 -6.44 -39.32 -4.67
C PRO A 248 -6.12 -40.64 -5.33
N ALA A 249 -6.37 -40.72 -6.64
CA ALA A 249 -6.03 -41.91 -7.40
C ALA A 249 -4.52 -42.11 -7.50
N SER A 250 -3.74 -41.05 -7.24
CA SER A 250 -2.28 -41.19 -7.24
C SER A 250 -1.80 -42.07 -6.10
N GLU A 251 -2.52 -42.10 -4.99
CA GLU A 251 -2.08 -42.82 -3.81
C GLU A 251 -2.86 -44.10 -3.54
N VAL A 252 -3.96 -44.34 -4.24
CA VAL A 252 -4.92 -45.34 -3.80
C VAL A 252 -4.31 -46.74 -3.81
N LEU A 253 -3.48 -47.05 -4.80
CA LEU A 253 -2.93 -48.38 -4.93
C LEU A 253 -1.80 -48.68 -3.96
N MET A 254 -1.59 -47.82 -2.95
CA MET A 254 -0.48 -47.99 -2.01
C MET A 254 -0.93 -47.86 -0.56
N ASP A 255 -2.22 -48.02 -0.28
CA ASP A 255 -2.71 -47.78 1.08
C ASP A 255 -4.04 -48.50 1.27
N ASP A 256 -4.11 -49.34 2.31
CA ASP A 256 -5.34 -50.06 2.63
C ASP A 256 -6.47 -49.09 2.94
N ASP A 257 -6.19 -48.05 3.72
CA ASP A 257 -7.25 -47.18 4.22
C ASP A 257 -8.00 -46.49 3.09
N LEU A 258 -7.28 -46.02 2.07
CA LEU A 258 -7.95 -45.38 0.94
C LEU A 258 -8.62 -46.41 0.04
N GLN A 259 -7.99 -47.58 -0.15
CA GLN A 259 -8.64 -48.65 -0.90
C GLN A 259 -9.92 -49.08 -0.20
N LYS A 260 -9.87 -49.27 1.12
CA LYS A 260 -11.06 -49.65 1.87
C LYS A 260 -12.14 -48.59 1.77
N SER A 261 -11.75 -47.31 1.73
CA SER A 261 -12.72 -46.23 1.79
C SER A 261 -13.55 -46.15 0.51
N VAL A 262 -12.93 -46.39 -0.65
CA VAL A 262 -13.70 -46.42 -1.90
C VAL A 262 -14.51 -47.70 -2.02
N ASP A 263 -14.14 -48.76 -1.30
CA ASP A 263 -14.95 -49.96 -1.28
C ASP A 263 -16.32 -49.68 -0.67
N MET A 264 -16.34 -48.94 0.45
CA MET A 264 -17.59 -48.69 1.15
C MET A 264 -18.41 -47.58 0.51
N ILE A 265 -17.77 -46.66 -0.21
CA ILE A 265 -18.52 -45.62 -0.91
C ILE A 265 -19.36 -46.24 -2.03
N MET A 266 -18.76 -47.16 -2.80
CA MET A 266 -19.53 -47.87 -3.80
C MET A 266 -20.60 -48.75 -3.17
N ASP A 267 -20.34 -49.26 -1.96
CA ASP A 267 -21.33 -50.08 -1.27
C ASP A 267 -22.53 -49.27 -0.78
N MET A 268 -22.39 -47.96 -0.63
CA MET A 268 -23.54 -47.15 -0.26
C MET A 268 -24.25 -46.58 -1.48
N PHE A 269 -23.54 -46.34 -2.58
CA PHE A 269 -24.21 -46.05 -3.85
C PHE A 269 -25.10 -47.22 -4.25
N CYS A 270 -24.53 -48.43 -4.23
CA CYS A 270 -25.20 -49.64 -4.70
C CYS A 270 -24.97 -50.71 -3.64
N PRO A 271 -25.85 -50.79 -2.64
CA PRO A 271 -25.73 -51.84 -1.61
C PRO A 271 -26.13 -53.19 -2.17
N PRO A 272 -25.17 -54.09 -2.36
CA PRO A 272 -25.49 -55.42 -2.91
C PRO A 272 -26.10 -56.30 -1.83
N GLY A 273 -27.33 -56.75 -2.05
CA GLY A 273 -28.02 -57.57 -1.08
C GLY A 273 -29.43 -57.11 -0.80
N ILE A 274 -29.71 -55.83 -1.07
CA ILE A 274 -31.04 -55.28 -0.87
C ILE A 274 -31.57 -54.77 -2.21
N LYS A 275 -32.73 -54.14 -2.18
CA LYS A 275 -33.38 -53.68 -3.40
C LYS A 275 -32.99 -52.24 -3.72
N ILE A 276 -33.23 -51.86 -4.98
CA ILE A 276 -32.95 -50.51 -5.46
C ILE A 276 -33.87 -49.47 -4.86
N ASP A 277 -34.98 -49.90 -4.24
CA ASP A 277 -35.83 -48.98 -3.50
C ASP A 277 -35.04 -48.21 -2.45
N ALA A 278 -34.15 -48.89 -1.73
CA ALA A 278 -33.34 -48.29 -0.69
C ALA A 278 -31.98 -47.81 -1.19
N TYR A 279 -31.83 -47.58 -2.49
CA TYR A 279 -30.61 -46.96 -2.98
C TYR A 279 -30.72 -45.44 -2.84
N PRO A 280 -29.64 -44.76 -2.48
CA PRO A 280 -29.66 -43.29 -2.46
C PRO A 280 -29.49 -42.74 -3.87
N TRP A 281 -30.03 -41.54 -4.07
CA TRP A 281 -29.90 -40.87 -5.36
C TRP A 281 -28.48 -40.35 -5.53
N LEU A 282 -28.03 -40.31 -6.78
CA LEU A 282 -26.75 -39.72 -7.16
C LEU A 282 -27.06 -38.54 -8.08
N GLU A 283 -27.05 -37.33 -7.52
CA GLU A 283 -27.27 -36.11 -8.30
C GLU A 283 -25.97 -35.72 -8.97
N CYS A 284 -25.87 -35.95 -10.28
CA CYS A 284 -24.64 -35.76 -11.02
C CYS A 284 -24.81 -34.71 -12.11
N PHE A 285 -23.69 -34.19 -12.58
CA PHE A 285 -23.62 -33.33 -13.76
C PHE A 285 -22.87 -34.10 -14.84
N ILE A 286 -23.54 -34.34 -15.96
CA ILE A 286 -22.95 -35.12 -17.05
C ILE A 286 -22.87 -34.25 -18.30
N LYS A 287 -21.92 -34.60 -19.17
CA LYS A 287 -21.82 -34.02 -20.50
C LYS A 287 -21.90 -35.14 -21.52
N SER A 288 -22.68 -34.90 -22.57
CA SER A 288 -22.78 -35.83 -23.68
C SER A 288 -21.88 -35.38 -24.82
N TYR A 289 -21.44 -36.35 -25.62
CA TYR A 289 -20.55 -36.07 -26.74
C TYR A 289 -20.67 -37.18 -27.75
N ASN A 290 -20.15 -36.92 -28.96
CA ASN A 290 -20.27 -37.84 -30.08
C ASN A 290 -18.92 -38.53 -30.30
N VAL A 291 -18.91 -39.85 -30.20
CA VAL A 291 -17.72 -40.66 -30.42
C VAL A 291 -17.80 -41.29 -31.81
N THR A 292 -16.66 -41.42 -32.47
CA THR A 292 -16.58 -41.95 -33.82
C THR A 292 -15.57 -43.08 -33.87
N ASN A 293 -15.99 -44.22 -34.41
CA ASN A 293 -15.15 -45.41 -34.58
C ASN A 293 -15.22 -45.91 -36.02
N GLY A 294 -15.00 -44.98 -36.95
CA GLY A 294 -15.21 -45.22 -38.36
C GLY A 294 -16.19 -44.21 -38.92
N THR A 295 -17.33 -44.68 -39.41
CA THR A 295 -18.50 -43.82 -39.58
C THR A 295 -19.62 -44.23 -38.63
N ASP A 296 -19.35 -45.20 -37.75
CA ASP A 296 -20.03 -45.38 -36.47
C ASP A 296 -20.22 -44.04 -35.78
N ASN A 297 -21.27 -43.90 -34.95
CA ASN A 297 -21.40 -42.69 -34.15
C ASN A 297 -22.25 -43.01 -32.92
N GLN A 298 -21.62 -42.98 -31.76
CA GLN A 298 -22.30 -43.24 -30.50
C GLN A 298 -22.48 -41.95 -29.73
N ILE A 299 -23.49 -41.94 -28.86
CA ILE A 299 -23.66 -40.93 -27.83
C ILE A 299 -23.25 -41.56 -26.50
N CYS A 300 -22.29 -40.94 -25.81
CA CYS A 300 -21.84 -41.43 -24.51
C CYS A 300 -21.59 -40.25 -23.59
N TYR A 301 -21.60 -40.54 -22.29
CA TYR A 301 -21.74 -39.52 -21.27
C TYR A 301 -20.63 -39.67 -20.23
N GLN A 302 -19.96 -38.57 -19.91
CA GLN A 302 -18.97 -38.52 -18.85
C GLN A 302 -19.55 -37.79 -17.65
N ILE A 303 -19.13 -38.20 -16.46
CA ILE A 303 -19.55 -37.55 -15.22
C ILE A 303 -18.52 -36.51 -14.83
N PHE A 304 -18.98 -35.29 -14.60
CA PHE A 304 -18.11 -34.18 -14.22
C PHE A 304 -18.69 -33.46 -13.01
N ASP A 305 -17.84 -32.68 -12.35
CA ASP A 305 -18.26 -31.71 -11.33
C ASP A 305 -19.08 -32.34 -10.21
N THR A 306 -18.84 -33.62 -9.93
CA THR A 306 -19.59 -34.34 -8.91
C THR A 306 -18.63 -34.95 -7.91
N THR A 307 -19.05 -34.98 -6.64
CA THR A 307 -18.26 -35.61 -5.60
C THR A 307 -19.18 -36.01 -4.44
N VAL A 308 -18.77 -37.05 -3.72
CA VAL A 308 -19.55 -37.53 -2.58
C VAL A 308 -19.48 -36.50 -1.45
N ALA A 309 -20.51 -36.50 -0.61
CA ALA A 309 -20.61 -35.56 0.50
C ALA A 309 -20.80 -36.31 1.80
N GLU A 310 -20.06 -35.91 2.83
CA GLU A 310 -20.15 -36.48 4.17
C GLU A 310 -19.98 -38.00 4.12
N ASP A 311 -18.76 -38.40 3.78
CA ASP A 311 -18.41 -39.82 3.69
C ASP A 311 -16.91 -40.03 3.78
N VAL A 312 -16.37 -39.97 5.00
CA VAL A 312 -14.95 -40.16 5.21
C VAL A 312 -14.75 -41.16 6.36
N LEU B 11 30.66 26.32 -5.27
CA LEU B 11 31.37 26.46 -3.99
C LEU B 11 30.59 25.80 -2.86
N SER B 12 29.27 25.74 -3.02
CA SER B 12 28.42 25.09 -2.02
C SER B 12 27.09 24.71 -2.65
N ALA B 13 26.55 23.58 -2.23
CA ALA B 13 25.24 23.12 -2.67
C ALA B 13 24.14 23.47 -1.68
N THR B 14 24.45 23.57 -0.40
CA THR B 14 23.52 24.06 0.61
C THR B 14 24.12 25.25 1.34
N ILE B 15 23.23 26.07 1.91
CA ILE B 15 23.62 27.25 2.66
C ILE B 15 22.77 27.33 3.92
N LEU B 16 23.32 27.98 4.94
CA LEU B 16 22.58 28.19 6.17
C LEU B 16 21.54 29.29 6.00
N THR B 17 20.40 29.12 6.66
CA THR B 17 19.36 30.13 6.70
C THR B 17 19.50 31.07 7.89
N ASP B 18 20.68 31.08 8.53
CA ASP B 18 21.02 31.94 9.65
C ASP B 18 22.45 31.63 10.05
N HIS B 19 22.79 31.89 11.31
CA HIS B 19 23.97 31.32 11.96
C HIS B 19 25.26 31.60 11.21
N GLN B 20 25.38 32.79 10.63
CA GLN B 20 26.64 33.15 10.01
C GLN B 20 27.70 33.58 11.02
N TYR B 21 27.38 33.53 12.31
CA TYR B 21 28.35 33.81 13.36
C TYR B 21 29.03 32.55 13.88
N LEU B 22 28.34 31.41 13.85
CA LEU B 22 28.99 30.14 14.16
C LEU B 22 30.04 29.84 13.11
N GLU B 23 31.20 29.34 13.55
CA GLU B 23 32.27 28.94 12.66
C GLU B 23 32.27 27.43 12.50
N ARG B 24 32.69 26.97 11.32
CA ARG B 24 32.58 25.56 10.99
C ARG B 24 33.48 24.72 11.90
N THR B 25 32.90 23.66 12.48
CA THR B 25 33.40 22.66 13.40
C THR B 25 33.79 21.39 12.65
N PRO B 26 34.93 20.78 12.98
CA PRO B 26 35.30 19.51 12.34
C PRO B 26 34.47 18.37 12.89
N LEU B 27 34.18 17.39 12.00
CA LEU B 27 33.30 16.30 12.36
C LEU B 27 33.88 15.39 13.44
N CYS B 28 35.21 15.27 13.49
CA CYS B 28 35.84 14.39 14.48
C CYS B 28 35.60 14.90 15.90
N ALA B 29 35.72 16.21 16.10
CA ALA B 29 35.40 16.79 17.39
C ALA B 29 33.95 16.51 17.76
N ILE B 30 33.05 16.64 16.79
CA ILE B 30 31.63 16.51 17.08
C ILE B 30 31.29 15.07 17.47
N LEU B 31 31.98 14.10 16.87
CA LEU B 31 31.65 12.69 17.12
C LEU B 31 31.91 12.31 18.58
N LYS B 32 32.96 12.86 19.17
CA LYS B 32 33.29 12.55 20.56
C LYS B 32 33.03 13.75 21.46
N GLN B 33 31.79 14.22 21.49
CA GLN B 33 31.39 15.30 22.38
C GLN B 33 30.01 15.00 22.95
N LYS B 34 29.78 15.48 24.17
CA LYS B 34 28.52 15.26 24.85
C LYS B 34 27.38 15.96 24.13
N ALA B 35 26.22 15.35 24.12
CA ALA B 35 25.06 15.99 23.54
C ALA B 35 24.18 16.59 24.63
N PRO B 36 23.35 17.62 24.35
CA PRO B 36 23.03 18.24 23.07
C PRO B 36 23.84 19.50 22.75
N GLN B 37 24.22 19.64 21.49
CA GLN B 37 24.94 20.83 21.05
C GLN B 37 24.53 21.13 19.61
N GLN B 38 24.73 22.38 19.21
CA GLN B 38 24.41 22.86 17.87
C GLN B 38 25.68 23.37 17.22
N TYR B 39 26.09 22.71 16.14
CA TYR B 39 27.29 23.09 15.41
C TYR B 39 26.94 23.48 13.98
N ARG B 40 27.93 24.02 13.29
CA ARG B 40 27.86 24.31 11.85
C ARG B 40 28.99 23.58 11.17
N ILE B 41 28.67 22.84 10.11
CA ILE B 41 29.65 21.98 9.46
C ILE B 41 29.65 22.22 7.96
N ARG B 42 30.80 21.96 7.35
CA ARG B 42 30.95 21.92 5.90
C ARG B 42 31.42 20.50 5.55
N ALA B 43 30.55 19.75 4.87
CA ALA B 43 30.86 18.36 4.57
C ALA B 43 30.26 18.00 3.20
N LYS B 44 30.56 16.78 2.76
CA LYS B 44 30.01 16.24 1.52
C LYS B 44 29.09 15.08 1.84
N LEU B 45 27.99 14.98 1.10
CA LEU B 45 27.06 13.87 1.27
C LEU B 45 27.71 12.61 0.71
N ARG B 46 28.17 11.73 1.61
CA ARG B 46 28.76 10.48 1.17
C ARG B 46 27.69 9.52 0.67
N SER B 47 26.65 9.30 1.48
CA SER B 47 25.57 8.40 1.11
C SER B 47 24.30 8.86 1.81
N TYR B 48 23.15 8.45 1.27
CA TYR B 48 21.88 8.83 1.85
C TYR B 48 20.86 7.73 1.63
N LYS B 49 20.04 7.50 2.64
CA LYS B 49 18.86 6.66 2.56
C LYS B 49 17.62 7.50 2.84
N PRO B 50 16.53 7.30 2.08
CA PRO B 50 16.41 6.30 1.03
C PRO B 50 16.98 6.81 -0.30
N ARG B 51 17.42 5.91 -1.16
CA ARG B 51 17.68 6.30 -2.54
C ARG B 51 16.50 5.98 -3.44
N ARG B 52 15.41 5.49 -2.87
CA ARG B 52 14.07 5.59 -3.47
C ARG B 52 13.42 6.81 -2.83
N LEU B 53 13.44 7.94 -3.56
CA LEU B 53 13.02 9.20 -2.97
C LEU B 53 11.51 9.32 -2.83
N PHE B 54 10.74 8.56 -3.60
CA PHE B 54 9.31 8.45 -3.35
C PHE B 54 9.03 7.84 -1.98
N GLN B 55 9.97 7.06 -1.45
CA GLN B 55 9.90 6.49 -0.11
C GLN B 55 10.43 7.44 0.96
N SER B 56 10.53 8.73 0.67
CA SER B 56 11.07 9.69 1.62
C SER B 56 10.00 10.64 2.18
N VAL B 57 8.77 10.55 1.69
CA VAL B 57 7.69 11.43 2.12
C VAL B 57 6.84 10.68 3.14
N LYS B 58 6.69 11.27 4.33
CA LYS B 58 5.92 10.66 5.40
C LYS B 58 5.07 11.73 6.08
N LEU B 59 4.20 11.28 6.97
CA LEU B 59 3.29 12.15 7.72
C LEU B 59 3.67 12.11 9.19
N HIS B 60 4.18 13.23 9.69
CA HIS B 60 4.52 13.39 11.10
C HIS B 60 3.40 14.10 11.83
N CYS B 61 3.03 13.57 13.00
CA CYS B 61 2.04 14.21 13.85
C CYS B 61 2.74 15.01 14.93
N PRO B 62 2.46 16.31 15.06
CA PRO B 62 3.17 17.10 16.10
C PRO B 62 2.93 16.61 17.52
N LYS B 63 1.70 16.24 17.86
CA LYS B 63 1.41 15.86 19.25
C LYS B 63 2.05 14.52 19.60
N CYS B 64 1.63 13.44 18.94
CA CYS B 64 2.09 12.12 19.31
C CYS B 64 3.40 11.73 18.62
N HIS B 65 4.04 12.65 17.90
CA HIS B 65 5.38 12.46 17.34
C HIS B 65 5.48 11.20 16.48
N LEU B 66 4.35 10.67 16.02
CA LEU B 66 4.35 9.47 15.20
C LEU B 66 4.79 9.80 13.77
N LEU B 67 5.37 8.80 13.10
CA LEU B 67 5.66 8.87 11.68
C LEU B 67 4.98 7.71 10.97
N GLN B 68 4.20 8.03 9.94
CA GLN B 68 3.44 7.02 9.22
C GLN B 68 3.58 7.25 7.72
N GLU B 69 3.29 6.22 6.96
CA GLU B 69 3.34 6.31 5.51
C GLU B 69 2.20 7.15 4.97
N VAL B 70 2.49 7.93 3.93
CA VAL B 70 1.44 8.64 3.20
C VAL B 70 0.70 7.61 2.35
N PRO B 71 -0.63 7.50 2.48
CA PRO B 71 -1.36 6.43 1.80
C PRO B 71 -1.15 6.44 0.29
N HIS B 72 -1.26 5.27 -0.31
CA HIS B 72 -1.09 5.14 -1.76
C HIS B 72 -2.32 5.67 -2.49
N GLU B 73 -2.10 6.09 -3.73
CA GLU B 73 -3.20 6.63 -4.53
C GLU B 73 -4.24 5.57 -4.82
N GLY B 74 -3.80 4.36 -5.19
CA GLY B 74 -4.74 3.28 -5.46
C GLY B 74 -5.57 2.89 -4.25
N ASP B 75 -4.99 3.01 -3.06
CA ASP B 75 -5.75 2.72 -1.84
C ASP B 75 -6.84 3.75 -1.61
N LEU B 76 -6.55 5.02 -1.93
CA LEU B 76 -7.60 6.03 -1.91
C LEU B 76 -8.64 5.76 -2.99
N ASP B 77 -8.18 5.38 -4.18
CA ASP B 77 -9.10 5.06 -5.28
C ASP B 77 -10.04 3.93 -4.89
N ILE B 78 -9.53 2.91 -4.19
CA ILE B 78 -10.33 1.74 -3.87
C ILE B 78 -11.40 2.09 -2.84
N ILE B 79 -11.04 2.88 -1.82
CA ILE B 79 -12.00 3.22 -0.76
C ILE B 79 -13.05 4.22 -1.24
N PHE B 80 -12.75 5.03 -2.25
CA PHE B 80 -13.78 5.89 -2.83
C PHE B 80 -14.66 5.12 -3.81
N GLN B 81 -14.09 4.14 -4.51
CA GLN B 81 -14.90 3.23 -5.31
C GLN B 81 -15.82 2.39 -4.42
N ASP B 82 -15.31 1.96 -3.26
CA ASP B 82 -16.13 1.24 -2.30
C ASP B 82 -17.05 2.16 -1.52
N GLY B 83 -16.74 3.46 -1.44
CA GLY B 83 -17.61 4.40 -0.78
C GLY B 83 -18.87 4.75 -1.54
N ALA B 84 -18.89 4.53 -2.85
CA ALA B 84 -20.06 4.82 -3.67
C ALA B 84 -21.18 3.85 -3.34
N THR B 85 -22.04 4.22 -2.39
CA THR B 85 -23.16 3.36 -2.00
C THR B 85 -24.45 3.84 -2.66
N LYS B 86 -25.59 3.63 -2.02
CA LYS B 86 -26.87 3.78 -2.70
C LYS B 86 -27.96 4.49 -1.91
N THR B 87 -27.67 4.98 -0.70
CA THR B 87 -28.68 5.71 0.09
C THR B 87 -28.02 6.78 0.93
N PRO B 88 -27.77 7.95 0.33
CA PRO B 88 -27.36 9.10 1.14
C PRO B 88 -28.51 9.51 2.06
N ASP B 89 -28.19 9.75 3.33
CA ASP B 89 -29.21 10.06 4.32
C ASP B 89 -29.98 11.31 3.94
N VAL B 90 -31.30 11.20 3.93
CA VAL B 90 -32.17 12.23 3.36
C VAL B 90 -32.34 13.38 4.35
N LYS B 91 -31.22 13.90 4.87
CA LYS B 91 -31.19 15.23 5.45
C LYS B 91 -30.31 16.10 4.57
N LEU B 92 -30.76 16.30 3.32
CA LEU B 92 -29.92 16.72 2.22
C LEU B 92 -30.23 18.13 1.76
N GLN B 93 -31.06 18.87 2.48
CA GLN B 93 -31.18 20.30 2.28
C GLN B 93 -31.33 20.99 3.61
N ASN B 94 -30.38 20.67 4.48
CA ASN B 94 -30.00 21.50 5.61
C ASN B 94 -30.25 22.98 5.31
N THR B 95 -29.48 23.54 4.37
CA THR B 95 -29.56 24.95 3.98
C THR B 95 -29.30 25.83 5.21
N SER B 96 -29.15 25.20 6.36
CA SER B 96 -28.60 25.89 7.52
C SER B 96 -27.14 26.25 7.29
N LEU B 97 -26.37 25.31 6.76
CA LEU B 97 -24.93 25.36 6.55
C LEU B 97 -24.53 24.99 5.13
N TYR B 98 -25.26 24.09 4.48
CA TYR B 98 -24.92 23.68 3.12
C TYR B 98 -26.12 23.29 2.27
N ASP B 99 -26.19 23.85 1.07
CA ASP B 99 -27.26 23.55 0.13
C ASP B 99 -26.80 22.35 -0.71
N SER B 100 -27.55 21.27 -0.66
CA SER B 100 -27.19 20.06 -1.39
C SER B 100 -27.92 19.85 -2.73
N LYS B 101 -27.37 18.95 -3.53
CA LYS B 101 -27.93 18.59 -4.82
C LYS B 101 -27.45 17.18 -5.18
N ILE B 102 -28.39 16.27 -5.41
CA ILE B 102 -28.10 14.85 -5.52
C ILE B 102 -28.30 14.42 -6.96
N TRP B 103 -27.25 13.88 -7.57
CA TRP B 103 -27.30 13.45 -8.96
C TRP B 103 -27.82 12.03 -9.07
N THR B 104 -28.12 11.61 -10.30
CA THR B 104 -28.60 10.28 -10.59
C THR B 104 -27.68 9.64 -11.64
N THR B 105 -27.28 8.40 -11.37
CA THR B 105 -26.45 7.64 -12.28
C THR B 105 -27.30 6.63 -13.04
N LYS B 106 -26.77 6.23 -14.21
CA LYS B 106 -27.43 5.28 -15.08
C LYS B 106 -26.75 3.92 -15.06
N ASN B 107 -25.45 3.87 -15.31
CA ASN B 107 -24.77 2.60 -15.52
C ASN B 107 -23.65 2.48 -14.51
N GLN B 108 -24.03 2.48 -13.23
CA GLN B 108 -23.03 2.58 -12.17
C GLN B 108 -23.39 1.73 -10.94
N LYS B 109 -24.06 0.59 -11.14
CA LYS B 109 -24.39 -0.34 -10.03
C LYS B 109 -25.15 0.36 -8.91
N GLY B 110 -25.99 1.32 -9.25
CA GLY B 110 -26.90 1.93 -8.30
C GLY B 110 -26.35 3.09 -7.49
N ARG B 111 -25.09 3.46 -7.67
CA ARG B 111 -24.54 4.61 -6.97
C ARG B 111 -25.27 5.89 -7.38
N LYS B 112 -25.24 6.89 -6.50
CA LYS B 112 -25.81 8.20 -6.78
C LYS B 112 -25.11 9.25 -5.94
N VAL B 113 -24.68 10.32 -6.60
CA VAL B 113 -23.80 11.30 -5.98
C VAL B 113 -24.57 12.25 -5.08
N ALA B 114 -23.97 12.59 -3.95
CA ALA B 114 -24.60 13.50 -2.99
C ALA B 114 -23.64 14.63 -2.61
N VAL B 115 -23.67 15.70 -3.38
CA VAL B 115 -22.81 16.86 -3.13
C VAL B 115 -23.55 17.95 -2.37
N HIS B 116 -22.93 18.43 -1.29
CA HIS B 116 -23.52 19.49 -0.47
C HIS B 116 -22.59 20.68 -0.33
N PHE B 117 -22.98 21.80 -0.94
CA PHE B 117 -22.18 23.02 -0.87
C PHE B 117 -22.39 23.72 0.46
N VAL B 118 -21.30 24.15 1.10
CA VAL B 118 -21.38 24.83 2.38
C VAL B 118 -21.52 26.33 2.16
N LYS B 119 -22.32 26.98 2.99
CA LYS B 119 -22.68 28.38 2.80
C LYS B 119 -22.00 29.31 3.78
N ASN B 120 -22.00 30.59 3.43
CA ASN B 120 -21.47 31.66 4.28
C ASN B 120 -22.63 32.52 4.75
N ASN B 121 -23.03 32.34 6.01
CA ASN B 121 -24.06 33.11 6.70
C ASN B 121 -25.43 32.99 6.04
N GLY B 122 -25.63 32.02 5.16
CA GLY B 122 -26.90 31.81 4.48
C GLY B 122 -26.86 31.99 2.99
N ILE B 123 -25.74 32.42 2.41
CA ILE B 123 -25.61 32.57 0.96
C ILE B 123 -24.43 31.72 0.49
N LEU B 124 -24.55 31.22 -0.73
CA LEU B 124 -23.47 30.43 -1.31
C LEU B 124 -22.63 31.28 -2.24
N PRO B 125 -21.32 31.10 -2.24
CA PRO B 125 -20.46 31.89 -3.13
C PRO B 125 -20.20 31.16 -4.43
N LEU B 126 -19.10 31.48 -5.10
CA LEU B 126 -18.62 30.69 -6.23
C LEU B 126 -17.31 30.01 -5.84
N SER B 127 -17.10 28.85 -6.44
CA SER B 127 -16.07 27.85 -6.11
C SER B 127 -14.79 28.35 -5.42
N ASN B 128 -14.30 29.54 -5.74
CA ASN B 128 -13.03 29.97 -5.15
C ASN B 128 -13.13 30.25 -3.66
N GLU B 129 -14.34 30.19 -3.08
CA GLU B 129 -14.52 30.38 -1.64
C GLU B 129 -15.43 29.32 -1.03
N CYS B 130 -15.74 28.25 -1.76
CA CYS B 130 -16.75 27.28 -1.32
C CYS B 130 -16.12 25.99 -0.84
N LEU B 131 -16.81 25.34 0.09
CA LEU B 131 -16.38 24.10 0.72
C LEU B 131 -17.37 23.01 0.32
N LEU B 132 -16.86 21.92 -0.24
CA LEU B 132 -17.69 20.84 -0.74
C LEU B 132 -17.80 19.70 0.26
N LEU B 133 -18.97 19.08 0.31
CA LEU B 133 -19.22 17.88 1.12
C LEU B 133 -19.62 16.74 0.17
N ILE B 134 -18.68 16.33 -0.68
CA ILE B 134 -18.93 15.23 -1.63
C ILE B 134 -19.15 13.93 -0.87
N GLU B 135 -20.22 13.22 -1.23
CA GLU B 135 -20.48 11.89 -0.70
C GLU B 135 -20.67 10.93 -1.86
N GLY B 136 -19.90 9.84 -1.87
CA GLY B 136 -20.05 8.84 -2.90
C GLY B 136 -19.39 9.18 -4.22
N GLY B 137 -18.32 9.98 -4.19
CA GLY B 137 -17.57 10.28 -5.38
C GLY B 137 -16.32 9.41 -5.50
N THR B 138 -15.80 9.32 -6.72
CA THR B 138 -14.58 8.59 -6.97
C THR B 138 -13.37 9.52 -6.84
N LEU B 139 -12.19 8.91 -6.73
CA LEU B 139 -10.96 9.70 -6.71
C LEU B 139 -10.82 10.49 -8.00
N SER B 140 -11.16 9.87 -9.14
CA SER B 140 -11.19 10.58 -10.41
C SER B 140 -12.05 11.83 -10.33
N GLU B 141 -13.24 11.69 -9.75
CA GLU B 141 -14.16 12.82 -9.63
C GLU B 141 -13.66 13.82 -8.59
N ILE B 142 -13.15 13.32 -7.46
CA ILE B 142 -12.75 14.22 -6.37
C ILE B 142 -11.53 15.04 -6.76
N CYS B 143 -10.59 14.43 -7.48
CA CYS B 143 -9.41 15.17 -7.94
C CYS B 143 -9.78 16.26 -8.92
N LYS B 144 -10.88 16.09 -9.66
CA LYS B 144 -11.31 17.13 -10.59
C LYS B 144 -12.03 18.25 -9.87
N LEU B 145 -12.81 17.93 -8.83
CA LEU B 145 -13.38 18.97 -7.99
C LEU B 145 -12.31 19.78 -7.27
N SER B 146 -11.10 19.25 -7.17
CA SER B 146 -10.01 19.95 -6.51
C SER B 146 -9.56 21.17 -7.31
N ASN B 147 -9.65 21.11 -8.63
CA ASN B 147 -9.15 22.16 -9.50
C ASN B 147 -10.12 23.30 -9.72
N LYS B 148 -11.39 23.12 -9.35
CA LYS B 148 -12.39 24.17 -9.50
C LYS B 148 -12.78 24.81 -8.18
N PHE B 149 -12.88 24.03 -7.11
CA PHE B 149 -13.35 24.51 -5.82
C PHE B 149 -12.19 24.76 -4.87
N ASN B 150 -12.42 25.64 -3.90
CA ASN B 150 -11.37 25.99 -2.93
C ASN B 150 -11.04 24.81 -2.03
N SER B 151 -12.05 24.09 -1.57
CA SER B 151 -11.86 22.97 -0.66
C SER B 151 -12.88 21.89 -0.96
N VAL B 152 -12.49 20.65 -0.67
CA VAL B 152 -13.35 19.48 -0.87
C VAL B 152 -13.20 18.58 0.35
N ILE B 153 -14.33 18.23 0.99
CA ILE B 153 -14.32 17.37 2.16
C ILE B 153 -15.16 16.12 1.86
N PRO B 154 -14.54 14.96 1.68
CA PRO B 154 -15.33 13.73 1.48
C PRO B 154 -16.03 13.33 2.77
N VAL B 155 -17.33 13.07 2.66
CA VAL B 155 -18.16 12.77 3.82
C VAL B 155 -18.89 11.45 3.59
N ARG B 156 -19.33 10.87 4.71
CA ARG B 156 -20.26 9.76 4.76
C ARG B 156 -21.62 10.30 5.23
N SER B 157 -22.66 9.47 5.05
CA SER B 157 -24.00 9.74 5.54
C SER B 157 -24.23 8.75 6.67
N GLY B 158 -24.08 9.19 7.91
CA GLY B 158 -24.16 8.33 9.06
C GLY B 158 -25.58 8.03 9.49
N HIS B 159 -25.78 7.96 10.82
CA HIS B 159 -27.07 7.62 11.40
C HIS B 159 -27.84 8.86 11.82
N GLU B 160 -27.25 9.64 12.73
CA GLU B 160 -27.89 10.87 13.22
C GLU B 160 -27.47 12.07 12.38
N ASP B 161 -26.15 12.27 12.28
CA ASP B 161 -25.62 13.39 11.51
C ASP B 161 -25.05 12.93 10.17
N LEU B 162 -23.97 13.57 9.74
CA LEU B 162 -23.33 13.22 8.47
C LEU B 162 -21.91 12.71 8.67
N GLU B 163 -21.08 13.51 9.33
CA GLU B 163 -19.67 13.20 9.66
C GLU B 163 -18.74 13.04 8.44
N LEU B 164 -17.54 12.50 8.67
CA LEU B 164 -16.56 12.32 7.60
C LEU B 164 -16.27 10.85 7.31
N LEU B 165 -15.14 10.56 6.66
CA LEU B 165 -14.80 9.18 6.34
C LEU B 165 -13.95 8.60 7.47
N ASP B 166 -13.41 7.40 7.25
CA ASP B 166 -12.29 6.96 8.05
C ASP B 166 -11.09 7.85 7.78
N LEU B 167 -10.19 7.97 8.75
CA LEU B 167 -9.05 8.84 8.58
C LEU B 167 -7.97 8.23 7.69
N SER B 168 -8.24 7.07 7.09
CA SER B 168 -7.39 6.57 6.02
C SER B 168 -7.43 7.52 4.82
N ALA B 169 -8.61 8.04 4.50
CA ALA B 169 -8.91 9.05 3.51
C ALA B 169 -8.76 10.44 4.11
N PRO B 170 -8.46 11.45 3.31
CA PRO B 170 -8.28 12.80 3.85
C PRO B 170 -9.56 13.33 4.48
N PHE B 171 -9.37 14.30 5.37
CA PHE B 171 -10.47 15.08 5.91
C PHE B 171 -10.68 16.40 5.18
N LEU B 172 -9.78 16.74 4.26
CA LEU B 172 -9.87 17.98 3.51
C LEU B 172 -8.93 17.90 2.33
N ILE B 173 -9.43 18.24 1.14
CA ILE B 173 -8.63 18.26 -0.08
C ILE B 173 -8.72 19.65 -0.66
N GLN B 174 -7.57 20.31 -0.79
CA GLN B 174 -7.46 21.70 -1.27
C GLN B 174 -6.53 21.72 -2.47
N GLY B 175 -7.09 21.45 -3.65
CA GLY B 175 -6.29 21.41 -4.85
C GLY B 175 -5.42 20.18 -4.93
N THR B 176 -4.12 20.35 -4.67
CA THR B 176 -3.17 19.24 -4.73
C THR B 176 -2.79 18.70 -3.36
N ILE B 177 -3.22 19.34 -2.28
CA ILE B 177 -2.81 18.98 -0.93
C ILE B 177 -3.89 18.11 -0.32
N HIS B 178 -3.59 16.81 -0.15
CA HIS B 178 -4.43 15.94 0.68
C HIS B 178 -4.07 16.16 2.13
N HIS B 179 -5.08 16.39 2.97
CA HIS B 179 -4.88 16.67 4.38
C HIS B 179 -5.35 15.47 5.20
N TYR B 180 -4.43 14.84 5.92
CA TYR B 180 -4.73 13.70 6.76
C TYR B 180 -4.65 14.11 8.23
N GLY B 181 -5.48 13.47 9.05
CA GLY B 181 -5.50 13.70 10.48
C GLY B 181 -4.95 12.49 11.23
N CYS B 182 -4.35 12.75 12.39
CA CYS B 182 -3.84 11.68 13.22
C CYS B 182 -5.01 10.85 13.76
N LYS B 183 -4.90 9.52 13.64
CA LYS B 183 -5.93 8.65 14.15
C LYS B 183 -5.81 8.40 15.65
N GLN B 184 -4.63 8.61 16.22
CA GLN B 184 -4.44 8.40 17.65
C GLN B 184 -4.88 9.62 18.46
N CYS B 185 -4.66 10.83 17.93
CA CYS B 185 -4.81 12.04 18.71
C CYS B 185 -6.04 12.86 18.37
N SER B 186 -6.84 12.43 17.39
CA SER B 186 -8.03 13.17 16.98
C SER B 186 -9.29 12.44 17.43
N SER B 187 -10.26 13.21 17.90
CA SER B 187 -11.56 12.71 18.34
C SER B 187 -12.62 13.44 17.52
N LEU B 188 -13.21 12.74 16.57
CA LEU B 188 -14.06 13.38 15.56
C LEU B 188 -15.30 14.02 16.17
N ARG B 189 -15.57 15.25 15.75
CA ARG B 189 -16.88 15.86 15.88
C ARG B 189 -17.56 15.84 14.53
N SER B 190 -18.88 15.73 14.52
CA SER B 190 -19.57 15.57 13.25
C SER B 190 -19.67 16.91 12.52
N ILE B 191 -19.96 16.82 11.22
CA ILE B 191 -19.74 17.93 10.29
C ILE B 191 -20.53 19.17 10.67
N GLN B 192 -21.70 19.00 11.28
CA GLN B 192 -22.48 20.19 11.64
C GLN B 192 -21.84 21.03 12.74
N ASN B 193 -20.59 20.77 13.14
CA ASN B 193 -19.86 21.64 14.05
C ASN B 193 -19.08 22.71 13.29
N LEU B 194 -19.28 22.83 11.98
CA LEU B 194 -18.62 23.86 11.18
C LEU B 194 -19.24 25.24 11.36
N ASN B 195 -20.36 25.34 12.08
CA ASN B 195 -20.93 26.65 12.40
C ASN B 195 -20.09 27.38 13.44
N SER B 196 -19.27 26.66 14.21
CA SER B 196 -18.40 27.30 15.19
C SER B 196 -17.39 28.22 14.51
N LEU B 197 -17.02 27.92 13.27
CA LEU B 197 -16.07 28.74 12.53
C LEU B 197 -16.60 30.17 12.35
N VAL B 198 -15.94 31.13 12.99
CA VAL B 198 -16.32 32.53 12.84
C VAL B 198 -15.93 33.05 11.46
N ASP B 199 -15.03 32.37 10.77
CA ASP B 199 -14.59 32.76 9.43
C ASP B 199 -14.87 31.59 8.48
N LYS B 200 -16.01 31.63 7.81
CA LYS B 200 -16.32 30.68 6.75
C LYS B 200 -16.00 31.23 5.37
N THR B 201 -15.54 32.48 5.28
CA THR B 201 -14.98 33.00 4.04
C THR B 201 -13.72 32.21 3.70
N SER B 202 -12.66 32.45 4.45
CA SER B 202 -11.45 31.65 4.31
C SER B 202 -11.73 30.21 4.73
N TRP B 203 -10.99 29.29 4.11
CA TRP B 203 -10.95 27.90 4.54
C TRP B 203 -9.48 27.53 4.67
N ILE B 204 -8.94 27.67 5.87
CA ILE B 204 -7.57 27.22 6.13
C ILE B 204 -7.67 25.88 6.85
N PRO B 205 -6.82 24.91 6.50
CA PRO B 205 -7.02 23.54 7.01
C PRO B 205 -6.96 23.42 8.52
N SER B 206 -6.16 24.25 9.19
CA SER B 206 -6.04 24.14 10.65
C SER B 206 -7.37 24.46 11.34
N SER B 207 -8.12 25.42 10.79
CA SER B 207 -9.41 25.77 11.38
C SER B 207 -10.48 24.74 11.04
N VAL B 208 -10.44 24.19 9.82
CA VAL B 208 -11.36 23.10 9.48
C VAL B 208 -11.05 21.87 10.34
N ALA B 209 -9.76 21.56 10.51
CA ALA B 209 -9.38 20.47 11.39
C ALA B 209 -9.77 20.74 12.83
N GLU B 210 -9.66 22.00 13.25
CA GLU B 210 -10.00 22.35 14.63
C GLU B 210 -11.50 22.35 14.85
N ALA B 211 -12.29 22.61 13.80
CA ALA B 211 -13.73 22.60 13.93
C ALA B 211 -14.27 21.19 14.10
N LEU B 212 -13.65 20.21 13.42
CA LEU B 212 -14.07 18.83 13.50
C LEU B 212 -13.39 18.07 14.63
N GLY B 213 -12.37 18.65 15.26
CA GLY B 213 -11.66 17.98 16.32
C GLY B 213 -10.53 17.09 15.85
N ILE B 214 -9.88 17.42 14.75
CA ILE B 214 -8.85 16.59 14.14
C ILE B 214 -7.50 17.22 14.38
N VAL B 215 -6.54 16.41 14.84
CA VAL B 215 -5.15 16.81 14.95
C VAL B 215 -4.48 16.52 13.61
N PRO B 216 -4.15 17.55 12.82
CA PRO B 216 -3.63 17.29 11.47
C PRO B 216 -2.25 16.65 11.49
N LEU B 217 -2.05 15.69 10.60
CA LEU B 217 -0.71 15.20 10.32
C LEU B 217 0.04 16.20 9.46
N GLN B 218 1.37 16.13 9.52
CA GLN B 218 2.24 17.07 8.83
C GLN B 218 3.14 16.33 7.86
N TYR B 219 3.13 16.75 6.58
CA TYR B 219 4.01 16.18 5.57
C TYR B 219 5.45 16.58 5.85
N VAL B 220 6.35 15.60 5.88
CA VAL B 220 7.76 15.84 6.13
C VAL B 220 8.58 15.00 5.16
N PHE B 221 9.77 15.50 4.83
CA PHE B 221 10.77 14.72 4.12
C PHE B 221 11.68 14.05 5.15
N VAL B 222 11.62 12.73 5.22
CA VAL B 222 12.41 11.96 6.17
C VAL B 222 13.60 11.37 5.41
N MET B 223 14.80 11.67 5.88
CA MET B 223 16.02 11.25 5.21
C MET B 223 17.07 10.90 6.25
N THR B 224 18.20 10.36 5.76
CA THR B 224 19.31 9.99 6.63
C THR B 224 20.60 10.18 5.83
N PHE B 225 21.24 11.33 6.01
CA PHE B 225 22.50 11.61 5.34
C PHE B 225 23.65 11.01 6.13
N THR B 226 24.69 10.60 5.42
CA THR B 226 25.97 10.22 6.02
C THR B 226 27.00 11.20 5.49
N LEU B 227 27.33 12.21 6.29
CA LEU B 227 28.21 13.29 5.86
C LEU B 227 29.66 12.99 6.25
N ASP B 228 30.58 13.62 5.52
CA ASP B 228 32.01 13.38 5.71
C ASP B 228 32.77 14.59 5.24
N ASP B 229 33.52 15.23 6.15
CA ASP B 229 34.32 16.40 5.82
C ASP B 229 35.80 16.07 5.66
N GLY B 230 36.19 14.82 5.88
CA GLY B 230 37.59 14.41 5.77
C GLY B 230 38.17 13.92 7.08
N THR B 231 37.49 14.10 8.21
CA THR B 231 38.01 13.65 9.48
C THR B 231 37.17 12.54 10.10
N GLY B 232 35.97 12.31 9.61
CA GLY B 232 35.12 11.24 10.10
C GLY B 232 33.78 11.30 9.39
N VAL B 233 33.00 10.26 9.62
CA VAL B 233 31.66 10.17 9.03
C VAL B 233 30.64 10.54 10.09
N LEU B 234 29.52 11.12 9.65
CA LEU B 234 28.44 11.49 10.54
C LEU B 234 27.11 11.20 9.87
N GLU B 235 26.26 10.44 10.56
CA GLU B 235 24.94 10.08 10.06
C GLU B 235 23.93 11.06 10.64
N ALA B 236 23.44 11.97 9.81
CA ALA B 236 22.51 13.01 10.23
C ALA B 236 21.16 12.82 9.59
N TYR B 237 20.10 12.99 10.38
CA TYR B 237 18.74 12.88 9.89
C TYR B 237 18.28 14.20 9.28
N LEU B 238 17.44 14.09 8.25
CA LEU B 238 16.75 15.24 7.68
C LEU B 238 15.25 15.02 7.85
N MET B 239 14.59 15.97 8.51
CA MET B 239 13.14 15.96 8.72
C MET B 239 12.66 17.36 8.34
N ASP B 240 12.34 17.55 7.07
CA ASP B 240 12.03 18.88 6.54
C ASP B 240 10.62 18.92 5.98
N SER B 241 9.95 20.05 6.21
CA SER B 241 8.61 20.29 5.72
C SER B 241 8.62 20.95 4.35
N ASP B 242 9.27 22.13 4.24
CA ASP B 242 9.23 22.85 2.98
C ASP B 242 10.41 23.80 2.75
N LYS B 243 11.52 23.70 3.49
CA LYS B 243 12.59 24.68 3.40
C LYS B 243 13.91 24.11 2.89
N PHE B 244 14.31 22.90 3.31
CA PHE B 244 15.58 22.35 2.85
C PHE B 244 15.62 22.28 1.33
N PHE B 245 14.57 21.76 0.72
CA PHE B 245 14.48 21.72 -0.73
C PHE B 245 13.77 22.92 -1.32
N GLN B 246 13.15 23.75 -0.49
CA GLN B 246 12.21 24.78 -0.96
C GLN B 246 11.10 24.15 -1.80
N ILE B 247 10.76 22.90 -1.49
CA ILE B 247 9.70 22.15 -2.14
C ILE B 247 8.73 21.71 -1.06
N PRO B 248 7.44 21.99 -1.19
CA PRO B 248 6.49 21.58 -0.15
C PRO B 248 6.34 20.07 -0.11
N ALA B 249 6.47 19.49 1.09
CA ALA B 249 6.26 18.06 1.24
C ALA B 249 4.79 17.68 1.14
N SER B 250 3.88 18.64 1.26
CA SER B 250 2.45 18.37 1.19
C SER B 250 1.94 18.35 -0.25
N GLU B 251 2.72 18.82 -1.22
CA GLU B 251 2.36 18.76 -2.62
C GLU B 251 3.21 17.79 -3.42
N VAL B 252 4.33 17.32 -2.86
CA VAL B 252 5.35 16.64 -3.66
C VAL B 252 4.82 15.38 -4.31
N LEU B 253 3.91 14.67 -3.64
CA LEU B 253 3.46 13.38 -4.16
C LEU B 253 2.35 13.51 -5.21
N MET B 254 2.04 14.72 -5.67
CA MET B 254 1.01 14.92 -6.69
C MET B 254 1.44 15.97 -7.72
N ASP B 255 2.71 15.94 -8.11
CA ASP B 255 3.21 16.84 -9.15
C ASP B 255 4.49 16.26 -9.72
N ASP B 256 4.49 15.96 -11.01
CA ASP B 256 5.65 15.33 -11.64
C ASP B 256 6.91 16.18 -11.47
N ASP B 257 6.83 17.46 -11.82
CA ASP B 257 8.01 18.30 -11.87
C ASP B 257 8.41 18.86 -10.50
N LEU B 258 7.55 18.72 -9.49
CA LEU B 258 8.03 18.92 -8.12
C LEU B 258 8.87 17.73 -7.66
N GLN B 259 8.45 16.52 -8.03
CA GLN B 259 9.27 15.34 -7.77
C GLN B 259 10.57 15.37 -8.56
N LYS B 260 10.47 15.72 -9.85
CA LYS B 260 11.63 15.65 -10.74
C LYS B 260 12.79 16.48 -10.21
N SER B 261 12.50 17.67 -9.67
CA SER B 261 13.55 18.56 -9.21
C SER B 261 14.18 18.09 -7.91
N VAL B 262 13.44 17.36 -7.07
CA VAL B 262 14.06 16.75 -5.90
C VAL B 262 15.08 15.70 -6.33
N ASP B 263 14.75 14.95 -7.38
CA ASP B 263 15.73 14.04 -7.95
C ASP B 263 16.99 14.78 -8.39
N MET B 264 16.81 15.83 -9.20
CA MET B 264 17.96 16.55 -9.74
C MET B 264 18.77 17.24 -8.64
N ILE B 265 18.12 17.69 -7.57
CA ILE B 265 18.86 18.24 -6.44
C ILE B 265 19.65 17.16 -5.73
N MET B 266 19.05 15.98 -5.55
CA MET B 266 19.70 14.93 -4.78
C MET B 266 20.84 14.27 -5.55
N ASP B 267 20.73 14.20 -6.87
CA ASP B 267 21.84 13.69 -7.67
C ASP B 267 22.90 14.75 -7.94
N MET B 268 22.57 16.04 -7.74
CA MET B 268 23.60 17.06 -7.71
C MET B 268 24.42 16.98 -6.43
N PHE B 269 23.79 16.51 -5.34
CA PHE B 269 24.52 16.26 -4.10
C PHE B 269 25.52 15.12 -4.28
N CYS B 270 25.04 13.95 -4.70
CA CYS B 270 25.86 12.78 -4.96
C CYS B 270 25.72 12.40 -6.43
N PRO B 271 26.53 12.97 -7.32
CA PRO B 271 26.52 12.56 -8.72
C PRO B 271 26.73 11.06 -8.86
N PRO B 272 25.87 10.38 -9.63
CA PRO B 272 25.91 8.92 -9.72
C PRO B 272 26.86 8.42 -10.81
N GLY B 273 27.69 7.48 -10.40
CA GLY B 273 28.74 6.96 -11.25
C GLY B 273 29.81 8.04 -11.28
N ILE B 274 29.94 8.77 -10.19
CA ILE B 274 30.89 9.86 -10.05
C ILE B 274 31.33 9.78 -8.60
N LYS B 275 32.60 10.01 -8.31
CA LYS B 275 33.03 9.89 -6.93
C LYS B 275 33.31 11.14 -6.12
N ILE B 276 33.46 10.91 -4.83
CA ILE B 276 33.65 11.89 -3.79
C ILE B 276 34.40 13.19 -4.05
N ASP B 277 35.51 13.13 -4.74
CA ASP B 277 36.25 14.36 -5.00
C ASP B 277 35.47 15.33 -5.87
N ALA B 278 34.56 14.84 -6.70
CA ALA B 278 33.75 15.70 -7.54
C ALA B 278 32.41 16.07 -6.91
N TYR B 279 32.12 15.56 -5.72
CA TYR B 279 30.90 15.96 -5.03
C TYR B 279 31.03 17.40 -4.55
N PRO B 280 29.95 18.20 -4.63
CA PRO B 280 30.01 19.55 -4.10
C PRO B 280 29.96 19.54 -2.58
N TRP B 281 30.32 20.67 -1.99
CA TRP B 281 30.28 20.83 -0.55
C TRP B 281 28.89 21.24 -0.08
N LEU B 282 28.53 20.83 1.12
CA LEU B 282 27.22 21.07 1.70
C LEU B 282 27.42 21.67 3.09
N GLU B 283 27.23 22.97 3.22
CA GLU B 283 27.37 23.66 4.51
C GLU B 283 26.05 23.59 5.25
N CYS B 284 26.06 22.95 6.42
CA CYS B 284 24.84 22.61 7.15
C CYS B 284 24.77 23.38 8.47
N PHE B 285 23.71 23.10 9.23
CA PHE B 285 23.58 23.48 10.62
C PHE B 285 22.87 22.32 11.31
N ILE B 286 23.64 21.48 11.99
CA ILE B 286 23.13 20.27 12.59
C ILE B 286 22.93 20.48 14.09
N LYS B 287 22.09 19.64 14.67
CA LYS B 287 21.92 19.56 16.12
C LYS B 287 21.97 18.10 16.52
N SER B 288 22.54 17.85 17.70
CA SER B 288 22.61 16.51 18.25
C SER B 288 21.79 16.43 19.53
N TYR B 289 21.31 15.23 19.83
CA TYR B 289 20.42 15.02 20.96
C TYR B 289 20.65 13.62 21.50
N ASN B 290 20.09 13.37 22.68
CA ASN B 290 20.23 12.08 23.34
C ASN B 290 18.99 11.23 23.11
N VAL B 291 19.18 10.03 22.59
CA VAL B 291 18.12 9.07 22.36
C VAL B 291 18.40 7.83 23.19
N THR B 292 17.41 7.39 23.96
CA THR B 292 17.55 6.23 24.83
C THR B 292 16.60 5.13 24.35
N ASN B 293 17.16 4.08 23.79
CA ASN B 293 16.41 2.89 23.38
C ASN B 293 16.44 1.82 24.46
N GLY B 294 16.41 2.24 25.73
CA GLY B 294 16.52 1.31 26.85
C GLY B 294 17.62 1.73 27.79
N THR B 295 18.42 0.76 28.26
CA THR B 295 19.58 1.10 29.08
C THR B 295 20.65 1.81 28.27
N ASP B 296 20.80 1.46 26.99
CA ASP B 296 21.81 2.06 26.14
C ASP B 296 21.44 3.50 25.80
N ASN B 297 22.46 4.30 25.51
CA ASN B 297 22.30 5.73 25.24
C ASN B 297 23.08 6.09 23.97
N GLN B 298 22.36 6.17 22.86
CA GLN B 298 22.90 6.63 21.59
C GLN B 298 22.64 8.13 21.44
N ILE B 299 23.42 8.75 20.56
CA ILE B 299 23.17 10.12 20.12
C ILE B 299 23.13 10.13 18.60
N CYS B 300 22.23 10.93 18.03
CA CYS B 300 22.13 11.08 16.59
C CYS B 300 21.95 12.55 16.25
N TYR B 301 22.15 12.87 14.99
CA TYR B 301 22.19 14.25 14.53
C TYR B 301 21.01 14.54 13.61
N GLN B 302 20.62 15.81 13.58
CA GLN B 302 19.46 16.23 12.80
C GLN B 302 19.78 17.56 12.13
N ILE B 303 19.68 17.60 10.81
CA ILE B 303 19.98 18.80 10.06
C ILE B 303 18.86 19.82 10.26
N PHE B 304 19.25 21.09 10.43
CA PHE B 304 18.31 22.18 10.58
C PHE B 304 18.80 23.36 9.73
N ASP B 305 17.88 24.32 9.52
CA ASP B 305 18.22 25.67 9.05
C ASP B 305 19.13 25.64 7.83
N THR B 306 18.86 24.72 6.91
CA THR B 306 19.66 24.59 5.71
C THR B 306 18.76 24.45 4.49
N THR B 307 19.18 25.01 3.36
CA THR B 307 18.46 24.86 2.12
C THR B 307 19.45 24.93 0.96
N VAL B 308 19.01 24.42 -0.19
CA VAL B 308 19.90 24.31 -1.34
C VAL B 308 20.21 25.69 -1.91
N ALA B 309 21.26 25.75 -2.72
CA ALA B 309 21.66 26.96 -3.40
C ALA B 309 20.98 27.07 -4.76
N GLU B 310 20.72 28.31 -5.18
CA GLU B 310 20.02 28.53 -6.43
C GLU B 310 20.85 28.05 -7.62
N ASP B 311 20.25 27.21 -8.46
CA ASP B 311 20.90 26.67 -9.64
C ASP B 311 20.19 27.06 -10.93
N VAL B 312 19.43 28.15 -10.91
CA VAL B 312 18.70 28.59 -12.09
C VAL B 312 19.66 29.07 -13.16
N LEU C 11 15.23 38.86 -19.05
CA LEU C 11 15.65 40.25 -19.09
C LEU C 11 14.59 41.17 -18.49
N SER C 12 14.35 41.04 -17.19
CA SER C 12 13.39 41.88 -16.50
C SER C 12 13.53 41.67 -15.00
N ALA C 13 13.08 42.67 -14.24
CA ALA C 13 13.18 42.66 -12.79
C ALA C 13 12.03 41.94 -12.10
N THR C 14 10.95 41.66 -12.82
CA THR C 14 9.83 40.90 -12.28
C THR C 14 9.46 39.80 -13.25
N ILE C 15 8.94 38.69 -12.71
CA ILE C 15 8.48 37.57 -13.51
C ILE C 15 7.07 37.20 -13.04
N LEU C 16 6.51 36.16 -13.65
CA LEU C 16 5.14 35.75 -13.40
C LEU C 16 5.13 34.44 -12.62
N THR C 17 4.20 34.32 -11.67
CA THR C 17 4.04 33.10 -10.89
C THR C 17 3.16 32.07 -11.58
N ASP C 18 2.30 32.50 -12.50
CA ASP C 18 1.63 31.59 -13.42
C ASP C 18 1.09 32.41 -14.59
N HIS C 19 0.35 31.74 -15.47
CA HIS C 19 -0.07 32.30 -16.77
C HIS C 19 1.14 32.69 -17.61
N GLN C 20 2.19 31.87 -17.56
CA GLN C 20 3.42 32.17 -18.28
C GLN C 20 3.35 31.71 -19.74
N TYR C 21 2.16 31.80 -20.32
CA TYR C 21 1.94 31.49 -21.73
C TYR C 21 1.23 32.62 -22.45
N LEU C 22 0.81 33.66 -21.74
CA LEU C 22 -0.23 34.56 -22.21
C LEU C 22 0.26 35.49 -23.30
N GLU C 23 -0.67 35.89 -24.16
CA GLU C 23 -0.40 36.93 -25.14
C GLU C 23 -0.08 38.24 -24.42
N ARG C 24 1.07 38.81 -24.76
CA ARG C 24 1.53 40.03 -24.09
C ARG C 24 0.90 41.24 -24.73
N THR C 25 -0.29 41.59 -24.27
CA THR C 25 -0.99 42.74 -24.83
C THR C 25 -0.23 44.03 -24.51
N PRO C 26 0.08 44.86 -25.50
CA PRO C 26 0.69 46.16 -25.21
C PRO C 26 -0.28 47.05 -24.43
N LEU C 27 0.30 48.02 -23.73
CA LEU C 27 -0.50 48.85 -22.82
C LEU C 27 -1.56 49.64 -23.56
N CYS C 28 -1.26 50.12 -24.76
CA CYS C 28 -2.23 50.91 -25.51
C CYS C 28 -3.44 50.09 -25.90
N ALA C 29 -3.24 48.82 -26.25
CA ALA C 29 -4.37 47.96 -26.56
C ALA C 29 -5.21 47.64 -25.33
N ILE C 30 -4.58 47.62 -24.15
CA ILE C 30 -5.31 47.34 -22.91
C ILE C 30 -6.35 48.42 -22.65
N LEU C 31 -6.03 49.67 -22.98
CA LEU C 31 -6.89 50.79 -22.64
C LEU C 31 -8.15 50.86 -23.50
N LYS C 32 -8.15 50.23 -24.67
CA LYS C 32 -9.24 50.37 -25.63
C LYS C 32 -10.34 49.33 -25.45
N GLN C 33 -10.23 48.45 -24.46
CA GLN C 33 -11.17 47.34 -24.30
C GLN C 33 -12.02 47.53 -23.05
N LYS C 34 -12.83 46.52 -22.77
CA LYS C 34 -13.74 46.51 -21.64
C LYS C 34 -13.24 45.55 -20.55
N ALA C 35 -13.84 45.69 -19.37
CA ALA C 35 -13.55 44.89 -18.20
C ALA C 35 -14.75 44.02 -17.83
N PRO C 36 -14.54 42.82 -17.28
CA PRO C 36 -13.25 42.24 -16.87
C PRO C 36 -12.50 41.50 -17.98
N GLN C 37 -11.21 41.24 -17.72
CA GLN C 37 -10.22 40.86 -18.70
C GLN C 37 -8.88 40.67 -18.02
N GLN C 38 -8.09 39.67 -18.41
CA GLN C 38 -6.75 39.48 -17.87
C GLN C 38 -5.74 39.48 -19.01
N TYR C 39 -4.68 40.28 -18.85
CA TYR C 39 -3.62 40.39 -19.84
C TYR C 39 -2.28 40.08 -19.18
N ARG C 40 -1.21 40.21 -19.96
CA ARG C 40 0.16 39.99 -19.49
C ARG C 40 1.01 41.13 -20.04
N ILE C 41 1.01 42.26 -19.33
CA ILE C 41 1.75 43.44 -19.77
C ILE C 41 3.19 43.34 -19.30
N ARG C 42 4.10 43.79 -20.15
CA ARG C 42 5.50 44.01 -19.77
C ARG C 42 5.80 45.48 -20.05
N ALA C 43 6.03 46.25 -18.99
CA ALA C 43 6.23 47.68 -19.10
C ALA C 43 7.31 48.12 -18.12
N LYS C 44 7.65 49.39 -18.17
CA LYS C 44 8.52 50.01 -17.19
C LYS C 44 7.68 50.81 -16.20
N LEU C 45 8.05 50.75 -14.92
CA LEU C 45 7.36 51.52 -13.90
C LEU C 45 7.85 52.96 -13.99
N ARG C 46 6.99 53.87 -14.42
CA ARG C 46 7.39 55.26 -14.55
C ARG C 46 7.39 55.97 -13.20
N SER C 47 6.37 55.72 -12.38
CA SER C 47 6.29 56.32 -11.04
C SER C 47 5.25 55.58 -10.24
N TYR C 48 5.44 55.55 -8.93
CA TYR C 48 4.57 54.82 -8.02
C TYR C 48 4.10 55.74 -6.89
N LYS C 49 2.92 55.41 -6.35
CA LYS C 49 2.37 56.10 -5.20
C LYS C 49 2.00 55.03 -4.17
N PRO C 50 2.40 55.19 -2.90
CA PRO C 50 3.11 56.33 -2.32
C PRO C 50 4.63 56.22 -2.43
N ARG C 51 5.29 57.35 -2.68
CA ARG C 51 6.74 57.39 -2.59
C ARG C 51 7.22 57.43 -1.15
N ARG C 52 6.38 57.88 -0.23
CA ARG C 52 6.59 57.63 1.20
C ARG C 52 6.27 56.17 1.44
N LEU C 53 7.29 55.32 1.42
CA LEU C 53 7.07 53.88 1.39
C LEU C 53 6.69 53.29 2.76
N PHE C 54 6.76 54.08 3.83
CA PHE C 54 6.40 53.54 5.14
C PHE C 54 4.89 53.50 5.34
N GLN C 55 4.14 54.36 4.65
CA GLN C 55 2.69 54.37 4.71
C GLN C 55 2.05 53.48 3.65
N SER C 56 2.76 52.42 3.22
CA SER C 56 2.27 51.55 2.16
C SER C 56 1.58 50.29 2.68
N VAL C 57 1.99 49.78 3.85
CA VAL C 57 1.44 48.55 4.39
C VAL C 57 0.19 48.88 5.20
N LYS C 58 -0.88 48.11 4.99
CA LYS C 58 -2.15 48.39 5.62
C LYS C 58 -2.70 47.10 6.22
N LEU C 59 -3.90 47.21 6.79
CA LEU C 59 -4.64 46.06 7.29
C LEU C 59 -5.90 45.87 6.45
N HIS C 60 -6.17 44.62 6.06
CA HIS C 60 -7.33 44.29 5.25
C HIS C 60 -8.08 43.12 5.87
N CYS C 61 -9.40 43.24 5.93
CA CYS C 61 -10.22 42.20 6.51
C CYS C 61 -10.88 41.35 5.44
N PRO C 62 -10.89 40.02 5.58
CA PRO C 62 -11.48 39.15 4.56
C PRO C 62 -12.99 38.98 4.66
N LYS C 63 -13.67 39.70 5.57
CA LYS C 63 -15.11 39.60 5.69
C LYS C 63 -15.82 40.88 5.29
N CYS C 64 -15.60 41.98 6.02
CA CYS C 64 -16.17 43.27 5.63
C CYS C 64 -15.37 43.95 4.53
N HIS C 65 -14.22 43.38 4.14
CA HIS C 65 -13.38 43.94 3.09
C HIS C 65 -12.99 45.39 3.41
N LEU C 66 -12.66 45.63 4.67
CA LEU C 66 -12.23 46.93 5.16
C LEU C 66 -10.77 47.17 4.81
N LEU C 67 -10.40 48.45 4.73
CA LEU C 67 -9.00 48.84 4.60
C LEU C 67 -8.74 49.96 5.59
N GLN C 68 -7.82 49.73 6.52
CA GLN C 68 -7.54 50.69 7.59
C GLN C 68 -6.03 50.81 7.76
N GLU C 69 -5.63 51.70 8.68
CA GLU C 69 -4.23 51.96 8.97
C GLU C 69 -3.73 51.00 10.04
N VAL C 70 -2.49 50.59 9.91
CA VAL C 70 -1.85 49.84 10.98
C VAL C 70 -1.59 50.77 12.15
N PRO C 71 -1.93 50.40 13.39
CA PRO C 71 -1.70 51.30 14.52
C PRO C 71 -0.22 51.62 14.69
N HIS C 72 0.04 52.83 15.18
CA HIS C 72 1.41 53.28 15.38
C HIS C 72 2.01 52.66 16.64
N GLU C 73 3.34 52.62 16.67
CA GLU C 73 4.04 52.05 17.82
C GLU C 73 3.86 52.90 19.07
N GLY C 74 3.77 54.23 18.91
CA GLY C 74 3.55 55.08 20.07
C GLY C 74 2.18 54.90 20.67
N ASP C 75 1.16 54.73 19.83
CA ASP C 75 -0.19 54.47 20.36
C ASP C 75 -0.25 53.12 21.05
N LEU C 76 0.41 52.11 20.47
CA LEU C 76 0.57 50.84 21.17
C LEU C 76 1.24 51.04 22.53
N ASP C 77 2.28 51.88 22.57
CA ASP C 77 3.00 52.13 23.81
C ASP C 77 2.09 52.73 24.88
N ILE C 78 1.22 53.66 24.47
CA ILE C 78 0.37 54.35 25.45
C ILE C 78 -0.74 53.44 25.95
N ILE C 79 -1.22 52.52 25.11
CA ILE C 79 -2.25 51.58 25.55
C ILE C 79 -1.74 50.72 26.69
N PHE C 80 -0.54 50.18 26.54
CA PHE C 80 0.06 49.38 27.61
C PHE C 80 0.50 50.27 28.77
N GLN C 81 0.97 51.49 28.47
CA GLN C 81 1.35 52.42 29.51
C GLN C 81 0.15 52.77 30.39
N ASP C 82 -1.01 52.98 29.77
CA ASP C 82 -2.22 53.25 30.53
C ASP C 82 -2.82 51.99 31.13
N GLY C 83 -2.65 50.85 30.46
CA GLY C 83 -3.20 49.61 30.99
C GLY C 83 -2.51 49.15 32.27
N ALA C 84 -1.26 49.52 32.47
CA ALA C 84 -0.49 49.11 33.65
C ALA C 84 -1.07 49.81 34.87
N THR C 85 -1.95 49.13 35.59
CA THR C 85 -2.49 49.62 36.85
C THR C 85 -2.36 48.51 37.89
N LYS C 86 -3.18 48.57 38.93
CA LYS C 86 -2.86 47.84 40.17
C LYS C 86 -4.04 47.06 40.73
N THR C 87 -5.00 46.64 39.91
CA THR C 87 -6.07 45.76 40.36
C THR C 87 -6.12 44.49 39.52
N PRO C 88 -5.08 43.63 39.61
CA PRO C 88 -5.14 42.32 38.93
C PRO C 88 -5.51 41.21 39.89
N ASP C 89 -6.54 40.43 39.57
CA ASP C 89 -6.96 39.34 40.44
C ASP C 89 -6.98 38.02 39.66
N VAL C 90 -6.52 36.97 40.33
CA VAL C 90 -6.52 35.61 39.78
C VAL C 90 -7.81 34.93 40.19
N LYS C 91 -8.41 34.19 39.27
CA LYS C 91 -9.77 33.70 39.43
C LYS C 91 -9.79 32.29 39.99
N LEU C 92 -10.67 32.07 40.96
CA LEU C 92 -10.69 30.89 41.82
C LEU C 92 -10.86 29.56 41.08
N GLN C 93 -11.07 29.53 39.77
CA GLN C 93 -11.28 28.19 39.26
C GLN C 93 -10.58 27.92 37.93
N ASN C 94 -10.45 28.92 37.07
CA ASN C 94 -9.81 28.67 35.77
C ASN C 94 -8.31 28.89 35.85
N THR C 95 -7.69 28.21 36.81
CA THR C 95 -6.31 27.79 36.64
C THR C 95 -6.24 26.42 36.02
N SER C 96 -7.40 25.86 35.63
CA SER C 96 -7.43 24.68 34.77
C SER C 96 -6.63 24.93 33.50
N LEU C 97 -6.61 26.18 33.02
CA LEU C 97 -5.99 26.53 31.74
C LEU C 97 -4.56 27.03 31.90
N TYR C 98 -4.23 27.68 33.01
CA TYR C 98 -2.93 28.31 33.15
C TYR C 98 -2.50 28.31 34.61
N ASP C 99 -1.19 28.30 34.82
CA ASP C 99 -0.60 28.55 36.14
C ASP C 99 -0.17 30.00 36.19
N SER C 100 -0.53 30.68 37.27
CA SER C 100 -0.35 32.13 37.39
C SER C 100 0.82 32.46 38.31
N LYS C 101 1.28 33.72 38.20
CA LYS C 101 2.31 34.25 39.09
C LYS C 101 2.30 35.75 38.95
N ILE C 102 1.86 36.45 39.99
CA ILE C 102 1.82 37.91 40.01
C ILE C 102 3.08 38.43 40.67
N TRP C 103 3.62 39.52 40.15
CA TRP C 103 4.86 40.10 40.61
C TRP C 103 4.62 41.43 41.30
N THR C 104 5.71 42.07 41.73
CA THR C 104 5.67 43.34 42.43
C THR C 104 6.73 44.25 41.86
N THR C 105 6.36 45.51 41.62
CA THR C 105 7.23 46.55 41.09
C THR C 105 7.63 47.51 42.20
N LYS C 106 8.79 48.16 42.02
CA LYS C 106 9.29 49.14 42.98
C LYS C 106 9.23 50.52 42.36
N ASN C 107 8.29 51.35 42.83
CA ASN C 107 8.14 52.74 42.42
C ASN C 107 7.84 52.85 40.92
N GLN C 108 6.67 52.31 40.55
CA GLN C 108 6.14 52.43 39.21
C GLN C 108 4.61 52.55 39.30
N LYS C 109 4.15 53.62 39.95
CA LYS C 109 2.73 53.86 40.21
C LYS C 109 2.10 52.76 41.04
N GLY C 110 2.91 52.00 41.78
CA GLY C 110 2.40 50.90 42.58
C GLY C 110 1.71 49.83 41.75
N ARG C 111 2.22 49.54 40.57
CA ARG C 111 1.59 48.61 39.65
C ARG C 111 2.00 47.17 39.97
N LYS C 112 1.16 46.24 39.52
CA LYS C 112 1.44 44.81 39.61
C LYS C 112 1.43 44.23 38.21
N VAL C 113 2.17 43.14 38.03
CA VAL C 113 2.25 42.45 36.75
C VAL C 113 1.77 41.02 36.93
N ALA C 114 0.82 40.61 36.10
CA ALA C 114 0.29 39.25 36.10
C ALA C 114 0.61 38.59 34.76
N VAL C 115 1.30 37.45 34.83
CA VAL C 115 1.60 36.64 33.65
C VAL C 115 1.04 35.25 33.88
N HIS C 116 0.28 34.75 32.90
CA HIS C 116 -0.39 33.46 32.99
C HIS C 116 0.20 32.51 31.96
N PHE C 117 0.54 31.30 32.40
CA PHE C 117 1.24 30.31 31.59
C PHE C 117 0.25 29.21 31.22
N VAL C 118 -0.25 29.23 29.99
CA VAL C 118 -1.26 28.26 29.56
C VAL C 118 -0.64 26.87 29.52
N LYS C 119 -1.30 25.93 30.21
CA LYS C 119 -0.80 24.56 30.31
C LYS C 119 -1.21 23.76 29.07
N ASN C 120 -0.62 22.56 28.95
CA ASN C 120 -0.79 21.68 27.79
C ASN C 120 -1.50 20.41 28.26
N ASN C 121 -2.82 20.46 28.32
CA ASN C 121 -3.63 19.35 28.85
C ASN C 121 -3.29 19.07 30.32
N GLY C 122 -2.81 20.09 31.03
CA GLY C 122 -2.50 19.98 32.45
C GLY C 122 -1.02 20.09 32.78
N ILE C 123 -0.14 19.91 31.80
CA ILE C 123 1.30 19.99 31.99
C ILE C 123 1.80 21.30 31.41
N LEU C 124 2.67 21.98 32.14
CA LEU C 124 3.20 23.22 31.60
C LEU C 124 4.34 22.93 30.64
N PRO C 125 4.35 23.56 29.46
CA PRO C 125 5.42 23.31 28.49
C PRO C 125 6.63 24.16 28.81
N LEU C 126 7.35 24.62 27.78
CA LEU C 126 8.52 25.46 27.95
C LEU C 126 8.51 26.59 26.92
N SER C 127 9.44 27.53 27.11
CA SER C 127 9.53 28.80 26.40
C SER C 127 8.97 28.78 24.98
N ASN C 128 9.56 27.99 24.09
CA ASN C 128 9.30 28.06 22.67
C ASN C 128 8.09 27.25 22.24
N GLU C 129 7.21 26.89 23.17
CA GLU C 129 5.91 26.31 22.82
C GLU C 129 4.82 26.78 23.78
N CYS C 130 4.98 27.97 24.33
CA CYS C 130 4.12 28.48 25.40
C CYS C 130 3.20 29.59 24.88
N LEU C 131 2.15 29.85 25.66
CA LEU C 131 1.18 30.91 25.36
C LEU C 131 1.04 31.78 26.61
N LEU C 132 1.57 32.98 26.55
CA LEU C 132 1.53 33.89 27.68
C LEU C 132 0.27 34.76 27.62
N LEU C 133 -0.29 35.03 28.79
CA LEU C 133 -1.33 36.04 28.96
C LEU C 133 -0.78 37.08 29.92
N ILE C 134 -0.33 38.21 29.39
CA ILE C 134 0.23 39.27 30.21
C ILE C 134 -0.87 40.26 30.58
N GLU C 135 -0.81 40.76 31.81
CA GLU C 135 -1.76 41.73 32.32
C GLU C 135 -0.97 42.92 32.87
N GLY C 136 -1.27 44.11 32.37
CA GLY C 136 -0.56 45.30 32.81
C GLY C 136 0.90 45.35 32.40
N GLY C 137 1.25 44.67 31.30
CA GLY C 137 2.62 44.70 30.83
C GLY C 137 2.94 45.94 30.02
N THR C 138 4.21 46.25 29.93
CA THR C 138 4.70 47.37 29.14
C THR C 138 5.02 46.90 27.73
N LEU C 139 4.81 47.78 26.75
CA LEU C 139 5.19 47.45 25.38
C LEU C 139 6.65 47.04 25.31
N SER C 140 7.54 47.81 25.96
CA SER C 140 8.93 47.39 26.06
C SER C 140 9.04 46.00 26.69
N GLU C 141 8.20 45.70 27.68
CA GLU C 141 8.21 44.35 28.26
C GLU C 141 7.64 43.33 27.28
N ILE C 142 6.56 43.68 26.60
CA ILE C 142 5.81 42.70 25.81
C ILE C 142 6.61 42.27 24.58
N CYS C 143 7.28 43.22 23.91
CA CYS C 143 8.13 42.87 22.79
C CYS C 143 9.37 42.09 23.22
N LYS C 144 9.77 42.19 24.48
CA LYS C 144 10.87 41.38 24.98
C LYS C 144 10.42 39.95 25.25
N LEU C 145 9.17 39.76 25.67
CA LEU C 145 8.59 38.42 25.76
C LEU C 145 8.27 37.84 24.38
N SER C 146 8.28 38.67 23.34
CA SER C 146 8.01 38.17 22.00
C SER C 146 9.18 37.34 21.47
N ASN C 147 10.40 37.63 21.92
CA ASN C 147 11.57 36.91 21.45
C ASN C 147 11.91 35.69 22.29
N LYS C 148 11.37 35.60 23.51
CA LYS C 148 11.62 34.47 24.39
C LYS C 148 10.53 33.42 24.36
N PHE C 149 9.27 33.84 24.22
CA PHE C 149 8.14 32.94 24.24
C PHE C 149 7.52 32.82 22.84
N ASN C 150 6.72 31.77 22.66
CA ASN C 150 6.12 31.51 21.36
C ASN C 150 5.05 32.55 21.03
N SER C 151 4.08 32.73 21.92
CA SER C 151 2.97 33.63 21.70
C SER C 151 2.69 34.40 22.98
N VAL C 152 2.29 35.66 22.81
CA VAL C 152 1.88 36.51 23.92
C VAL C 152 0.53 37.13 23.60
N ILE C 153 -0.40 37.04 24.54
CA ILE C 153 -1.73 37.61 24.39
C ILE C 153 -1.95 38.65 25.49
N PRO C 154 -1.95 39.95 25.17
CA PRO C 154 -2.21 40.97 26.19
C PRO C 154 -3.66 40.86 26.69
N VAL C 155 -3.81 40.69 28.00
CA VAL C 155 -5.13 40.50 28.60
C VAL C 155 -5.37 41.56 29.66
N ARG C 156 -6.55 41.51 30.29
CA ARG C 156 -6.87 42.38 31.40
C ARG C 156 -7.86 41.66 32.30
N SER C 157 -7.75 41.91 33.60
CA SER C 157 -8.65 41.28 34.56
C SER C 157 -10.02 41.94 34.48
N GLY C 158 -11.03 41.16 34.08
CA GLY C 158 -12.41 41.57 34.19
C GLY C 158 -13.03 40.97 35.46
N HIS C 159 -14.33 41.20 35.60
CA HIS C 159 -15.04 40.74 36.79
C HIS C 159 -15.36 39.26 36.70
N GLU C 160 -15.86 38.80 35.53
CA GLU C 160 -16.12 37.37 35.39
C GLU C 160 -14.84 36.56 35.21
N ASP C 161 -13.97 36.97 34.27
CA ASP C 161 -12.78 36.18 33.94
C ASP C 161 -11.74 37.10 33.33
N LEU C 162 -10.65 36.52 32.83
CA LEU C 162 -9.69 37.27 32.02
C LEU C 162 -10.31 37.62 30.68
N GLU C 163 -9.93 38.79 30.16
CA GLU C 163 -10.38 39.23 28.85
C GLU C 163 -9.25 39.99 28.15
N LEU C 164 -9.32 40.01 26.83
CA LEU C 164 -8.33 40.68 26.00
C LEU C 164 -8.48 42.20 26.12
N LEU C 165 -7.52 42.90 25.52
CA LEU C 165 -7.62 44.35 25.42
C LEU C 165 -8.49 44.73 24.22
N ASP C 166 -8.78 46.02 24.11
CA ASP C 166 -9.46 46.54 22.94
C ASP C 166 -8.73 46.09 21.68
N LEU C 167 -9.51 45.81 20.62
CA LEU C 167 -8.90 45.36 19.38
C LEU C 167 -7.98 46.43 18.74
N SER C 168 -7.78 47.56 19.41
CA SER C 168 -6.70 48.48 19.06
C SER C 168 -5.35 47.82 19.29
N ALA C 169 -5.18 47.17 20.43
CA ALA C 169 -4.02 46.39 20.79
C ALA C 169 -4.13 44.99 20.20
N PRO C 170 -3.01 44.37 19.86
CA PRO C 170 -3.05 43.04 19.23
C PRO C 170 -3.66 42.00 20.15
N PHE C 171 -4.44 41.10 19.57
CA PHE C 171 -4.95 39.95 20.31
C PHE C 171 -3.92 38.84 20.44
N LEU C 172 -2.78 38.96 19.75
CA LEU C 172 -1.74 37.94 19.78
C LEU C 172 -0.43 38.49 19.22
N ILE C 173 0.66 38.28 19.94
CA ILE C 173 2.00 38.65 19.49
C ILE C 173 2.83 37.38 19.36
N GLN C 174 3.44 37.18 18.18
CA GLN C 174 4.19 35.97 17.86
C GLN C 174 5.55 36.41 17.30
N GLY C 175 6.42 36.87 18.20
CA GLY C 175 7.70 37.41 17.78
C GLY C 175 7.58 38.81 17.22
N THR C 176 7.73 38.93 15.90
CA THR C 176 7.60 40.22 15.24
C THR C 176 6.21 40.45 14.66
N ILE C 177 5.31 39.49 14.77
CA ILE C 177 4.02 39.54 14.11
C ILE C 177 2.98 40.04 15.10
N HIS C 178 2.54 41.29 14.92
CA HIS C 178 1.37 41.79 15.64
C HIS C 178 0.12 41.39 14.88
N HIS C 179 -0.83 40.78 15.59
CA HIS C 179 -2.07 40.29 14.99
C HIS C 179 -3.22 41.14 15.50
N TYR C 180 -3.87 41.86 14.60
CA TYR C 180 -5.00 42.71 14.93
C TYR C 180 -6.29 42.10 14.40
N GLY C 181 -7.35 42.19 15.20
CA GLY C 181 -8.64 41.71 14.76
C GLY C 181 -9.49 42.83 14.17
N CYS C 182 -10.45 42.43 13.34
CA CYS C 182 -11.38 43.39 12.76
C CYS C 182 -12.39 43.82 13.82
N LYS C 183 -12.52 45.13 13.99
CA LYS C 183 -13.34 45.68 15.07
C LYS C 183 -14.83 45.60 14.78
N GLN C 184 -15.24 45.28 13.55
CA GLN C 184 -16.64 45.08 13.22
C GLN C 184 -17.02 43.62 13.11
N CYS C 185 -16.16 42.79 12.54
CA CYS C 185 -16.47 41.41 12.21
C CYS C 185 -16.09 40.42 13.29
N SER C 186 -15.79 40.89 14.50
CA SER C 186 -15.39 40.02 15.60
C SER C 186 -16.37 40.17 16.75
N SER C 187 -16.93 39.04 17.19
CA SER C 187 -17.80 38.98 18.36
C SER C 187 -17.02 38.24 19.44
N LEU C 188 -16.42 39.00 20.35
CA LEU C 188 -15.43 38.45 21.28
C LEU C 188 -16.02 37.35 22.16
N ARG C 189 -15.27 36.25 22.27
CA ARG C 189 -15.51 35.24 23.28
C ARG C 189 -14.37 35.29 24.29
N SER C 190 -14.69 35.04 25.55
CA SER C 190 -13.70 35.22 26.60
C SER C 190 -12.59 34.18 26.49
N ILE C 191 -11.51 34.41 27.25
CA ILE C 191 -10.26 33.70 27.06
C ILE C 191 -10.33 32.24 27.52
N GLN C 192 -11.30 31.89 28.36
CA GLN C 192 -11.41 30.51 28.84
C GLN C 192 -11.75 29.52 27.72
N ASN C 193 -12.29 29.99 26.59
CA ASN C 193 -12.63 29.09 25.50
C ASN C 193 -11.45 28.79 24.59
N LEU C 194 -10.24 29.22 24.96
CA LEU C 194 -9.03 28.62 24.39
C LEU C 194 -8.89 27.15 24.75
N ASN C 195 -9.66 26.69 25.75
CA ASN C 195 -9.69 25.28 26.10
C ASN C 195 -10.08 24.42 24.90
N SER C 196 -11.01 24.91 24.07
CA SER C 196 -11.56 24.13 22.97
C SER C 196 -10.50 23.63 22.00
N LEU C 197 -9.33 24.25 21.99
CA LEU C 197 -8.25 23.83 21.10
C LEU C 197 -7.85 22.39 21.38
N VAL C 198 -7.85 21.55 20.33
CA VAL C 198 -7.33 20.19 20.43
C VAL C 198 -5.87 20.14 20.00
N ASP C 199 -5.30 21.27 19.54
CA ASP C 199 -3.90 21.37 19.15
C ASP C 199 -3.29 22.55 19.93
N LYS C 200 -2.92 22.30 21.18
CA LYS C 200 -2.33 23.33 22.01
C LYS C 200 -0.80 23.33 21.97
N THR C 201 -0.19 22.36 21.30
CA THR C 201 1.25 22.38 21.07
C THR C 201 1.58 23.54 20.14
N SER C 202 1.17 23.44 18.89
CA SER C 202 1.26 24.57 17.97
C SER C 202 0.20 25.61 18.31
N TRP C 203 0.48 26.86 17.97
CA TRP C 203 -0.45 27.96 18.17
C TRP C 203 -0.65 28.63 16.81
N ILE C 204 -1.66 28.17 16.09
CA ILE C 204 -2.04 28.79 14.82
C ILE C 204 -2.85 30.04 15.13
N PRO C 205 -2.38 31.23 14.73
CA PRO C 205 -3.08 32.46 15.13
C PRO C 205 -4.55 32.51 14.73
N SER C 206 -4.88 31.97 13.55
CA SER C 206 -6.29 31.92 13.14
C SER C 206 -7.08 30.93 13.98
N SER C 207 -6.42 29.91 14.55
CA SER C 207 -7.07 29.03 15.49
C SER C 207 -7.12 29.65 16.89
N VAL C 208 -6.15 30.50 17.22
CA VAL C 208 -6.27 31.33 18.40
C VAL C 208 -7.33 32.40 18.19
N ALA C 209 -7.44 32.92 16.97
CA ALA C 209 -8.49 33.86 16.64
C ALA C 209 -9.86 33.18 16.67
N GLU C 210 -9.96 31.97 16.13
CA GLU C 210 -11.25 31.29 16.03
C GLU C 210 -11.82 30.97 17.40
N ALA C 211 -10.98 30.50 18.32
CA ALA C 211 -11.46 30.16 19.66
C ALA C 211 -11.90 31.41 20.42
N LEU C 212 -11.28 32.56 20.14
CA LEU C 212 -11.64 33.81 20.78
C LEU C 212 -12.72 34.59 20.03
N GLY C 213 -13.12 34.11 18.85
CA GLY C 213 -14.15 34.77 18.08
C GLY C 213 -13.68 35.92 17.22
N ILE C 214 -12.39 35.96 16.87
CA ILE C 214 -11.80 37.08 16.16
C ILE C 214 -11.62 36.73 14.69
N VAL C 215 -12.00 37.65 13.82
CA VAL C 215 -11.67 37.56 12.39
C VAL C 215 -10.40 38.36 12.17
N PRO C 216 -9.25 37.71 12.03
CA PRO C 216 -7.98 38.45 11.98
C PRO C 216 -7.87 39.30 10.73
N LEU C 217 -7.18 40.43 10.89
CA LEU C 217 -6.90 41.33 9.79
C LEU C 217 -5.61 40.92 9.09
N GLN C 218 -5.58 41.12 7.77
CA GLN C 218 -4.44 40.73 6.95
C GLN C 218 -3.59 41.95 6.62
N TYR C 219 -2.26 41.81 6.76
CA TYR C 219 -1.32 42.84 6.36
C TYR C 219 -1.14 42.80 4.85
N VAL C 220 -1.49 43.89 4.18
CA VAL C 220 -1.36 43.97 2.73
C VAL C 220 -0.41 45.11 2.38
N PHE C 221 0.22 44.98 1.21
CA PHE C 221 1.02 46.04 0.62
C PHE C 221 0.16 46.73 -0.44
N VAL C 222 -0.31 47.94 -0.13
CA VAL C 222 -1.21 48.67 -0.99
C VAL C 222 -0.42 49.75 -1.72
N MET C 223 -0.40 49.67 -3.05
CA MET C 223 0.39 50.56 -3.89
C MET C 223 -0.32 50.74 -5.22
N THR C 224 -0.17 51.93 -5.81
CA THR C 224 -0.61 52.24 -7.16
C THR C 224 0.62 52.43 -8.04
N PHE C 225 0.73 51.61 -9.08
CA PHE C 225 1.80 51.74 -10.07
C PHE C 225 1.27 52.46 -11.29
N THR C 226 2.14 53.23 -11.94
CA THR C 226 1.81 53.83 -13.24
C THR C 226 2.84 53.31 -14.24
N LEU C 227 2.48 52.23 -14.93
CA LEU C 227 3.38 51.54 -15.83
C LEU C 227 3.38 52.20 -17.20
N ASP C 228 4.48 52.01 -17.94
CA ASP C 228 4.60 52.51 -19.30
C ASP C 228 5.53 51.60 -20.09
N ASP C 229 5.09 51.24 -21.30
CA ASP C 229 5.87 50.40 -22.20
C ASP C 229 6.30 51.13 -23.47
N GLY C 230 5.99 52.41 -23.59
CA GLY C 230 6.18 53.15 -24.82
C GLY C 230 4.93 53.36 -25.64
N THR C 231 3.81 52.77 -25.22
CA THR C 231 2.54 52.86 -25.93
C THR C 231 1.63 53.86 -25.23
N GLY C 232 0.90 53.36 -24.22
CA GLY C 232 0.21 54.19 -23.26
C GLY C 232 0.71 53.88 -21.87
N VAL C 233 0.08 54.53 -20.89
CA VAL C 233 0.44 54.35 -19.49
C VAL C 233 -0.81 53.98 -18.70
N LEU C 234 -0.61 53.27 -17.59
CA LEU C 234 -1.72 52.71 -16.85
C LEU C 234 -1.46 52.73 -15.35
N GLU C 235 -2.48 53.14 -14.59
CA GLU C 235 -2.42 53.10 -13.13
C GLU C 235 -2.93 51.74 -12.67
N ALA C 236 -2.02 50.89 -12.24
CA ALA C 236 -2.33 49.53 -11.82
C ALA C 236 -2.16 49.43 -10.31
N TYR C 237 -3.13 48.81 -9.65
CA TYR C 237 -3.09 48.65 -8.20
C TYR C 237 -2.30 47.41 -7.82
N LEU C 238 -1.51 47.53 -6.75
CA LEU C 238 -0.82 46.40 -6.15
C LEU C 238 -1.37 46.20 -4.74
N MET C 239 -1.91 45.02 -4.48
CA MET C 239 -2.42 44.64 -3.16
C MET C 239 -1.81 43.29 -2.82
N ASP C 240 -0.62 43.32 -2.22
CA ASP C 240 0.11 42.10 -1.95
C ASP C 240 0.32 41.89 -0.46
N SER C 241 0.51 40.64 -0.10
CA SER C 241 0.70 40.25 1.27
C SER C 241 2.01 39.59 1.51
N ASP C 242 2.39 38.71 0.62
CA ASP C 242 3.61 37.99 0.84
C ASP C 242 4.41 37.60 -0.35
N LYS C 243 3.94 37.77 -1.57
CA LYS C 243 4.72 37.29 -2.71
C LYS C 243 5.27 38.23 -3.79
N PHE C 244 4.77 39.43 -3.92
CA PHE C 244 5.30 40.31 -4.94
C PHE C 244 6.68 40.69 -4.54
N PHE C 245 6.87 41.01 -3.29
CA PHE C 245 8.19 41.38 -2.83
C PHE C 245 8.94 40.23 -2.17
N GLN C 246 8.29 39.07 -2.01
CA GLN C 246 8.80 37.98 -1.17
C GLN C 246 9.14 38.46 0.23
N ILE C 247 8.48 39.54 0.65
CA ILE C 247 8.58 40.09 1.99
C ILE C 247 7.19 40.03 2.59
N PRO C 248 7.00 39.39 3.75
CA PRO C 248 5.67 39.37 4.37
C PRO C 248 5.35 40.73 4.96
N ALA C 249 4.15 41.23 4.66
CA ALA C 249 3.70 42.48 5.24
C ALA C 249 3.40 42.37 6.73
N SER C 250 3.37 41.15 7.27
CA SER C 250 3.07 40.95 8.68
C SER C 250 4.23 41.29 9.60
N GLU C 251 5.46 41.32 9.08
CA GLU C 251 6.63 41.64 9.88
C GLU C 251 7.42 42.83 9.36
N VAL C 252 7.02 43.41 8.22
CA VAL C 252 7.82 44.46 7.62
C VAL C 252 7.79 45.75 8.45
N LEU C 253 6.77 45.96 9.26
CA LEU C 253 6.71 47.17 10.06
C LEU C 253 7.54 47.08 11.34
N MET C 254 8.24 45.98 11.57
CA MET C 254 9.07 45.80 12.75
C MET C 254 10.37 45.09 12.39
N ASP C 255 10.96 45.47 11.26
CA ASP C 255 12.20 44.84 10.81
C ASP C 255 12.87 45.79 9.81
N ASP C 256 13.97 46.42 10.24
CA ASP C 256 14.69 47.35 9.36
C ASP C 256 15.19 46.64 8.11
N ASP C 257 15.71 45.42 8.27
CA ASP C 257 16.24 44.68 7.12
C ASP C 257 15.15 44.41 6.10
N LEU C 258 13.93 44.17 6.56
CA LEU C 258 12.81 44.00 5.64
C LEU C 258 12.47 45.30 4.92
N GLN C 259 12.62 46.44 5.61
CA GLN C 259 12.18 47.71 5.05
C GLN C 259 13.21 48.31 4.10
N LYS C 260 14.50 48.18 4.42
CA LYS C 260 15.52 48.71 3.53
C LYS C 260 15.50 48.01 2.18
N SER C 261 15.29 46.68 2.19
CA SER C 261 15.31 45.92 0.94
C SER C 261 14.07 46.15 0.10
N VAL C 262 12.91 46.36 0.74
CA VAL C 262 11.73 46.74 -0.04
C VAL C 262 11.88 48.19 -0.51
N ASP C 263 12.57 49.02 0.28
CA ASP C 263 12.94 50.35 -0.21
C ASP C 263 13.93 50.23 -1.37
N MET C 264 14.85 49.27 -1.30
CA MET C 264 15.80 49.07 -2.38
C MET C 264 15.15 48.43 -3.60
N ILE C 265 14.11 47.61 -3.39
CA ILE C 265 13.42 46.99 -4.52
C ILE C 265 12.68 48.05 -5.33
N MET C 266 12.00 48.97 -4.65
CA MET C 266 11.38 50.10 -5.36
C MET C 266 12.44 50.96 -6.02
N ASP C 267 13.59 51.11 -5.37
CA ASP C 267 14.70 51.87 -5.97
C ASP C 267 15.15 51.22 -7.27
N MET C 268 15.15 49.89 -7.33
CA MET C 268 15.51 49.22 -8.58
C MET C 268 14.46 49.45 -9.66
N PHE C 269 13.18 49.45 -9.29
CA PHE C 269 12.12 49.71 -10.25
C PHE C 269 12.19 51.13 -10.79
N CYS C 270 12.16 52.12 -9.88
CA CYS C 270 12.19 53.55 -10.23
C CYS C 270 13.47 54.15 -9.68
N PRO C 271 14.60 53.98 -10.35
CA PRO C 271 15.84 54.57 -9.88
C PRO C 271 15.82 56.07 -10.10
N PRO C 272 16.03 56.86 -9.05
CA PRO C 272 15.95 58.32 -9.20
C PRO C 272 17.12 58.86 -10.00
N GLY C 273 16.84 59.93 -10.75
CA GLY C 273 17.86 60.72 -11.38
C GLY C 273 18.32 60.24 -12.74
N ILE C 274 18.25 58.95 -13.02
CA ILE C 274 18.30 58.47 -14.37
C ILE C 274 16.88 58.52 -14.92
N LYS C 275 16.73 58.32 -16.21
CA LYS C 275 15.42 58.48 -16.79
C LYS C 275 14.89 57.13 -17.24
N ILE C 276 13.56 57.08 -17.35
CA ILE C 276 12.81 55.83 -17.57
C ILE C 276 13.40 55.00 -18.71
N ASP C 277 14.04 55.64 -19.69
CA ASP C 277 14.69 54.89 -20.76
C ASP C 277 15.68 53.87 -20.20
N ALA C 278 16.36 54.22 -19.11
CA ALA C 278 17.33 53.35 -18.48
C ALA C 278 16.73 52.49 -17.37
N TYR C 279 15.41 52.50 -17.21
CA TYR C 279 14.78 51.68 -16.18
C TYR C 279 14.80 50.21 -16.59
N PRO C 280 14.75 49.30 -15.63
CA PRO C 280 14.59 47.88 -15.97
C PRO C 280 13.16 47.57 -16.39
N TRP C 281 12.99 46.41 -17.01
CA TRP C 281 11.68 45.99 -17.48
C TRP C 281 10.93 45.24 -16.40
N LEU C 282 9.61 45.35 -16.42
CA LEU C 282 8.75 44.73 -15.42
C LEU C 282 7.75 43.81 -16.14
N GLU C 283 8.02 42.52 -16.13
CA GLU C 283 7.03 41.53 -16.56
C GLU C 283 6.00 41.38 -15.45
N CYS C 284 4.73 41.61 -15.77
CA CYS C 284 3.67 41.54 -14.78
C CYS C 284 2.42 40.95 -15.41
N PHE C 285 1.51 40.51 -14.54
CA PHE C 285 0.20 40.00 -14.94
C PHE C 285 -0.85 40.77 -14.16
N ILE C 286 -1.74 41.45 -14.87
CA ILE C 286 -2.81 42.22 -14.24
C ILE C 286 -4.13 41.71 -14.76
N LYS C 287 -5.21 42.09 -14.07
CA LYS C 287 -6.54 41.85 -14.59
C LYS C 287 -7.39 43.09 -14.37
N SER C 288 -8.31 43.31 -15.30
CA SER C 288 -9.27 44.38 -15.23
C SER C 288 -10.34 44.09 -14.20
N TYR C 289 -11.23 45.05 -14.01
CA TYR C 289 -12.46 44.94 -13.22
C TYR C 289 -13.14 46.30 -13.23
N ASN C 290 -14.35 46.35 -12.72
CA ASN C 290 -15.18 47.54 -12.76
C ASN C 290 -15.60 47.93 -11.34
N VAL C 291 -15.58 49.23 -11.08
CA VAL C 291 -16.00 49.79 -9.79
C VAL C 291 -17.14 50.76 -10.05
N THR C 292 -18.19 50.66 -9.24
CA THR C 292 -19.38 51.51 -9.38
C THR C 292 -19.40 52.50 -8.22
N ASN C 293 -19.22 53.78 -8.54
CA ASN C 293 -19.24 54.85 -7.53
C ASN C 293 -20.57 55.57 -7.53
N GLY C 294 -21.66 54.82 -7.41
CA GLY C 294 -22.99 55.37 -7.58
C GLY C 294 -23.64 54.84 -8.84
N THR C 295 -23.56 55.62 -9.92
CA THR C 295 -23.89 55.17 -11.28
C THR C 295 -22.85 55.69 -12.27
N ASP C 296 -21.59 55.78 -11.85
CA ASP C 296 -20.47 56.01 -12.76
C ASP C 296 -19.58 54.78 -12.74
N ASN C 297 -19.32 54.22 -13.92
CA ASN C 297 -18.54 52.99 -14.04
C ASN C 297 -17.10 53.34 -14.41
N GLN C 298 -16.18 53.12 -13.48
CA GLN C 298 -14.76 53.36 -13.70
C GLN C 298 -14.03 52.02 -13.76
N ILE C 299 -13.29 51.81 -14.84
CA ILE C 299 -12.49 50.61 -15.01
C ILE C 299 -11.11 50.86 -14.39
N CYS C 300 -10.56 49.83 -13.75
CA CYS C 300 -9.24 49.94 -13.14
C CYS C 300 -8.60 48.56 -13.11
N TYR C 301 -7.40 48.49 -12.55
CA TYR C 301 -6.53 47.33 -12.73
C TYR C 301 -5.91 46.93 -11.40
N GLN C 302 -5.41 45.70 -11.37
CA GLN C 302 -4.84 45.12 -10.17
C GLN C 302 -3.76 44.13 -10.57
N ILE C 303 -2.65 44.14 -9.85
CA ILE C 303 -1.50 43.30 -10.15
C ILE C 303 -1.62 42.00 -9.35
N PHE C 304 -1.64 40.87 -10.05
CA PHE C 304 -1.68 39.56 -9.44
C PHE C 304 -0.58 38.68 -10.02
N ASP C 305 -0.24 37.63 -9.28
CA ASP C 305 0.60 36.54 -9.79
C ASP C 305 1.93 37.03 -10.35
N THR C 306 2.55 37.98 -9.66
CA THR C 306 3.89 38.44 -10.02
C THR C 306 4.76 38.49 -8.77
N THR C 307 6.07 38.53 -9.00
CA THR C 307 7.04 38.66 -7.93
C THR C 307 8.36 39.14 -8.51
N VAL C 308 9.18 39.75 -7.66
CA VAL C 308 10.48 40.22 -8.11
C VAL C 308 11.31 39.04 -8.59
N ALA C 309 12.11 39.27 -9.63
CA ALA C 309 12.86 38.19 -10.25
C ALA C 309 14.18 37.95 -9.52
N GLU C 310 15.18 38.79 -9.80
CA GLU C 310 16.52 38.56 -9.28
C GLU C 310 16.57 38.84 -7.78
N ASP C 311 17.18 37.92 -7.04
CA ASP C 311 16.97 37.77 -5.60
C ASP C 311 18.12 38.37 -4.80
N VAL C 312 18.34 39.67 -4.99
CA VAL C 312 19.47 40.32 -4.34
C VAL C 312 19.00 41.38 -3.33
N LEU D 11 -15.58 -32.04 21.27
CA LEU D 11 -15.41 -31.13 22.40
C LEU D 11 -14.46 -30.00 22.02
N SER D 12 -13.61 -30.27 21.04
CA SER D 12 -12.66 -29.29 20.53
C SER D 12 -12.79 -29.18 19.02
N ALA D 13 -12.41 -28.00 18.50
CA ALA D 13 -12.54 -27.66 17.10
C ALA D 13 -11.22 -27.64 16.33
N THR D 14 -10.07 -27.84 16.99
CA THR D 14 -8.85 -28.17 16.29
C THR D 14 -8.45 -29.61 16.63
N ILE D 15 -8.30 -30.43 15.59
CA ILE D 15 -7.79 -31.78 15.73
C ILE D 15 -6.35 -31.75 15.28
N LEU D 16 -5.75 -32.92 15.06
CA LEU D 16 -4.36 -33.01 14.65
C LEU D 16 -4.26 -33.74 13.32
N THR D 17 -3.36 -33.24 12.46
CA THR D 17 -3.07 -33.90 11.19
C THR D 17 -2.46 -35.29 11.41
N ASP D 18 -1.28 -35.31 12.00
CA ASP D 18 -0.43 -36.48 12.18
C ASP D 18 -0.21 -36.65 13.66
N HIS D 19 0.88 -37.32 14.03
CA HIS D 19 1.35 -37.35 15.41
C HIS D 19 0.21 -37.67 16.38
N GLN D 20 -0.52 -38.73 16.07
CA GLN D 20 -1.55 -39.24 16.98
C GLN D 20 -0.90 -40.21 17.95
N TYR D 21 0.39 -40.00 18.20
CA TYR D 21 1.16 -40.79 19.16
C TYR D 21 1.43 -40.06 20.46
N LEU D 22 1.61 -38.73 20.44
CA LEU D 22 2.09 -37.96 21.58
C LEU D 22 0.92 -37.65 22.53
N GLU D 23 1.11 -36.67 23.40
CA GLU D 23 0.12 -36.42 24.43
C GLU D 23 0.21 -34.99 24.97
N ARG D 24 -0.86 -34.57 25.64
CA ARG D 24 -1.11 -33.23 26.19
C ARG D 24 -0.20 -32.97 27.39
N THR D 25 0.94 -32.34 27.14
CA THR D 25 1.87 -31.96 28.19
C THR D 25 1.60 -30.51 28.62
N PRO D 26 1.59 -30.24 29.94
CA PRO D 26 1.18 -28.91 30.41
C PRO D 26 2.16 -27.82 30.00
N LEU D 27 1.60 -26.65 29.67
CA LEU D 27 2.39 -25.55 29.14
C LEU D 27 3.31 -24.93 30.18
N CYS D 28 2.99 -25.06 31.47
CA CYS D 28 3.86 -24.52 32.51
C CYS D 28 5.24 -25.15 32.47
N ALA D 29 5.29 -26.46 32.17
CA ALA D 29 6.56 -27.18 32.26
C ALA D 29 7.52 -26.79 31.14
N ILE D 30 6.99 -26.45 29.95
CA ILE D 30 7.83 -26.42 28.76
C ILE D 30 8.60 -25.13 28.56
N LEU D 31 8.32 -24.06 29.32
CA LEU D 31 9.07 -22.82 29.16
C LEU D 31 10.52 -23.00 29.58
N LYS D 32 10.73 -23.53 30.77
CA LYS D 32 12.08 -23.79 31.20
C LYS D 32 12.57 -25.05 30.53
N GLN D 33 11.66 -25.91 30.10
CA GLN D 33 12.04 -27.14 29.45
C GLN D 33 12.87 -26.83 28.25
N LYS D 34 13.95 -27.56 28.10
CA LYS D 34 14.93 -27.36 27.02
C LYS D 34 14.38 -27.33 25.59
N ALA D 35 15.10 -26.64 24.71
CA ALA D 35 14.64 -26.51 23.35
C ALA D 35 15.71 -26.92 22.41
N PRO D 36 15.33 -27.33 21.21
CA PRO D 36 13.97 -27.50 20.73
C PRO D 36 13.47 -28.91 20.91
N GLN D 37 12.16 -29.04 20.94
CA GLN D 37 11.49 -30.32 21.09
C GLN D 37 10.21 -30.34 20.27
N GLN D 38 9.24 -31.15 20.72
CA GLN D 38 7.96 -31.27 20.05
C GLN D 38 6.98 -31.89 21.04
N TYR D 39 5.90 -31.18 21.36
CA TYR D 39 4.95 -31.71 22.32
C TYR D 39 3.57 -31.72 21.67
N ARG D 40 2.56 -31.91 22.51
CA ARG D 40 1.16 -31.81 22.11
C ARG D 40 0.44 -30.97 23.16
N ILE D 41 -0.22 -29.92 22.71
CA ILE D 41 -0.84 -28.95 23.61
C ILE D 41 -2.33 -29.22 23.67
N ARG D 42 -2.96 -28.68 24.73
CA ARG D 42 -4.42 -28.50 24.75
C ARG D 42 -4.68 -27.27 25.61
N ALA D 43 -4.75 -26.12 24.96
CA ALA D 43 -4.96 -24.85 25.63
C ALA D 43 -6.13 -24.13 24.99
N LYS D 44 -6.45 -22.96 25.50
CA LYS D 44 -7.56 -22.15 25.02
C LYS D 44 -7.04 -20.88 24.37
N LEU D 45 -7.94 -20.18 23.68
CA LEU D 45 -7.59 -18.98 22.92
C LEU D 45 -7.66 -17.75 23.83
N ARG D 46 -6.51 -17.37 24.40
CA ARG D 46 -6.46 -16.14 25.17
C ARG D 46 -6.48 -14.92 24.25
N SER D 47 -5.59 -14.90 23.27
CA SER D 47 -5.46 -13.77 22.36
C SER D 47 -5.04 -14.28 20.98
N TYR D 48 -4.96 -13.37 20.02
CA TYR D 48 -4.35 -13.64 18.74
C TYR D 48 -4.10 -12.33 18.01
N LYS D 49 -3.04 -12.31 17.21
CA LYS D 49 -2.68 -11.19 16.37
C LYS D 49 -2.44 -11.68 14.95
N PRO D 50 -2.94 -10.95 13.94
CA PRO D 50 -3.61 -9.65 14.07
C PRO D 50 -5.11 -9.74 14.36
N ARG D 51 -5.62 -8.78 15.13
CA ARG D 51 -7.06 -8.67 15.31
C ARG D 51 -7.74 -8.24 14.02
N ARG D 52 -7.09 -7.37 13.26
CA ARG D 52 -7.50 -7.08 11.88
C ARG D 52 -7.08 -8.27 11.03
N LEU D 53 -8.04 -9.13 10.68
CA LEU D 53 -7.73 -10.44 10.12
C LEU D 53 -7.23 -10.38 8.68
N PHE D 54 -7.25 -9.22 8.04
CA PHE D 54 -6.85 -9.11 6.63
C PHE D 54 -5.36 -8.90 6.44
N GLN D 55 -4.64 -8.49 7.48
CA GLN D 55 -3.18 -8.47 7.47
C GLN D 55 -2.58 -9.84 7.75
N SER D 56 -3.37 -10.90 7.60
CA SER D 56 -2.92 -12.25 7.84
C SER D 56 -2.13 -12.81 6.66
N VAL D 57 -2.68 -12.67 5.45
CA VAL D 57 -2.08 -13.29 4.27
C VAL D 57 -0.81 -12.56 3.91
N LYS D 58 0.32 -13.27 3.92
CA LYS D 58 1.60 -12.74 3.51
C LYS D 58 2.26 -13.72 2.54
N LEU D 59 3.33 -13.27 1.90
CA LEU D 59 4.03 -14.04 0.88
C LEU D 59 5.35 -14.54 1.44
N HIS D 60 5.42 -15.83 1.69
CA HIS D 60 6.65 -16.48 2.17
C HIS D 60 7.40 -17.09 1.01
N CYS D 61 8.72 -16.90 1.00
CA CYS D 61 9.54 -17.52 -0.02
C CYS D 61 10.19 -18.79 0.50
N PRO D 62 10.18 -19.87 -0.29
CA PRO D 62 10.83 -21.11 0.15
C PRO D 62 12.31 -20.94 0.41
N LYS D 63 13.05 -20.44 -0.58
CA LYS D 63 14.50 -20.34 -0.50
C LYS D 63 14.97 -19.40 0.60
N CYS D 64 14.72 -18.10 0.44
CA CYS D 64 15.28 -17.09 1.33
C CYS D 64 14.40 -16.77 2.53
N HIS D 65 13.32 -17.52 2.75
CA HIS D 65 12.48 -17.40 3.93
C HIS D 65 11.92 -15.99 4.12
N LEU D 66 11.88 -15.22 3.04
CA LEU D 66 11.39 -13.85 3.08
C LEU D 66 9.91 -13.81 3.47
N LEU D 67 9.61 -13.06 4.52
CA LEU D 67 8.23 -12.72 4.85
C LEU D 67 7.91 -11.39 4.20
N GLN D 68 6.99 -11.40 3.23
CA GLN D 68 6.70 -10.24 2.42
C GLN D 68 5.22 -9.88 2.50
N GLU D 69 4.90 -8.69 2.02
CA GLU D 69 3.53 -8.17 2.00
C GLU D 69 2.90 -8.45 0.64
N VAL D 70 1.71 -9.04 0.67
CA VAL D 70 0.94 -9.22 -0.55
C VAL D 70 0.50 -7.83 -1.02
N PRO D 71 0.84 -7.43 -2.25
CA PRO D 71 0.53 -6.07 -2.70
C PRO D 71 -0.97 -5.78 -2.66
N HIS D 72 -1.31 -4.51 -2.51
CA HIS D 72 -2.69 -4.09 -2.48
C HIS D 72 -3.27 -4.08 -3.89
N GLU D 73 -4.58 -4.32 -3.98
CA GLU D 73 -5.24 -4.39 -5.29
C GLU D 73 -5.15 -3.06 -6.01
N GLY D 74 -5.30 -1.95 -5.29
CA GLY D 74 -5.17 -0.63 -5.91
C GLY D 74 -3.80 -0.42 -6.51
N ASP D 75 -2.76 -0.91 -5.84
CA ASP D 75 -1.40 -0.78 -6.36
C ASP D 75 -1.26 -1.50 -7.70
N LEU D 76 -1.87 -2.68 -7.82
CA LEU D 76 -1.88 -3.39 -9.10
C LEU D 76 -2.56 -2.57 -10.17
N ASP D 77 -3.72 -1.98 -9.85
CA ASP D 77 -4.44 -1.15 -10.81
C ASP D 77 -3.58 0.01 -11.28
N ILE D 78 -2.76 0.57 -10.40
CA ILE D 78 -1.87 1.67 -10.81
C ILE D 78 -0.80 1.15 -11.75
N ILE D 79 -0.27 -0.04 -11.48
CA ILE D 79 0.80 -0.60 -12.31
C ILE D 79 0.30 -0.87 -13.72
N PHE D 80 -0.91 -1.44 -13.85
CA PHE D 80 -1.46 -1.70 -15.17
C PHE D 80 -1.97 -0.44 -15.85
N GLN D 81 -2.42 0.54 -15.07
CA GLN D 81 -2.78 1.84 -15.65
C GLN D 81 -1.54 2.57 -16.13
N ASP D 82 -0.42 2.43 -15.43
CA ASP D 82 0.83 3.06 -15.85
C ASP D 82 1.43 2.32 -17.05
N GLY D 83 1.19 1.02 -17.18
CA GLY D 83 1.74 0.25 -18.27
C GLY D 83 1.06 0.43 -19.60
N ALA D 84 -0.06 1.14 -19.64
CA ALA D 84 -0.80 1.34 -20.89
C ALA D 84 -0.64 2.76 -21.42
N THR D 85 0.58 3.18 -21.73
CA THR D 85 0.84 4.48 -22.33
C THR D 85 1.80 4.32 -23.50
N LYS D 86 1.83 5.33 -24.37
CA LYS D 86 2.68 5.37 -25.54
C LYS D 86 2.39 4.24 -26.51
N THR D 87 3.34 3.33 -26.70
CA THR D 87 3.22 2.35 -27.76
C THR D 87 3.75 0.99 -27.34
N PRO D 88 3.17 -0.09 -27.85
CA PRO D 88 3.85 -1.39 -27.82
C PRO D 88 4.76 -1.50 -29.04
N ASP D 89 5.58 -2.53 -29.06
CA ASP D 89 6.41 -2.73 -30.24
C ASP D 89 5.75 -3.71 -31.19
N VAL D 90 5.95 -3.47 -32.48
CA VAL D 90 5.19 -4.13 -33.51
C VAL D 90 5.93 -5.36 -34.06
N LYS D 91 6.96 -5.81 -33.36
CA LYS D 91 7.60 -7.10 -33.65
C LYS D 91 6.84 -8.17 -32.88
N LEU D 92 5.74 -8.63 -33.49
CA LEU D 92 4.82 -9.54 -32.81
C LEU D 92 4.39 -10.74 -33.63
N GLN D 93 4.52 -10.70 -34.96
CA GLN D 93 4.14 -11.86 -35.77
C GLN D 93 5.08 -13.01 -35.42
N ASN D 94 4.59 -13.93 -34.60
CA ASN D 94 5.40 -15.06 -34.12
C ASN D 94 4.64 -16.35 -34.45
N THR D 95 4.99 -16.97 -35.57
CA THR D 95 4.50 -18.29 -35.89
C THR D 95 5.45 -19.38 -35.38
N SER D 96 6.25 -19.07 -34.37
CA SER D 96 7.06 -20.05 -33.67
C SER D 96 6.57 -20.34 -32.27
N LEU D 97 5.86 -19.40 -31.63
CA LEU D 97 5.35 -19.62 -30.28
C LEU D 97 3.94 -19.08 -30.09
N TYR D 98 3.70 -17.82 -30.44
CA TYR D 98 2.43 -17.18 -30.09
C TYR D 98 1.92 -16.33 -31.25
N ASP D 99 0.71 -16.65 -31.71
CA ASP D 99 -0.01 -15.73 -32.58
C ASP D 99 -0.50 -14.53 -31.79
N SER D 100 -0.52 -13.37 -32.43
CA SER D 100 -0.88 -12.13 -31.77
C SER D 100 -1.98 -11.40 -32.56
N LYS D 101 -2.61 -10.45 -31.89
CA LYS D 101 -3.68 -9.65 -32.48
C LYS D 101 -3.83 -8.38 -31.66
N ILE D 102 -3.78 -7.23 -32.34
CA ILE D 102 -3.79 -5.94 -31.66
C ILE D 102 -5.17 -5.32 -31.78
N TRP D 103 -5.55 -4.57 -30.75
CA TRP D 103 -6.81 -3.84 -30.72
C TRP D 103 -6.51 -2.35 -30.65
N THR D 104 -7.40 -1.54 -31.21
CA THR D 104 -7.25 -0.10 -31.26
C THR D 104 -8.26 0.57 -30.34
N THR D 105 -7.83 1.65 -29.70
CA THR D 105 -8.57 2.34 -28.65
C THR D 105 -9.24 3.60 -29.22
N LYS D 106 -10.08 4.25 -28.39
CA LYS D 106 -10.44 5.64 -28.63
C LYS D 106 -10.99 6.27 -27.35
N ASN D 107 -10.84 7.60 -27.27
CA ASN D 107 -11.04 8.44 -26.08
C ASN D 107 -10.32 7.88 -24.87
N GLN D 108 -9.11 7.38 -25.11
CA GLN D 108 -8.09 7.21 -24.09
C GLN D 108 -6.88 8.00 -24.56
N LYS D 109 -5.66 7.59 -24.20
CA LYS D 109 -4.49 8.27 -24.72
C LYS D 109 -4.00 7.65 -26.03
N GLY D 110 -4.78 6.75 -26.62
CA GLY D 110 -4.36 6.06 -27.82
C GLY D 110 -3.51 4.84 -27.57
N ARG D 111 -3.58 4.26 -26.38
CA ARG D 111 -2.91 3.01 -26.09
C ARG D 111 -3.33 1.93 -27.09
N LYS D 112 -2.52 0.88 -27.18
CA LYS D 112 -2.80 -0.24 -28.05
C LYS D 112 -2.80 -1.52 -27.24
N VAL D 113 -3.88 -2.28 -27.35
CA VAL D 113 -4.04 -3.53 -26.61
C VAL D 113 -3.38 -4.65 -27.42
N ALA D 114 -2.38 -5.29 -26.83
CA ALA D 114 -1.66 -6.37 -27.47
C ALA D 114 -1.87 -7.65 -26.68
N VAL D 115 -2.41 -8.67 -27.33
CA VAL D 115 -2.65 -9.97 -26.70
C VAL D 115 -1.99 -11.03 -27.57
N HIS D 116 -1.23 -11.93 -26.95
CA HIS D 116 -0.51 -12.96 -27.65
C HIS D 116 -1.00 -14.32 -27.18
N PHE D 117 -1.33 -15.20 -28.13
CA PHE D 117 -1.91 -16.50 -27.85
C PHE D 117 -0.84 -17.58 -28.04
N VAL D 118 -0.36 -18.13 -26.93
CA VAL D 118 0.68 -19.15 -26.97
C VAL D 118 0.13 -20.41 -27.63
N LYS D 119 0.88 -20.93 -28.60
CA LYS D 119 0.45 -22.09 -29.37
C LYS D 119 0.91 -23.38 -28.70
N ASN D 120 -0.01 -24.33 -28.59
CA ASN D 120 0.26 -25.63 -27.98
C ASN D 120 0.78 -26.56 -29.08
N ASN D 121 2.11 -26.69 -29.15
CA ASN D 121 2.77 -27.60 -30.09
C ASN D 121 2.41 -27.28 -31.54
N GLY D 122 2.34 -25.99 -31.86
CA GLY D 122 2.09 -25.57 -33.23
C GLY D 122 0.71 -25.01 -33.47
N ILE D 123 -0.31 -25.67 -32.92
CA ILE D 123 -1.69 -25.26 -33.13
C ILE D 123 -2.12 -24.33 -32.01
N LEU D 124 -3.23 -23.61 -32.25
CA LEU D 124 -3.80 -22.73 -31.23
C LEU D 124 -4.88 -23.48 -30.45
N PRO D 125 -4.85 -23.45 -29.12
CA PRO D 125 -5.80 -24.26 -28.34
C PRO D 125 -7.13 -23.56 -28.12
N LEU D 126 -7.99 -24.19 -27.33
CA LEU D 126 -9.21 -23.56 -26.86
C LEU D 126 -8.92 -22.73 -25.61
N SER D 127 -9.96 -22.05 -25.12
CA SER D 127 -9.76 -20.97 -24.16
C SER D 127 -9.13 -21.47 -22.85
N ASN D 128 -9.75 -22.48 -22.21
CA ASN D 128 -9.37 -22.87 -20.87
C ASN D 128 -8.26 -23.93 -20.82
N GLU D 129 -7.49 -24.07 -21.91
CA GLU D 129 -6.16 -24.67 -21.86
C GLU D 129 -5.17 -23.80 -22.63
N CYS D 130 -5.35 -22.49 -22.59
CA CYS D 130 -4.58 -21.53 -23.36
C CYS D 130 -3.73 -20.68 -22.43
N LEU D 131 -2.64 -20.15 -22.97
CA LEU D 131 -1.75 -19.24 -22.24
C LEU D 131 -1.81 -17.88 -22.90
N LEU D 132 -2.20 -16.87 -22.13
CA LEU D 132 -2.32 -15.50 -22.61
C LEU D 132 -1.13 -14.66 -22.18
N LEU D 133 -0.79 -13.69 -23.02
CA LEU D 133 0.26 -12.71 -22.72
C LEU D 133 -0.28 -11.36 -23.18
N ILE D 134 -0.86 -10.58 -22.25
CA ILE D 134 -1.49 -9.30 -22.59
C ILE D 134 -0.50 -8.18 -22.37
N GLU D 135 -0.53 -7.20 -23.26
CA GLU D 135 0.30 -5.99 -23.17
C GLU D 135 -0.61 -4.79 -23.01
N GLY D 136 -0.29 -3.93 -22.04
CA GLY D 136 -1.09 -2.75 -21.83
C GLY D 136 -2.49 -3.00 -21.32
N GLY D 137 -2.76 -4.18 -20.76
CA GLY D 137 -4.05 -4.44 -20.16
C GLY D 137 -4.22 -3.75 -18.83
N THR D 138 -5.47 -3.59 -18.42
CA THR D 138 -5.81 -2.99 -17.14
C THR D 138 -6.31 -4.07 -16.19
N LEU D 139 -6.11 -3.83 -14.89
CA LEU D 139 -6.45 -4.83 -13.88
C LEU D 139 -7.90 -5.28 -14.01
N SER D 140 -8.80 -4.37 -14.35
CA SER D 140 -10.20 -4.73 -14.58
C SER D 140 -10.32 -5.73 -15.72
N GLU D 141 -9.58 -5.50 -16.81
CA GLU D 141 -9.65 -6.40 -17.95
C GLU D 141 -8.88 -7.70 -17.71
N ILE D 142 -7.82 -7.64 -16.91
CA ILE D 142 -7.08 -8.87 -16.58
C ILE D 142 -7.93 -9.77 -15.70
N CYS D 143 -8.73 -9.18 -14.81
CA CYS D 143 -9.60 -9.98 -13.94
C CYS D 143 -10.58 -10.81 -14.76
N LYS D 144 -11.23 -10.19 -15.74
CA LYS D 144 -12.18 -10.89 -16.62
C LYS D 144 -11.47 -11.87 -17.55
N LEU D 145 -10.31 -11.46 -18.08
CA LEU D 145 -9.51 -12.35 -18.91
C LEU D 145 -9.12 -13.61 -18.16
N SER D 146 -8.95 -13.52 -16.84
CA SER D 146 -8.63 -14.69 -16.03
C SER D 146 -9.82 -15.61 -15.80
N ASN D 147 -11.04 -15.18 -16.14
CA ASN D 147 -12.22 -16.00 -15.90
C ASN D 147 -12.70 -16.75 -17.14
N LYS D 148 -12.10 -16.51 -18.31
CA LYS D 148 -12.41 -17.24 -19.53
C LYS D 148 -11.17 -17.82 -20.21
N PHE D 149 -9.98 -17.58 -19.67
CA PHE D 149 -8.76 -18.21 -20.14
C PHE D 149 -8.11 -18.98 -18.98
N ASN D 150 -7.30 -19.97 -19.35
CA ASN D 150 -6.65 -20.81 -18.34
C ASN D 150 -5.64 -20.02 -17.53
N SER D 151 -4.77 -19.27 -18.20
CA SER D 151 -3.74 -18.50 -17.52
C SER D 151 -3.48 -17.21 -18.29
N VAL D 152 -3.30 -16.13 -17.54
CA VAL D 152 -2.99 -14.81 -18.10
C VAL D 152 -1.64 -14.38 -17.55
N ILE D 153 -0.77 -13.87 -18.42
CA ILE D 153 0.55 -13.42 -18.00
C ILE D 153 0.78 -12.00 -18.48
N PRO D 154 0.86 -11.02 -17.59
CA PRO D 154 1.19 -9.65 -18.02
C PRO D 154 2.63 -9.57 -18.47
N VAL D 155 2.85 -8.92 -19.61
CA VAL D 155 4.19 -8.80 -20.19
C VAL D 155 4.36 -7.40 -20.75
N ARG D 156 5.57 -6.87 -20.63
CA ARG D 156 5.97 -5.68 -21.34
C ARG D 156 6.71 -6.08 -22.61
N SER D 157 7.16 -5.09 -23.37
CA SER D 157 7.85 -5.36 -24.63
C SER D 157 9.07 -4.44 -24.73
N GLY D 158 10.24 -4.97 -24.39
CA GLY D 158 11.49 -4.36 -24.78
C GLY D 158 11.84 -4.73 -26.20
N HIS D 159 13.10 -4.53 -26.54
CA HIS D 159 13.59 -4.93 -27.86
C HIS D 159 14.43 -6.19 -27.80
N GLU D 160 14.54 -6.82 -26.63
CA GLU D 160 14.98 -8.21 -26.51
C GLU D 160 13.79 -9.15 -26.46
N ASP D 161 12.84 -9.03 -27.40
CA ASP D 161 11.61 -9.81 -27.42
C ASP D 161 10.66 -9.34 -26.31
N LEU D 162 9.64 -10.12 -26.00
CA LEU D 162 8.74 -9.79 -24.90
C LEU D 162 9.38 -10.13 -23.57
N GLU D 163 9.04 -9.34 -22.56
CA GLU D 163 9.57 -9.53 -21.21
C GLU D 163 8.46 -9.31 -20.20
N LEU D 164 8.69 -9.74 -18.97
CA LEU D 164 7.72 -9.60 -17.91
C LEU D 164 7.77 -8.21 -17.29
N LEU D 165 6.74 -7.88 -16.53
CA LEU D 165 6.75 -6.67 -15.73
C LEU D 165 7.59 -6.87 -14.47
N ASP D 166 7.77 -5.78 -13.73
CA ASP D 166 8.43 -5.88 -12.44
C ASP D 166 7.65 -6.85 -11.55
N LEU D 167 8.38 -7.63 -10.76
CA LEU D 167 7.74 -8.67 -9.97
C LEU D 167 6.91 -8.13 -8.81
N SER D 168 6.64 -6.82 -8.76
CA SER D 168 5.57 -6.32 -7.92
C SER D 168 4.21 -6.63 -8.53
N ALA D 169 4.15 -6.69 -9.87
CA ALA D 169 3.03 -7.23 -10.62
C ALA D 169 3.18 -8.74 -10.74
N PRO D 170 2.08 -9.49 -10.78
CA PRO D 170 2.19 -10.95 -10.82
C PRO D 170 2.82 -11.44 -12.11
N PHE D 171 3.47 -12.60 -12.03
CA PHE D 171 4.03 -13.25 -13.22
C PHE D 171 3.05 -14.21 -13.86
N LEU D 172 1.94 -14.53 -13.19
CA LEU D 172 0.95 -15.47 -13.71
C LEU D 172 -0.35 -15.25 -12.97
N ILE D 173 -1.46 -15.18 -13.72
CA ILE D 173 -2.81 -15.15 -13.16
C ILE D 173 -3.54 -16.37 -13.69
N GLN D 174 -4.17 -17.12 -12.77
CA GLN D 174 -4.86 -18.36 -13.12
C GLN D 174 -6.21 -18.34 -12.39
N GLY D 175 -7.20 -17.71 -13.01
CA GLY D 175 -8.53 -17.63 -12.45
C GLY D 175 -8.63 -16.74 -11.24
N THR D 176 -8.36 -17.31 -10.05
CA THR D 176 -8.46 -16.61 -8.79
C THR D 176 -7.12 -16.24 -8.19
N ILE D 177 -6.02 -16.81 -8.68
CA ILE D 177 -4.74 -16.80 -7.99
C ILE D 177 -3.77 -15.92 -8.76
N HIS D 178 -3.28 -14.87 -8.10
CA HIS D 178 -2.17 -14.08 -8.61
C HIS D 178 -0.87 -14.70 -8.11
N HIS D 179 0.01 -15.07 -9.02
CA HIS D 179 1.26 -15.72 -8.68
C HIS D 179 2.39 -14.71 -8.70
N TYR D 180 3.12 -14.62 -7.59
CA TYR D 180 4.21 -13.68 -7.45
C TYR D 180 5.55 -14.42 -7.41
N GLY D 181 6.59 -13.70 -7.78
CA GLY D 181 7.94 -14.23 -7.71
C GLY D 181 8.78 -13.43 -6.72
N CYS D 182 9.63 -14.13 -5.98
CA CYS D 182 10.56 -13.46 -5.09
C CYS D 182 11.55 -12.63 -5.91
N LYS D 183 11.74 -11.38 -5.50
CA LYS D 183 12.62 -10.49 -6.25
C LYS D 183 14.09 -10.81 -5.99
N GLN D 184 14.42 -11.19 -4.76
CA GLN D 184 15.83 -11.41 -4.41
C GLN D 184 16.35 -12.73 -4.95
N CYS D 185 15.54 -13.79 -4.94
CA CYS D 185 16.01 -15.13 -5.27
C CYS D 185 15.43 -15.64 -6.59
N SER D 186 15.36 -14.77 -7.61
CA SER D 186 14.91 -15.19 -8.92
C SER D 186 15.52 -14.28 -9.98
N SER D 187 16.19 -14.88 -10.96
CA SER D 187 16.79 -14.16 -12.08
C SER D 187 16.04 -14.56 -13.35
N LEU D 188 15.50 -13.56 -14.04
CA LEU D 188 14.49 -13.81 -15.08
C LEU D 188 15.12 -14.38 -16.35
N ARG D 189 14.54 -15.47 -16.84
CA ARG D 189 14.66 -15.84 -18.25
C ARG D 189 13.47 -15.26 -18.99
N SER D 190 13.72 -14.75 -20.20
CA SER D 190 12.64 -14.09 -20.93
C SER D 190 11.69 -15.14 -21.53
N ILE D 191 10.52 -14.65 -21.93
CA ILE D 191 9.34 -15.48 -22.11
C ILE D 191 9.39 -16.36 -23.35
N GLN D 192 10.43 -16.20 -24.17
CA GLN D 192 10.60 -17.16 -25.26
C GLN D 192 11.22 -18.46 -24.80
N ASN D 193 11.63 -18.55 -23.53
CA ASN D 193 12.00 -19.81 -22.92
C ASN D 193 10.79 -20.65 -22.53
N LEU D 194 9.58 -20.19 -22.82
CA LEU D 194 8.40 -21.01 -22.59
C LEU D 194 8.31 -22.16 -23.60
N ASN D 195 8.93 -22.00 -24.77
CA ASN D 195 9.05 -23.11 -25.72
C ASN D 195 9.73 -24.31 -25.09
N SER D 196 10.51 -24.09 -24.02
CA SER D 196 11.07 -25.19 -23.25
C SER D 196 10.02 -26.24 -22.88
N LEU D 197 8.76 -25.85 -22.69
CA LEU D 197 7.82 -26.70 -21.96
C LEU D 197 7.44 -27.95 -22.75
N VAL D 198 7.70 -29.13 -22.18
CA VAL D 198 7.26 -30.37 -22.82
C VAL D 198 5.76 -30.59 -22.69
N ASP D 199 5.07 -29.79 -21.88
CA ASP D 199 3.65 -29.96 -21.60
C ASP D 199 3.02 -28.57 -21.74
N LYS D 200 2.59 -28.24 -22.95
CA LYS D 200 1.95 -26.96 -23.22
C LYS D 200 0.43 -27.06 -23.20
N THR D 201 -0.11 -28.17 -22.71
CA THR D 201 -1.55 -28.29 -22.47
C THR D 201 -1.87 -27.73 -21.08
N SER D 202 -1.38 -28.40 -20.05
CA SER D 202 -1.49 -27.88 -18.69
C SER D 202 -0.37 -26.90 -18.43
N TRP D 203 -0.71 -25.77 -17.80
CA TRP D 203 0.26 -24.75 -17.43
C TRP D 203 0.41 -24.80 -15.92
N ILE D 204 1.31 -25.66 -15.45
CA ILE D 204 1.62 -25.74 -14.03
C ILE D 204 2.32 -24.44 -13.64
N PRO D 205 1.82 -23.70 -12.65
CA PRO D 205 2.47 -22.43 -12.29
C PRO D 205 3.94 -22.58 -11.94
N SER D 206 4.33 -23.70 -11.35
CA SER D 206 5.74 -23.91 -11.05
C SER D 206 6.54 -24.24 -12.31
N SER D 207 5.89 -24.80 -13.33
CA SER D 207 6.58 -25.09 -14.58
C SER D 207 6.78 -23.84 -15.43
N VAL D 208 5.82 -22.90 -15.38
CA VAL D 208 6.02 -21.62 -16.04
C VAL D 208 7.07 -20.80 -15.28
N ALA D 209 7.03 -20.87 -13.94
CA ALA D 209 8.00 -20.15 -13.13
C ALA D 209 9.43 -20.64 -13.40
N GLU D 210 9.61 -21.97 -13.46
CA GLU D 210 10.93 -22.52 -13.77
C GLU D 210 11.42 -22.06 -15.13
N ALA D 211 10.55 -22.09 -16.14
CA ALA D 211 10.95 -21.70 -17.49
C ALA D 211 11.33 -20.22 -17.56
N LEU D 212 10.70 -19.38 -16.75
CA LEU D 212 11.00 -17.96 -16.73
C LEU D 212 12.07 -17.59 -15.70
N GLY D 213 12.62 -18.57 -14.99
CA GLY D 213 13.63 -18.29 -13.99
C GLY D 213 13.11 -17.71 -12.70
N ILE D 214 11.80 -17.81 -12.46
CA ILE D 214 11.16 -17.20 -11.30
C ILE D 214 10.99 -18.26 -10.23
N VAL D 215 11.35 -17.91 -8.99
CA VAL D 215 11.04 -18.73 -7.82
C VAL D 215 9.75 -18.20 -7.22
N PRO D 216 8.66 -18.96 -7.18
CA PRO D 216 7.38 -18.40 -6.79
C PRO D 216 7.27 -18.20 -5.28
N LEU D 217 6.70 -17.05 -4.91
CA LEU D 217 6.35 -16.82 -3.52
C LEU D 217 5.13 -17.67 -3.15
N GLN D 218 5.08 -18.06 -1.88
CA GLN D 218 3.98 -18.86 -1.37
C GLN D 218 3.10 -18.02 -0.46
N TYR D 219 1.79 -18.19 -0.63
CA TYR D 219 0.83 -17.55 0.26
C TYR D 219 0.75 -18.30 1.57
N VAL D 220 0.79 -17.57 2.69
CA VAL D 220 0.72 -18.17 4.01
C VAL D 220 -0.17 -17.33 4.91
N PHE D 221 -0.72 -17.98 5.93
CA PHE D 221 -1.49 -17.33 6.98
C PHE D 221 -0.56 -17.12 8.18
N VAL D 222 0.04 -15.94 8.26
CA VAL D 222 0.93 -15.60 9.36
C VAL D 222 0.10 -15.09 10.52
N MET D 223 0.29 -15.69 11.70
CA MET D 223 -0.50 -15.35 12.87
C MET D 223 0.34 -15.52 14.13
N THR D 224 0.00 -14.77 15.16
CA THR D 224 0.60 -14.88 16.48
C THR D 224 -0.50 -15.34 17.44
N PHE D 225 -0.46 -16.61 17.83
CA PHE D 225 -1.43 -17.17 18.75
C PHE D 225 -0.91 -17.05 20.18
N THR D 226 -1.83 -16.98 21.12
CA THR D 226 -1.50 -16.93 22.55
C THR D 226 -2.45 -17.87 23.29
N LEU D 227 -1.87 -18.88 23.93
CA LEU D 227 -2.65 -19.95 24.55
C LEU D 227 -2.24 -20.14 26.00
N ASP D 228 -3.15 -20.76 26.77
CA ASP D 228 -2.82 -21.26 28.09
C ASP D 228 -3.87 -22.29 28.49
N ASP D 229 -3.41 -23.46 28.92
CA ASP D 229 -4.28 -24.52 29.41
C ASP D 229 -4.71 -24.32 30.86
N GLY D 230 -4.30 -23.22 31.48
CA GLY D 230 -4.53 -22.98 32.89
C GLY D 230 -3.27 -22.92 33.73
N THR D 231 -2.09 -23.17 33.17
CA THR D 231 -0.85 -23.17 33.93
C THR D 231 0.25 -22.32 33.34
N GLY D 232 0.06 -21.72 32.16
CA GLY D 232 1.11 -20.92 31.59
C GLY D 232 0.84 -20.28 30.24
N VAL D 233 1.01 -18.95 30.19
CA VAL D 233 0.98 -18.23 28.91
C VAL D 233 2.02 -18.84 27.97
N LEU D 234 1.67 -18.92 26.69
CA LEU D 234 2.65 -19.28 25.67
C LEU D 234 2.13 -18.81 24.32
N GLU D 235 2.98 -18.11 23.57
CA GLU D 235 2.64 -17.67 22.22
C GLU D 235 3.43 -18.49 21.21
N ALA D 236 2.72 -19.17 20.33
CA ALA D 236 3.30 -19.91 19.21
C ALA D 236 2.69 -19.40 17.92
N TYR D 237 3.54 -19.15 16.93
CA TYR D 237 3.09 -18.55 15.69
C TYR D 237 2.30 -19.56 14.86
N LEU D 238 1.84 -19.11 13.71
CA LEU D 238 1.18 -19.98 12.74
C LEU D 238 1.54 -19.47 11.35
N MET D 239 1.96 -20.39 10.47
CA MET D 239 2.37 -20.05 9.11
C MET D 239 1.84 -21.14 8.18
N ASP D 240 0.54 -21.10 7.94
CA ASP D 240 -0.17 -22.15 7.25
C ASP D 240 -0.60 -21.67 5.87
N SER D 241 -0.69 -22.62 4.92
CA SER D 241 -1.08 -22.31 3.55
C SER D 241 -2.56 -22.64 3.30
N ASP D 242 -2.92 -23.92 3.34
CA ASP D 242 -4.32 -24.32 3.21
C ASP D 242 -4.56 -25.58 4.03
N LYS D 243 -3.92 -25.64 5.19
CA LYS D 243 -3.96 -26.79 6.09
C LYS D 243 -4.82 -26.57 7.32
N PHE D 244 -4.63 -25.45 8.00
CA PHE D 244 -5.25 -25.20 9.30
C PHE D 244 -6.68 -24.67 9.19
N PHE D 245 -7.05 -24.05 8.07
CA PHE D 245 -8.32 -23.36 7.96
C PHE D 245 -9.30 -24.04 7.01
N GLN D 246 -8.90 -25.12 6.36
CA GLN D 246 -9.67 -25.70 5.24
C GLN D 246 -9.84 -24.67 4.13
N ILE D 247 -8.89 -23.75 4.01
CA ILE D 247 -9.00 -22.59 3.13
C ILE D 247 -7.62 -22.21 2.62
N PRO D 248 -7.45 -22.03 1.31
CA PRO D 248 -6.14 -21.68 0.77
C PRO D 248 -5.79 -20.22 0.96
N ALA D 249 -4.54 -19.99 1.40
CA ALA D 249 -4.04 -18.62 1.48
C ALA D 249 -3.89 -18.00 0.10
N SER D 250 -3.71 -18.82 -0.93
CA SER D 250 -3.58 -18.31 -2.29
C SER D 250 -4.89 -17.76 -2.83
N GLU D 251 -6.03 -18.13 -2.24
CA GLU D 251 -7.33 -17.80 -2.78
C GLU D 251 -8.06 -16.71 -2.00
N VAL D 252 -7.77 -16.58 -0.70
CA VAL D 252 -8.69 -15.89 0.20
C VAL D 252 -8.77 -14.40 -0.09
N LEU D 253 -7.71 -13.79 -0.61
CA LEU D 253 -7.76 -12.36 -0.87
C LEU D 253 -8.56 -11.99 -2.11
N MET D 254 -9.16 -12.98 -2.80
CA MET D 254 -9.91 -12.74 -4.01
C MET D 254 -11.36 -13.21 -3.90
N ASP D 255 -11.82 -13.56 -2.71
CA ASP D 255 -13.13 -14.18 -2.55
C ASP D 255 -13.67 -13.81 -1.17
N ASP D 256 -14.81 -13.12 -1.15
CA ASP D 256 -15.46 -12.78 0.11
C ASP D 256 -15.86 -14.03 0.88
N ASP D 257 -16.26 -15.09 0.18
CA ASP D 257 -16.73 -16.31 0.84
C ASP D 257 -15.65 -16.95 1.69
N LEU D 258 -14.40 -16.87 1.27
CA LEU D 258 -13.32 -17.48 2.03
C LEU D 258 -12.88 -16.60 3.19
N GLN D 259 -12.97 -15.28 3.04
CA GLN D 259 -12.61 -14.38 4.14
C GLN D 259 -13.65 -14.42 5.26
N LYS D 260 -14.93 -14.48 4.89
CA LYS D 260 -15.98 -14.54 5.88
C LYS D 260 -15.84 -15.77 6.76
N SER D 261 -15.40 -16.89 6.18
CA SER D 261 -15.35 -18.11 6.96
C SER D 261 -14.24 -18.06 7.99
N VAL D 262 -13.05 -17.58 7.61
CA VAL D 262 -11.96 -17.49 8.58
C VAL D 262 -12.28 -16.46 9.65
N ASP D 263 -13.05 -15.42 9.31
CA ASP D 263 -13.54 -14.50 10.32
C ASP D 263 -14.41 -15.24 11.34
N MET D 264 -15.35 -16.04 10.86
CA MET D 264 -16.25 -16.76 11.77
C MET D 264 -15.59 -18.00 12.37
N ILE D 265 -14.63 -18.61 11.67
CA ILE D 265 -13.85 -19.68 12.29
C ILE D 265 -13.05 -19.11 13.46
N MET D 266 -12.38 -17.98 13.23
CA MET D 266 -11.68 -17.31 14.32
C MET D 266 -12.66 -16.71 15.33
N ASP D 267 -13.88 -16.39 14.90
CA ASP D 267 -14.87 -15.86 15.83
C ASP D 267 -15.37 -16.94 16.77
N MET D 268 -15.73 -18.11 16.23
CA MET D 268 -16.09 -19.21 17.11
C MET D 268 -14.87 -19.70 17.89
N PHE D 269 -13.69 -19.62 17.29
CA PHE D 269 -12.44 -19.84 18.01
C PHE D 269 -12.39 -18.99 19.29
N CYS D 270 -12.43 -17.67 19.14
CA CYS D 270 -12.36 -16.71 20.24
C CYS D 270 -13.60 -15.83 20.18
N PRO D 271 -14.72 -16.29 20.75
CA PRO D 271 -15.98 -15.53 20.66
C PRO D 271 -15.93 -14.25 21.46
N PRO D 272 -16.23 -13.11 20.82
CA PRO D 272 -16.42 -11.87 21.58
C PRO D 272 -17.73 -11.91 22.35
N GLY D 273 -17.64 -11.70 23.66
CA GLY D 273 -18.82 -11.68 24.50
C GLY D 273 -18.68 -12.55 25.74
N ILE D 274 -17.59 -13.30 25.84
CA ILE D 274 -17.30 -14.08 27.05
C ILE D 274 -15.81 -13.92 27.38
N LYS D 275 -15.21 -14.96 27.95
CA LYS D 275 -13.79 -14.95 28.32
C LYS D 275 -13.29 -16.39 28.30
N ILE D 276 -12.13 -16.62 28.93
CA ILE D 276 -11.39 -17.87 28.80
C ILE D 276 -12.20 -19.06 29.28
N ASP D 277 -13.08 -18.85 30.26
CA ASP D 277 -13.94 -19.93 30.73
C ASP D 277 -14.69 -20.58 29.57
N ALA D 278 -15.36 -19.77 28.75
CA ALA D 278 -16.14 -20.34 27.65
C ALA D 278 -15.43 -20.31 26.31
N TYR D 279 -14.22 -19.75 26.24
CA TYR D 279 -13.38 -19.99 25.08
C TYR D 279 -13.13 -21.49 24.99
N PRO D 280 -13.48 -22.16 23.89
CA PRO D 280 -13.39 -23.62 23.86
C PRO D 280 -11.96 -24.12 23.79
N TRP D 281 -11.81 -25.40 24.13
CA TRP D 281 -10.53 -26.10 24.01
C TRP D 281 -10.19 -26.37 22.57
N LEU D 282 -8.92 -26.19 22.20
CA LEU D 282 -8.41 -26.48 20.87
C LEU D 282 -7.05 -27.17 20.99
N GLU D 283 -7.00 -28.46 20.62
CA GLU D 283 -5.82 -29.31 20.78
C GLU D 283 -4.98 -29.29 19.51
N CYS D 284 -3.69 -28.95 19.64
CA CYS D 284 -2.82 -28.76 18.48
C CYS D 284 -1.45 -29.40 18.73
N PHE D 285 -0.65 -29.46 17.66
CA PHE D 285 0.71 -29.98 17.72
C PHE D 285 1.69 -28.83 17.46
N ILE D 286 2.61 -28.61 18.39
CA ILE D 286 3.56 -27.51 18.29
C ILE D 286 4.98 -28.05 18.34
N LYS D 287 5.91 -27.21 17.89
CA LYS D 287 7.34 -27.45 18.05
C LYS D 287 7.98 -26.18 18.58
N SER D 288 9.19 -26.32 19.14
CA SER D 288 9.94 -25.19 19.66
C SER D 288 11.31 -25.12 18.99
N TYR D 289 11.89 -23.93 19.06
CA TYR D 289 13.20 -23.67 18.47
C TYR D 289 13.77 -22.43 19.15
N ASN D 290 15.09 -22.44 19.36
CA ASN D 290 15.81 -21.27 19.85
C ASN D 290 16.26 -20.44 18.63
N VAL D 291 16.00 -19.13 18.68
CA VAL D 291 16.31 -18.24 17.57
C VAL D 291 17.42 -17.28 18.00
N THR D 292 18.45 -17.17 17.16
CA THR D 292 19.61 -16.32 17.42
C THR D 292 19.32 -14.95 16.81
N ASN D 293 18.94 -13.98 17.64
CA ASN D 293 18.71 -12.61 17.19
C ASN D 293 19.92 -11.73 17.41
N GLY D 294 21.10 -12.33 17.55
CA GLY D 294 22.33 -11.57 17.75
C GLY D 294 23.09 -12.00 18.99
N THR D 295 22.93 -11.24 20.08
CA THR D 295 23.67 -11.53 21.31
C THR D 295 23.01 -12.65 22.11
N ASP D 296 21.70 -12.54 22.33
CA ASP D 296 21.00 -13.41 23.26
C ASP D 296 20.53 -14.70 22.59
N ASN D 297 19.42 -15.25 23.11
CA ASN D 297 18.87 -16.51 22.59
C ASN D 297 17.40 -16.53 22.99
N GLN D 298 16.55 -15.97 22.14
CA GLN D 298 15.12 -16.03 22.36
C GLN D 298 14.56 -17.33 21.79
N ILE D 299 13.55 -17.85 22.48
CA ILE D 299 12.99 -19.16 22.20
C ILE D 299 11.51 -18.98 21.89
N CYS D 300 11.11 -19.30 20.67
CA CYS D 300 9.71 -19.23 20.28
C CYS D 300 9.25 -20.56 19.72
N TYR D 301 7.94 -20.63 19.50
CA TYR D 301 7.24 -21.87 19.24
C TYR D 301 6.37 -21.65 18.01
N GLN D 302 5.90 -22.75 17.42
CA GLN D 302 5.18 -22.65 16.16
C GLN D 302 4.13 -23.75 16.09
N ILE D 303 3.00 -23.44 15.46
CA ILE D 303 1.98 -24.45 15.16
C ILE D 303 2.24 -25.01 13.77
N PHE D 304 2.38 -26.33 13.69
CA PHE D 304 2.28 -27.01 12.42
C PHE D 304 1.56 -28.33 12.60
N ASP D 305 1.02 -28.84 11.50
CA ASP D 305 0.39 -30.15 11.46
C ASP D 305 -0.69 -30.29 12.52
N THR D 306 -1.69 -29.40 12.44
CA THR D 306 -2.99 -29.53 13.10
C THR D 306 -3.95 -28.57 12.40
N THR D 307 -5.22 -28.96 12.31
CA THR D 307 -6.22 -28.24 11.52
C THR D 307 -7.48 -28.01 12.35
N VAL D 308 -8.47 -27.38 11.71
CA VAL D 308 -9.76 -27.08 12.35
C VAL D 308 -10.69 -28.27 12.17
N ALA D 309 -11.34 -28.69 13.25
CA ALA D 309 -12.30 -29.78 13.19
C ALA D 309 -13.52 -29.37 12.37
N GLU D 310 -13.99 -30.29 11.53
CA GLU D 310 -15.10 -30.00 10.63
C GLU D 310 -16.37 -29.67 11.41
N ASP D 311 -16.82 -28.42 11.32
CA ASP D 311 -17.96 -27.94 12.08
C ASP D 311 -18.90 -27.15 11.19
N VAL D 312 -18.33 -26.48 10.20
CA VAL D 312 -19.08 -25.56 9.37
C VAL D 312 -18.74 -25.75 7.89
N SER E 9 23.38 -29.64 25.45
CA SER E 9 24.66 -29.23 24.90
C SER E 9 24.92 -29.91 23.56
N LEU E 10 24.45 -31.15 23.42
CA LEU E 10 24.49 -31.78 22.10
C LEU E 10 23.70 -30.98 21.08
N SER E 11 22.68 -30.26 21.54
CA SER E 11 22.05 -29.24 20.70
C SER E 11 23.09 -28.23 20.22
N GLN E 12 23.85 -27.67 21.15
CA GLN E 12 24.92 -26.74 20.81
C GLN E 12 26.14 -27.44 20.24
N LEU E 13 26.35 -28.71 20.56
CA LEU E 13 27.43 -29.47 19.94
C LEU E 13 27.29 -29.47 18.42
N LEU E 14 26.07 -29.61 17.92
CA LEU E 14 25.86 -29.66 16.48
C LEU E 14 26.18 -28.32 15.83
N ASP E 15 25.83 -27.22 16.49
CA ASP E 15 26.09 -25.90 15.91
C ASP E 15 27.58 -25.71 15.63
N GLU E 16 28.42 -25.97 16.63
CA GLU E 16 29.87 -25.82 16.48
C GLU E 16 30.44 -27.11 15.88
N MET E 17 30.18 -27.28 14.58
CA MET E 17 30.64 -28.41 13.79
C MET E 17 30.37 -28.07 12.32
N ARG E 18 31.13 -28.72 11.44
CA ARG E 18 31.02 -28.46 10.01
C ARG E 18 29.65 -28.93 9.52
N GLU E 19 28.81 -27.98 9.10
CA GLU E 19 27.48 -28.29 8.58
C GLU E 19 27.55 -29.33 7.48
N ASP E 20 28.58 -29.25 6.65
CA ASP E 20 28.72 -30.17 5.51
C ASP E 20 28.59 -31.62 5.97
N GLN E 21 29.24 -31.98 7.07
CA GLN E 21 29.35 -33.37 7.48
C GLN E 21 28.17 -33.85 8.33
N GLU E 22 27.58 -32.97 9.15
CA GLU E 22 26.34 -33.34 9.81
C GLU E 22 25.23 -33.58 8.79
N HIS E 23 25.18 -32.75 7.75
CA HIS E 23 24.31 -33.02 6.62
C HIS E 23 24.79 -34.26 5.86
N GLN E 24 26.08 -34.30 5.52
CA GLN E 24 26.67 -35.50 4.93
C GLN E 24 26.39 -36.74 5.78
N GLY E 25 26.69 -36.69 7.08
CA GLY E 25 26.66 -37.91 7.89
C GLY E 25 25.27 -38.41 8.18
N ALA E 26 24.30 -37.50 8.25
CA ALA E 26 22.92 -37.90 8.51
C ALA E 26 22.17 -38.33 7.25
N LEU E 27 22.80 -38.20 6.07
CA LEU E 27 22.14 -38.55 4.82
C LEU E 27 22.43 -39.99 4.40
N VAL E 28 23.70 -40.39 4.39
CA VAL E 28 24.12 -41.73 3.99
C VAL E 28 23.67 -42.76 5.01
N CYS E 29 22.93 -42.29 6.01
CA CYS E 29 22.80 -42.90 7.33
C CYS E 29 21.39 -43.39 7.60
N LEU E 30 20.42 -42.50 7.42
CA LEU E 30 19.05 -42.94 7.15
C LEU E 30 18.98 -43.74 5.87
N ALA E 31 19.89 -43.48 4.92
CA ALA E 31 19.90 -44.24 3.67
C ALA E 31 20.36 -45.67 3.90
N GLU E 32 21.39 -45.87 4.71
CA GLU E 32 21.77 -47.23 5.08
C GLU E 32 20.82 -47.83 6.10
N SER E 33 20.05 -46.99 6.80
CA SER E 33 18.94 -47.51 7.59
C SER E 33 17.91 -48.23 6.74
N CYS E 34 17.73 -47.82 5.48
CA CYS E 34 16.69 -48.38 4.63
C CYS E 34 17.15 -49.58 3.83
N LEU E 35 18.44 -49.69 3.53
CA LEU E 35 18.94 -50.81 2.75
C LEU E 35 19.06 -52.06 3.63
N THR E 36 18.92 -53.22 2.99
CA THR E 36 19.15 -54.51 3.63
C THR E 36 20.35 -55.13 2.91
N LEU E 37 21.54 -54.77 3.33
CA LEU E 37 22.77 -55.28 2.73
C LEU E 37 23.27 -56.53 3.43
N GLU E 38 22.54 -57.04 4.42
CA GLU E 38 22.93 -58.23 5.18
C GLU E 38 22.08 -59.42 4.69
N GLY E 39 22.60 -60.11 3.67
CA GLY E 39 21.98 -61.32 3.19
C GLY E 39 20.81 -61.07 2.26
N PRO E 40 19.74 -61.87 2.41
CA PRO E 40 18.57 -61.71 1.53
C PRO E 40 17.78 -60.47 1.91
N CYS E 41 17.60 -59.58 0.94
CA CYS E 41 16.82 -58.37 1.20
C CYS E 41 15.34 -58.70 1.31
N THR E 42 14.64 -57.94 2.15
CA THR E 42 13.30 -58.30 2.57
C THR E 42 12.29 -58.16 1.42
N ALA E 43 11.03 -58.48 1.72
CA ALA E 43 9.95 -58.47 0.76
C ALA E 43 9.05 -57.27 0.98
N PRO E 44 8.73 -56.51 -0.06
CA PRO E 44 7.93 -55.29 0.11
C PRO E 44 6.51 -55.62 0.55
N PRO E 45 5.82 -54.66 1.17
CA PRO E 45 4.44 -54.92 1.61
C PRO E 45 3.46 -54.83 0.45
N VAL E 46 2.33 -55.52 0.62
CA VAL E 46 1.26 -55.53 -0.36
C VAL E 46 -0.05 -55.21 0.34
N THR E 47 -0.84 -54.33 -0.26
CA THR E 47 -2.19 -54.02 0.21
C THR E 47 -3.20 -54.85 -0.58
N HIS E 48 -4.38 -55.06 0.00
CA HIS E 48 -5.30 -56.08 -0.50
C HIS E 48 -5.76 -55.80 -1.94
N TRP E 49 -5.61 -54.57 -2.43
CA TRP E 49 -5.88 -54.33 -3.85
C TRP E 49 -4.75 -54.86 -4.71
N ALA E 50 -3.51 -54.64 -4.30
CA ALA E 50 -2.37 -55.11 -5.09
C ALA E 50 -2.33 -56.63 -5.14
N ALA E 51 -2.71 -57.28 -4.04
CA ALA E 51 -2.63 -58.74 -3.99
C ALA E 51 -3.67 -59.40 -4.89
N SER E 52 -4.80 -58.73 -5.11
CA SER E 52 -5.84 -59.28 -5.97
C SER E 52 -5.73 -58.80 -7.42
N ARG E 53 -4.87 -57.81 -7.70
CA ARG E 53 -4.55 -57.49 -9.08
C ARG E 53 -3.67 -58.56 -9.72
N CYS E 54 -2.96 -59.34 -8.91
CA CYS E 54 -2.14 -60.44 -9.39
C CYS E 54 -2.93 -61.73 -9.58
N LYS E 55 -4.22 -61.69 -9.40
CA LYS E 55 -5.01 -62.85 -9.64
C LYS E 55 -6.29 -62.52 -10.38
N ALA E 56 -6.17 -61.64 -11.36
CA ALA E 56 -7.30 -61.23 -12.19
C ALA E 56 -7.00 -61.77 -13.55
N THR E 57 -6.60 -63.03 -13.56
CA THR E 57 -6.15 -63.81 -14.67
C THR E 57 -7.18 -64.29 -15.62
N GLY E 58 -8.44 -64.15 -15.29
CA GLY E 58 -9.44 -64.67 -16.18
C GLY E 58 -9.77 -63.87 -17.41
N GLU E 59 -10.79 -63.04 -17.25
CA GLU E 59 -11.30 -62.19 -18.30
C GLU E 59 -10.45 -61.00 -18.63
N ALA E 60 -10.96 -60.21 -19.54
CA ALA E 60 -10.30 -58.98 -19.88
C ALA E 60 -10.60 -58.11 -18.68
N VAL E 61 -9.61 -57.40 -18.20
CA VAL E 61 -9.89 -56.58 -17.04
C VAL E 61 -10.60 -55.33 -17.48
N TYR E 62 -11.36 -54.73 -16.59
CA TYR E 62 -12.07 -53.53 -16.95
C TYR E 62 -11.28 -52.38 -17.49
N THR E 63 -11.38 -52.11 -18.78
CA THR E 63 -10.71 -50.95 -19.32
C THR E 63 -11.51 -50.49 -20.49
N VAL E 64 -11.76 -49.20 -20.52
CA VAL E 64 -12.55 -48.55 -21.56
C VAL E 64 -11.64 -48.16 -22.73
N PRO E 65 -12.10 -48.25 -23.98
CA PRO E 65 -11.34 -47.63 -25.08
C PRO E 65 -11.23 -46.13 -24.86
N SER E 66 -10.00 -45.61 -25.02
CA SER E 66 -9.78 -44.18 -24.85
C SER E 66 -10.56 -43.34 -25.88
N SER E 67 -11.12 -43.97 -26.91
CA SER E 67 -12.00 -43.25 -27.82
C SER E 67 -13.22 -42.73 -27.09
N MET E 68 -13.78 -43.52 -26.16
CA MET E 68 -15.04 -43.17 -25.51
C MET E 68 -14.87 -42.07 -24.47
N LEU E 69 -13.66 -41.81 -24.00
CA LEU E 69 -13.44 -40.79 -22.98
C LEU E 69 -12.85 -39.51 -23.52
N CYS E 70 -12.03 -39.59 -24.57
CA CYS E 70 -11.44 -38.40 -25.18
C CYS E 70 -12.52 -37.62 -25.92
N ILE E 71 -12.99 -36.53 -25.32
CA ILE E 71 -14.00 -35.70 -25.96
C ILE E 71 -13.38 -34.94 -27.12
N SER E 72 -14.09 -34.92 -28.25
CA SER E 72 -13.57 -34.27 -29.44
C SER E 72 -13.33 -32.78 -29.21
N GLU E 73 -12.36 -32.24 -29.94
CA GLU E 73 -12.06 -30.82 -29.85
C GLU E 73 -13.25 -29.98 -30.33
N ASN E 74 -13.91 -30.43 -31.40
CA ASN E 74 -14.98 -29.64 -32.00
C ASN E 74 -16.27 -29.72 -31.21
N ASP E 75 -16.52 -30.81 -30.50
CA ASP E 75 -17.66 -30.88 -29.61
C ASP E 75 -17.38 -30.21 -28.27
N GLN E 76 -16.11 -30.12 -27.87
CA GLN E 76 -15.76 -29.37 -26.67
C GLN E 76 -15.84 -27.87 -26.89
N LEU E 77 -15.53 -27.40 -28.11
CA LEU E 77 -15.73 -25.99 -28.42
C LEU E 77 -17.19 -25.59 -28.27
N ILE E 78 -18.10 -26.46 -28.70
CA ILE E 78 -19.53 -26.22 -28.50
C ILE E 78 -19.88 -26.17 -27.02
N LEU E 79 -19.19 -26.97 -26.20
CA LEU E 79 -19.63 -27.21 -24.84
C LEU E 79 -19.45 -25.99 -23.92
N SER E 80 -18.59 -25.05 -24.27
CA SER E 80 -18.46 -23.81 -23.51
C SER E 80 -19.32 -22.72 -24.15
N SER E 81 -20.62 -22.91 -24.03
CA SER E 81 -21.61 -21.95 -24.51
C SER E 81 -22.67 -21.77 -23.45
N LEU E 82 -23.34 -20.61 -23.49
CA LEU E 82 -24.37 -20.27 -22.50
C LEU E 82 -23.80 -20.31 -21.08
N SER F 9 -18.21 41.06 -19.58
CA SER F 9 -18.76 41.32 -20.90
C SER F 9 -20.20 41.74 -20.80
N LEU F 10 -21.08 40.80 -20.44
CA LEU F 10 -22.50 41.14 -20.23
C LEU F 10 -22.79 41.34 -18.76
N SER F 11 -21.86 42.09 -18.15
CA SER F 11 -22.09 42.73 -16.86
C SER F 11 -23.56 43.01 -16.60
N GLN F 12 -24.25 43.71 -17.51
CA GLN F 12 -25.59 44.20 -17.22
C GLN F 12 -26.61 43.06 -17.10
N LEU F 13 -26.40 41.96 -17.82
CA LEU F 13 -27.27 40.78 -17.70
C LEU F 13 -27.23 40.21 -16.29
N LEU F 14 -26.04 39.78 -15.86
CA LEU F 14 -25.88 39.13 -14.57
C LEU F 14 -26.08 40.09 -13.40
N ASP F 15 -26.13 41.40 -13.65
CA ASP F 15 -26.29 42.35 -12.55
C ASP F 15 -27.68 42.25 -11.94
N GLU F 16 -28.71 42.34 -12.77
CA GLU F 16 -30.08 42.27 -12.28
C GLU F 16 -30.59 40.83 -12.24
N MET F 17 -29.69 39.87 -12.22
CA MET F 17 -30.06 38.54 -11.77
C MET F 17 -30.36 38.55 -10.29
N ARG F 18 -31.11 37.55 -9.85
CA ARG F 18 -31.03 37.17 -8.46
C ARG F 18 -29.69 36.48 -8.25
N GLU F 19 -28.71 37.24 -7.76
CA GLU F 19 -27.38 36.67 -7.52
C GLU F 19 -27.42 35.58 -6.48
N ASP F 20 -28.50 35.52 -5.70
CA ASP F 20 -28.79 34.40 -4.82
C ASP F 20 -28.57 33.06 -5.51
N GLN F 21 -29.01 32.93 -6.77
CA GLN F 21 -28.93 31.66 -7.46
C GLN F 21 -28.09 31.67 -8.74
N GLU F 22 -27.49 32.81 -9.13
CA GLU F 22 -26.43 32.70 -10.14
C GLU F 22 -25.27 31.89 -9.59
N HIS F 23 -24.93 32.11 -8.32
CA HIS F 23 -23.87 31.33 -7.67
C HIS F 23 -24.24 29.86 -7.63
N GLN F 24 -25.44 29.55 -7.14
CA GLN F 24 -25.88 28.15 -7.09
C GLN F 24 -25.89 27.53 -8.48
N GLY F 25 -26.33 28.29 -9.48
CA GLY F 25 -26.25 27.80 -10.84
C GLY F 25 -24.84 27.45 -11.26
N ALA F 26 -23.92 28.40 -11.08
CA ALA F 26 -22.52 28.14 -11.40
C ALA F 26 -21.91 27.07 -10.50
N LEU F 27 -22.45 26.89 -9.30
CA LEU F 27 -21.91 25.89 -8.39
C LEU F 27 -22.21 24.48 -8.89
N VAL F 28 -23.45 24.22 -9.31
CA VAL F 28 -23.86 22.83 -9.55
C VAL F 28 -23.34 22.29 -10.89
N CYS F 29 -23.14 23.13 -11.90
CA CYS F 29 -22.58 22.60 -13.13
C CYS F 29 -21.06 22.62 -13.14
N LEU F 30 -20.43 23.53 -12.37
CA LEU F 30 -19.03 23.35 -12.04
C LEU F 30 -18.82 22.13 -11.15
N ALA F 31 -19.90 21.64 -10.51
CA ALA F 31 -19.83 20.35 -9.83
C ALA F 31 -19.96 19.21 -10.83
N GLU F 32 -20.94 19.30 -11.73
CA GLU F 32 -21.06 18.30 -12.80
C GLU F 32 -19.93 18.40 -13.80
N SER F 33 -19.21 19.53 -13.81
CA SER F 33 -17.95 19.68 -14.54
C SER F 33 -17.05 18.47 -14.35
N CYS F 34 -16.98 17.99 -13.11
CA CYS F 34 -15.97 17.01 -12.70
C CYS F 34 -16.50 15.59 -12.61
N LEU F 35 -17.81 15.40 -12.68
CA LEU F 35 -18.40 14.10 -12.39
C LEU F 35 -18.66 13.32 -13.67
N THR F 36 -18.60 11.99 -13.54
CA THR F 36 -18.84 11.06 -14.64
C THR F 36 -19.95 10.12 -14.21
N LEU F 37 -21.17 10.38 -14.69
CA LEU F 37 -22.35 9.72 -14.17
C LEU F 37 -23.02 8.79 -15.17
N GLU F 38 -22.63 8.83 -16.43
CA GLU F 38 -23.09 7.89 -17.44
C GLU F 38 -21.87 7.31 -18.13
N GLY F 39 -21.65 6.02 -17.93
CA GLY F 39 -20.46 5.36 -18.42
C GLY F 39 -19.53 5.05 -17.27
N PRO F 40 -18.72 4.01 -17.41
CA PRO F 40 -17.73 3.71 -16.36
C PRO F 40 -16.85 4.92 -16.08
N CYS F 41 -16.53 5.10 -14.80
CA CYS F 41 -15.77 6.26 -14.35
C CYS F 41 -14.28 6.14 -14.71
N THR F 42 -13.67 7.28 -15.02
CA THR F 42 -12.31 7.35 -15.52
C THR F 42 -11.32 7.09 -14.39
N ALA F 43 -10.02 7.07 -14.76
CA ALA F 43 -8.90 6.79 -13.87
C ALA F 43 -8.17 8.07 -13.49
N PRO F 44 -7.67 8.14 -12.26
CA PRO F 44 -6.96 9.34 -11.81
C PRO F 44 -5.56 9.40 -12.40
N PRO F 45 -4.94 10.58 -12.43
CA PRO F 45 -3.58 10.70 -12.97
C PRO F 45 -2.53 10.18 -12.00
N VAL F 46 -1.40 9.75 -12.56
CA VAL F 46 -0.37 9.07 -11.80
C VAL F 46 0.97 9.78 -12.04
N THR F 47 1.57 10.28 -10.97
CA THR F 47 2.93 10.81 -11.03
C THR F 47 3.94 9.67 -10.85
N HIS F 48 5.14 9.85 -11.40
CA HIS F 48 6.10 8.75 -11.45
C HIS F 48 6.59 8.33 -10.07
N TRP F 49 6.48 9.21 -9.06
CA TRP F 49 6.71 8.76 -7.69
C TRP F 49 5.61 7.81 -7.24
N ALA F 50 4.36 8.15 -7.55
CA ALA F 50 3.23 7.29 -7.17
C ALA F 50 3.23 5.98 -7.93
N ALA F 51 3.75 5.99 -9.16
CA ALA F 51 3.83 4.75 -9.93
C ALA F 51 4.94 3.84 -9.45
N SER F 52 6.06 4.41 -9.00
CA SER F 52 7.16 3.62 -8.45
C SER F 52 6.97 3.30 -6.97
N ARG F 53 5.99 3.90 -6.32
CA ARG F 53 5.74 3.62 -4.91
C ARG F 53 5.10 2.26 -4.69
N CYS F 54 4.48 1.69 -5.73
CA CYS F 54 3.86 0.37 -5.66
C CYS F 54 4.69 -0.70 -6.35
N LYS F 55 5.82 -0.34 -6.94
CA LYS F 55 6.81 -1.30 -7.40
C LYS F 55 7.91 -1.51 -6.37
N ALA F 56 7.74 -0.94 -5.18
CA ALA F 56 8.64 -1.15 -4.05
C ALA F 56 8.02 -2.24 -3.18
N THR F 57 8.52 -3.46 -3.32
CA THR F 57 7.93 -4.61 -2.64
C THR F 57 8.93 -5.56 -2.02
N GLY F 58 10.13 -5.70 -2.57
CA GLY F 58 11.10 -6.65 -2.05
C GLY F 58 11.56 -6.36 -0.64
N GLU F 59 12.17 -5.19 -0.44
CA GLU F 59 12.70 -4.83 0.86
C GLU F 59 11.62 -4.25 1.76
N ALA F 60 12.00 -3.93 2.99
CA ALA F 60 11.14 -3.14 3.86
C ALA F 60 11.23 -1.67 3.45
N VAL F 61 10.09 -0.98 3.47
CA VAL F 61 10.06 0.41 3.04
C VAL F 61 10.90 1.25 4.00
N TYR F 62 11.66 2.19 3.43
CA TYR F 62 12.54 3.01 4.24
C TYR F 62 11.74 3.84 5.24
N THR F 63 12.20 3.84 6.50
CA THR F 63 11.66 4.73 7.51
C THR F 63 12.58 4.70 8.72
N VAL F 64 12.52 5.77 9.50
CA VAL F 64 13.29 5.88 10.73
C VAL F 64 12.31 5.75 11.90
N PRO F 65 12.66 5.02 12.95
CA PRO F 65 11.81 5.02 14.16
C PRO F 65 11.63 6.45 14.67
N SER F 66 10.41 6.74 15.13
CA SER F 66 10.08 8.10 15.56
C SER F 66 10.84 8.51 16.81
N SER F 67 11.31 7.55 17.61
CA SER F 67 12.11 7.89 18.78
C SER F 67 13.45 8.50 18.39
N MET F 68 13.95 8.18 17.20
CA MET F 68 15.22 8.71 16.72
C MET F 68 15.12 10.18 16.32
N LEU F 69 13.91 10.72 16.16
CA LEU F 69 13.72 12.11 15.78
C LEU F 69 13.01 12.94 16.84
N CYS F 70 12.41 12.32 17.84
CA CYS F 70 11.73 13.05 18.91
C CYS F 70 12.80 13.54 19.88
N ILE F 71 13.36 14.71 19.60
CA ILE F 71 14.31 15.30 20.54
C ILE F 71 13.62 15.49 21.88
N SER F 72 14.29 15.07 22.95
CA SER F 72 13.78 15.15 24.31
C SER F 72 13.27 16.55 24.67
N GLU F 73 12.53 16.67 25.77
CA GLU F 73 12.27 17.98 26.34
C GLU F 73 13.45 18.46 27.17
N ASN F 74 14.17 17.52 27.81
CA ASN F 74 15.32 17.88 28.62
C ASN F 74 16.43 18.48 27.77
N ASP F 75 16.74 17.88 26.62
CA ASP F 75 17.81 18.41 25.78
C ASP F 75 17.45 19.80 25.25
N GLN F 76 16.21 20.00 24.81
CA GLN F 76 15.84 21.28 24.21
C GLN F 76 15.81 22.39 25.24
N LEU F 77 15.65 22.03 26.52
CA LEU F 77 15.99 22.95 27.59
C LEU F 77 17.46 23.35 27.49
N ILE F 78 18.35 22.36 27.36
CA ILE F 78 19.77 22.66 27.18
C ILE F 78 20.00 23.30 25.82
N LEU F 79 19.25 22.87 24.79
CA LEU F 79 19.43 23.42 23.46
C LEU F 79 19.05 24.90 23.37
N SER F 80 18.19 25.38 24.27
CA SER F 80 17.67 26.75 24.21
C SER F 80 18.62 27.79 24.80
N SER F 81 19.79 27.39 25.31
CA SER F 81 20.57 28.27 26.16
C SER F 81 21.86 28.76 25.53
N LEU F 82 22.12 28.44 24.27
CA LEU F 82 23.30 28.95 23.58
C LEU F 82 22.91 29.79 22.38
N SER G 9 25.72 17.81 28.42
CA SER G 9 26.60 17.48 29.53
C SER G 9 25.81 17.14 30.77
N LEU G 10 25.03 18.13 31.23
CA LEU G 10 24.22 18.04 32.43
C LEU G 10 22.83 17.51 32.12
N SER G 11 22.66 16.84 30.97
CA SER G 11 21.44 16.08 30.75
C SER G 11 21.07 15.28 31.98
N GLN G 12 22.06 14.62 32.59
CA GLN G 12 21.85 13.66 33.67
C GLN G 12 20.96 14.20 34.79
N LEU G 13 21.30 15.37 35.34
CA LEU G 13 20.65 15.84 36.57
C LEU G 13 19.19 16.24 36.36
N LEU G 14 18.85 16.79 35.18
CA LEU G 14 17.50 17.31 34.94
C LEU G 14 16.45 16.19 34.92
N ASP G 15 16.85 14.97 34.50
CA ASP G 15 15.93 13.84 34.56
C ASP G 15 15.43 13.62 35.97
N GLU G 16 16.32 13.75 36.95
CA GLU G 16 16.02 13.32 38.32
C GLU G 16 15.20 14.37 39.09
N MET G 17 15.16 15.61 38.62
CA MET G 17 14.56 16.70 39.39
C MET G 17 13.06 16.83 39.18
N ARG G 18 12.40 15.78 38.70
CA ARG G 18 10.95 15.79 38.46
C ARG G 18 10.58 17.04 37.64
N GLU G 19 11.27 17.13 36.52
CA GLU G 19 11.23 18.24 35.59
C GLU G 19 9.94 18.98 35.31
N ASP G 20 8.80 18.35 35.52
CA ASP G 20 7.58 19.06 35.23
C ASP G 20 7.41 20.15 36.23
N GLN G 21 7.64 19.86 37.50
CA GLN G 21 7.53 20.93 38.51
C GLN G 21 8.52 22.03 38.23
N GLU G 22 9.72 21.67 37.84
CA GLU G 22 10.73 22.64 37.52
C GLU G 22 10.74 23.04 36.02
N HIS G 23 9.67 22.70 35.28
CA HIS G 23 9.47 23.18 33.90
C HIS G 23 8.86 24.57 34.01
N GLN G 24 8.14 24.80 35.10
CA GLN G 24 7.53 26.03 35.43
C GLN G 24 8.61 26.98 35.82
N GLY G 25 9.62 26.48 36.50
CA GLY G 25 10.73 27.29 36.94
C GLY G 25 11.53 27.97 35.89
N ALA G 26 11.62 27.37 34.73
CA ALA G 26 12.35 27.94 33.61
C ALA G 26 11.48 28.80 32.76
N LEU G 27 10.21 28.90 33.12
CA LEU G 27 9.28 29.73 32.47
C LEU G 27 9.24 30.91 33.35
N VAL G 28 8.96 30.70 34.63
CA VAL G 28 8.86 31.82 35.56
C VAL G 28 10.14 32.64 35.62
N CYS G 29 11.30 32.01 35.42
CA CYS G 29 12.56 32.73 35.52
C CYS G 29 12.95 33.40 34.20
N LEU G 30 12.59 32.79 33.08
CA LEU G 30 12.74 33.47 31.79
C LEU G 30 11.68 34.56 31.61
N ALA G 31 10.63 34.54 32.43
CA ALA G 31 9.60 35.57 32.33
C ALA G 31 10.16 36.93 32.73
N GLU G 32 10.62 37.06 33.97
CA GLU G 32 11.23 38.32 34.42
C GLU G 32 12.64 38.52 33.89
N SER G 33 13.06 37.72 32.93
CA SER G 33 14.18 38.10 32.07
C SER G 33 13.85 39.35 31.25
N CYS G 34 12.56 39.66 31.09
CA CYS G 34 12.12 40.75 30.24
C CYS G 34 11.35 41.83 30.98
N LEU G 35 10.79 41.53 32.15
CA LEU G 35 10.02 42.50 32.90
C LEU G 35 10.94 43.51 33.58
N THR G 36 10.48 44.76 33.63
CA THR G 36 11.25 45.85 34.24
C THR G 36 10.46 46.37 35.43
N LEU G 37 10.59 45.67 36.56
CA LEU G 37 9.96 46.05 37.81
C LEU G 37 10.89 46.86 38.69
N GLU G 38 12.08 47.20 38.19
CA GLU G 38 13.06 47.96 38.96
C GLU G 38 12.57 49.39 39.20
N GLY G 39 12.38 50.15 38.12
CA GLY G 39 11.92 51.52 38.23
C GLY G 39 11.33 52.00 36.92
N PRO G 40 11.85 53.10 36.40
CA PRO G 40 11.35 53.64 35.13
C PRO G 40 11.44 52.64 34.00
N CYS G 41 10.29 52.12 33.56
CA CYS G 41 10.27 51.14 32.48
C CYS G 41 10.94 51.70 31.23
N THR G 42 11.81 50.90 30.63
CA THR G 42 12.66 51.38 29.56
C THR G 42 11.86 51.58 28.27
N ALA G 43 12.57 52.01 27.23
CA ALA G 43 12.01 52.38 25.93
C ALA G 43 11.93 51.17 25.01
N PRO G 44 11.12 51.26 23.96
CA PRO G 44 11.00 50.15 23.01
C PRO G 44 11.81 50.42 21.75
N PRO G 45 12.03 49.41 20.92
CA PRO G 45 12.75 49.64 19.66
C PRO G 45 11.92 50.44 18.68
N VAL G 46 12.60 50.97 17.67
CA VAL G 46 11.97 51.79 16.63
C VAL G 46 12.66 51.47 15.31
N THR G 47 11.94 50.87 14.38
CA THR G 47 12.44 50.74 13.02
C THR G 47 12.29 52.07 12.29
N HIS G 48 13.12 52.27 11.27
CA HIS G 48 13.14 53.57 10.60
C HIS G 48 11.84 53.86 9.84
N TRP G 49 11.05 52.84 9.53
CA TRP G 49 9.71 53.10 9.01
C TRP G 49 8.79 53.63 10.10
N ALA G 50 8.82 53.01 11.28
CA ALA G 50 8.00 53.48 12.39
C ALA G 50 8.43 54.87 12.85
N ALA G 51 9.71 55.20 12.73
CA ALA G 51 10.19 56.52 13.09
C ALA G 51 9.53 57.59 12.22
N SER G 52 9.66 57.46 10.90
CA SER G 52 9.03 58.40 9.98
C SER G 52 7.55 58.15 9.78
N ARG G 53 7.01 57.05 10.32
CA ARG G 53 5.56 56.84 10.27
C ARG G 53 4.83 57.85 11.14
N CYS G 54 5.48 58.36 12.18
CA CYS G 54 4.88 59.32 13.09
C CYS G 54 5.15 60.76 12.68
N LYS G 55 5.71 60.98 11.49
CA LYS G 55 6.05 62.32 11.01
C LYS G 55 5.43 62.60 9.65
N ALA G 56 4.28 61.99 9.36
CA ALA G 56 3.54 62.24 8.13
C ALA G 56 2.31 63.05 8.51
N THR G 57 2.40 64.37 8.38
CA THR G 57 1.35 65.25 8.88
C THR G 57 0.98 66.33 7.86
N GLY G 58 1.92 66.68 6.98
CA GLY G 58 1.64 67.72 6.00
C GLY G 58 0.66 67.29 4.93
N GLU G 59 0.92 66.13 4.32
CA GLU G 59 0.05 65.58 3.30
C GLU G 59 -0.84 64.49 3.89
N ALA G 60 -1.99 64.28 3.25
CA ALA G 60 -2.85 63.18 3.64
C ALA G 60 -2.16 61.87 3.38
N VAL G 61 -2.17 61.00 4.39
CA VAL G 61 -1.46 59.72 4.30
C VAL G 61 -2.10 58.86 3.21
N TYR G 62 -1.28 58.36 2.30
CA TYR G 62 -1.76 57.60 1.15
C TYR G 62 -2.65 56.44 1.56
N THR G 63 -3.77 56.27 0.88
CA THR G 63 -4.50 55.01 0.86
C THR G 63 -5.57 55.05 -0.22
N VAL G 64 -6.05 53.86 -0.56
CA VAL G 64 -7.06 53.65 -1.60
C VAL G 64 -8.39 53.38 -0.92
N PRO G 65 -9.52 53.77 -1.50
CA PRO G 65 -10.80 53.23 -1.04
C PRO G 65 -10.85 51.74 -1.32
N SER G 66 -11.40 50.98 -0.36
CA SER G 66 -11.73 49.60 -0.65
C SER G 66 -12.70 49.48 -1.82
N SER G 67 -13.39 50.59 -2.14
CA SER G 67 -14.17 50.72 -3.36
C SER G 67 -13.48 50.07 -4.56
N MET G 68 -12.29 50.56 -4.89
CA MET G 68 -11.61 50.19 -6.13
C MET G 68 -10.59 49.08 -5.96
N LEU G 69 -10.45 48.53 -4.75
CA LEU G 69 -9.68 47.31 -4.55
C LEU G 69 -10.56 46.07 -4.49
N CYS G 70 -11.76 46.21 -3.92
CA CYS G 70 -12.76 45.15 -3.93
C CYS G 70 -13.15 44.81 -5.35
N ILE G 71 -12.75 43.63 -5.84
CA ILE G 71 -13.22 43.14 -7.13
C ILE G 71 -14.65 42.67 -6.97
N SER G 72 -15.54 43.16 -7.83
CA SER G 72 -16.96 42.95 -7.64
C SER G 72 -17.34 41.48 -7.85
N GLU G 73 -18.39 41.06 -7.13
CA GLU G 73 -18.87 39.68 -7.18
C GLU G 73 -19.25 39.27 -8.59
N ASN G 74 -19.71 40.21 -9.42
CA ASN G 74 -19.95 39.91 -10.82
C ASN G 74 -18.65 39.50 -11.48
N ASP G 75 -17.78 40.48 -11.74
CA ASP G 75 -16.60 40.29 -12.57
C ASP G 75 -15.73 39.11 -12.14
N GLN G 76 -15.81 38.70 -10.87
CA GLN G 76 -15.04 37.54 -10.43
C GLN G 76 -15.56 36.26 -11.06
N LEU G 77 -16.88 36.08 -11.08
CA LEU G 77 -17.45 34.92 -11.76
C LEU G 77 -17.33 35.04 -13.28
N ILE G 78 -17.52 36.24 -13.81
CA ILE G 78 -17.37 36.45 -15.25
C ILE G 78 -15.93 36.23 -15.67
N LEU G 79 -14.98 36.49 -14.77
CA LEU G 79 -13.59 36.09 -15.01
C LEU G 79 -13.39 34.59 -14.87
N SER G 80 -14.39 33.84 -14.41
CA SER G 80 -14.25 32.40 -14.21
C SER G 80 -14.91 31.64 -15.35
N SER G 81 -14.52 31.93 -16.58
CA SER G 81 -14.92 31.15 -17.74
C SER G 81 -13.77 30.88 -18.70
N LEU G 82 -12.59 31.47 -18.46
CA LEU G 82 -11.38 31.14 -19.21
C LEU G 82 -10.23 30.94 -18.24
N SER H 9 -25.79 -30.20 -40.16
CA SER H 9 -26.69 -29.09 -39.90
C SER H 9 -26.52 -28.58 -38.47
N LEU H 10 -25.65 -29.25 -37.71
CA LEU H 10 -25.42 -28.88 -36.32
C LEU H 10 -23.94 -28.66 -36.04
N SER H 11 -23.21 -29.76 -35.78
CA SER H 11 -21.80 -29.71 -35.45
C SER H 11 -20.89 -29.97 -36.65
N GLN H 12 -21.45 -30.30 -37.81
CA GLN H 12 -20.60 -30.58 -38.97
C GLN H 12 -20.12 -29.31 -39.66
N LEU H 13 -20.82 -28.19 -39.46
CA LEU H 13 -20.27 -26.88 -39.81
C LEU H 13 -18.87 -26.72 -39.25
N LEU H 14 -18.77 -26.80 -37.92
CA LEU H 14 -17.46 -26.72 -37.26
C LEU H 14 -16.57 -27.90 -37.63
N ASP H 15 -17.15 -29.08 -37.84
CA ASP H 15 -16.35 -30.25 -38.20
C ASP H 15 -15.65 -30.04 -39.53
N GLU H 16 -16.37 -29.53 -40.53
CA GLU H 16 -15.83 -29.37 -41.87
C GLU H 16 -15.26 -27.98 -42.11
N MET H 17 -15.49 -27.02 -41.21
CA MET H 17 -14.76 -25.76 -41.29
C MET H 17 -13.33 -25.99 -40.79
N ARG H 18 -12.47 -25.04 -41.12
CA ARG H 18 -11.06 -25.15 -40.75
C ARG H 18 -10.91 -25.18 -39.23
N GLU H 19 -10.15 -26.17 -38.74
CA GLU H 19 -9.93 -26.30 -37.30
C GLU H 19 -8.94 -25.26 -36.79
N ASP H 20 -8.02 -24.80 -37.64
CA ASP H 20 -7.01 -23.82 -37.26
C ASP H 20 -7.47 -22.38 -37.44
N GLN H 21 -8.75 -22.17 -37.77
CA GLN H 21 -9.32 -20.84 -37.91
C GLN H 21 -10.49 -20.57 -36.98
N GLU H 22 -11.21 -21.60 -36.53
CA GLU H 22 -12.24 -21.39 -35.53
C GLU H 22 -11.64 -21.40 -34.14
N HIS H 23 -10.50 -22.07 -33.97
CA HIS H 23 -9.76 -21.96 -32.72
C HIS H 23 -9.21 -20.56 -32.52
N GLN H 24 -8.65 -19.97 -33.58
CA GLN H 24 -8.19 -18.59 -33.49
C GLN H 24 -9.37 -17.64 -33.34
N GLY H 25 -10.43 -17.85 -34.14
CA GLY H 25 -11.62 -17.02 -33.99
C GLY H 25 -12.20 -17.08 -32.59
N ALA H 26 -12.34 -18.28 -32.03
CA ALA H 26 -12.90 -18.41 -30.70
C ALA H 26 -12.04 -17.79 -29.62
N LEU H 27 -10.76 -17.50 -29.91
CA LEU H 27 -9.87 -16.95 -28.90
C LEU H 27 -9.92 -15.43 -28.84
N VAL H 28 -9.98 -14.75 -30.00
CA VAL H 28 -10.01 -13.29 -30.01
C VAL H 28 -11.42 -12.73 -29.87
N CYS H 29 -12.46 -13.54 -30.01
CA CYS H 29 -13.80 -13.12 -29.60
C CYS H 29 -13.90 -13.11 -28.08
N LEU H 30 -13.46 -14.19 -27.44
CA LEU H 30 -13.45 -14.27 -25.99
C LEU H 30 -12.59 -13.17 -25.39
N ALA H 31 -11.42 -12.90 -26.00
CA ALA H 31 -10.50 -11.91 -25.46
C ALA H 31 -11.10 -10.52 -25.50
N GLU H 32 -11.81 -10.17 -26.58
CA GLU H 32 -12.31 -8.81 -26.72
C GLU H 32 -13.53 -8.56 -25.84
N SER H 33 -14.30 -9.59 -25.51
CA SER H 33 -15.44 -9.42 -24.60
C SER H 33 -14.97 -8.98 -23.22
N CYS H 34 -13.76 -9.37 -22.82
CA CYS H 34 -13.18 -8.93 -21.56
C CYS H 34 -12.56 -7.54 -21.65
N LEU H 35 -12.45 -6.98 -22.85
CA LEU H 35 -11.81 -5.69 -23.06
C LEU H 35 -12.85 -4.58 -23.18
N THR H 36 -12.43 -3.36 -22.86
CA THR H 36 -13.22 -2.15 -23.05
C THR H 36 -12.34 -1.15 -23.77
N LEU H 37 -12.38 -1.18 -25.10
CA LEU H 37 -11.47 -0.40 -25.94
C LEU H 37 -11.98 1.00 -26.23
N GLU H 38 -13.18 1.34 -25.77
CA GLU H 38 -13.80 2.63 -26.06
C GLU H 38 -14.51 3.10 -24.80
N GLY H 39 -14.06 4.20 -24.24
CA GLY H 39 -14.63 4.71 -23.01
C GLY H 39 -13.74 4.44 -21.81
N PRO H 40 -13.94 5.20 -20.74
CA PRO H 40 -13.13 5.01 -19.53
C PRO H 40 -13.25 3.60 -19.00
N CYS H 41 -12.14 3.11 -18.43
CA CYS H 41 -12.11 1.76 -17.87
C CYS H 41 -13.14 1.62 -16.77
N THR H 42 -13.72 0.42 -16.66
CA THR H 42 -14.68 0.11 -15.62
C THR H 42 -13.98 -0.54 -14.43
N ALA H 43 -14.52 -0.32 -13.24
CA ALA H 43 -13.77 -0.60 -12.03
C ALA H 43 -13.68 -2.11 -11.76
N PRO H 44 -12.61 -2.55 -11.11
CA PRO H 44 -12.49 -3.96 -10.72
C PRO H 44 -13.20 -4.22 -9.40
N PRO H 45 -13.61 -5.47 -9.14
CA PRO H 45 -14.32 -5.77 -7.90
C PRO H 45 -13.40 -5.78 -6.70
N VAL H 46 -13.96 -5.39 -5.55
CA VAL H 46 -13.23 -5.36 -4.29
C VAL H 46 -13.93 -6.28 -3.29
N THR H 47 -13.16 -7.17 -2.68
CA THR H 47 -13.66 -7.96 -1.56
C THR H 47 -13.52 -7.14 -0.28
N HIS H 48 -14.40 -7.43 0.69
CA HIS H 48 -14.45 -6.61 1.90
C HIS H 48 -13.11 -6.59 2.63
N TRP H 49 -12.34 -7.67 2.54
CA TRP H 49 -11.00 -7.67 3.11
C TRP H 49 -10.10 -6.66 2.40
N ALA H 50 -10.15 -6.65 1.06
CA ALA H 50 -9.30 -5.75 0.29
C ALA H 50 -9.68 -4.29 0.51
N ALA H 51 -10.96 -4.01 0.79
CA ALA H 51 -11.39 -2.65 1.05
C ALA H 51 -11.06 -2.19 2.46
N SER H 52 -10.71 -3.11 3.35
CA SER H 52 -10.29 -2.75 4.70
C SER H 52 -8.78 -2.81 4.88
N ARG H 53 -8.06 -3.44 3.95
CA ARG H 53 -6.60 -3.39 3.98
C ARG H 53 -6.10 -2.01 3.60
N CYS H 54 -6.86 -1.27 2.79
CA CYS H 54 -6.53 0.09 2.41
C CYS H 54 -7.00 1.12 3.44
N LYS H 55 -7.24 0.69 4.68
CA LYS H 55 -7.63 1.60 5.75
C LYS H 55 -6.85 1.41 7.03
N ALA H 56 -6.15 0.28 7.21
CA ALA H 56 -5.16 0.14 8.29
C ALA H 56 -3.99 1.04 7.93
N THR H 57 -3.89 2.19 8.60
CA THR H 57 -3.09 3.29 8.07
C THR H 57 -2.08 3.84 9.06
N GLY H 58 -2.55 4.29 10.22
CA GLY H 58 -1.67 4.89 11.20
C GLY H 58 -0.59 3.95 11.71
N GLU H 59 -0.98 3.03 12.60
CA GLU H 59 -0.03 2.06 13.14
C GLU H 59 0.51 1.16 12.03
N ALA H 60 1.67 0.56 12.30
CA ALA H 60 2.31 -0.27 11.31
C ALA H 60 1.55 -1.57 11.10
N VAL H 61 1.72 -2.15 9.91
CA VAL H 61 1.03 -3.39 9.57
C VAL H 61 1.61 -4.53 10.40
N TYR H 62 0.74 -5.46 10.81
CA TYR H 62 1.19 -6.61 11.57
C TYR H 62 2.07 -7.50 10.72
N THR H 63 3.18 -7.96 11.29
CA THR H 63 3.95 -9.05 10.72
C THR H 63 4.96 -9.53 11.75
N VAL H 64 5.35 -10.80 11.61
CA VAL H 64 6.40 -11.39 12.43
C VAL H 64 7.72 -11.18 11.70
N PRO H 65 8.81 -10.85 12.40
CA PRO H 65 10.13 -10.96 11.78
C PRO H 65 10.42 -12.42 11.45
N SER H 66 10.82 -12.68 10.21
CA SER H 66 11.08 -14.05 9.77
C SER H 66 12.15 -14.73 10.62
N SER H 67 12.89 -13.96 11.42
CA SER H 67 13.82 -14.55 12.36
C SER H 67 13.13 -15.56 13.26
N MET H 68 12.00 -15.18 13.86
CA MET H 68 11.31 -16.04 14.80
C MET H 68 10.52 -17.16 14.13
N LEU H 69 10.46 -17.18 12.79
CA LEU H 69 9.75 -18.23 12.08
C LEU H 69 10.65 -19.17 11.29
N CYS H 70 11.89 -18.77 11.03
CA CYS H 70 12.82 -19.59 10.25
C CYS H 70 13.59 -20.48 11.22
N ILE H 71 13.14 -21.72 11.36
CA ILE H 71 13.83 -22.67 12.23
C ILE H 71 15.20 -22.97 11.64
N SER H 72 16.22 -22.91 12.49
CA SER H 72 17.59 -23.17 12.05
C SER H 72 17.72 -24.61 11.57
N GLU H 73 18.69 -24.84 10.68
CA GLU H 73 18.97 -26.19 10.23
C GLU H 73 19.60 -27.03 11.33
N ASN H 74 20.45 -26.41 12.16
CA ASN H 74 21.04 -27.14 13.28
C ASN H 74 20.00 -27.52 14.31
N ASP H 75 18.89 -26.77 14.39
CA ASP H 75 17.79 -27.12 15.28
C ASP H 75 16.79 -28.05 14.63
N GLN H 76 16.67 -28.02 13.29
CA GLN H 76 15.71 -28.88 12.60
C GLN H 76 16.23 -30.31 12.46
N LEU H 77 17.55 -30.48 12.41
CA LEU H 77 18.10 -31.83 12.41
C LEU H 77 17.92 -32.52 13.76
N ILE H 78 17.79 -31.75 14.84
CA ILE H 78 17.50 -32.34 16.14
C ILE H 78 16.09 -32.94 16.15
N LEU H 79 15.16 -32.28 15.47
CA LEU H 79 13.79 -32.78 15.34
C LEU H 79 13.73 -33.89 14.30
N SER H 80 14.81 -34.67 14.19
CA SER H 80 14.87 -35.79 13.25
C SER H 80 15.30 -37.08 13.94
N SER H 81 15.27 -37.13 15.27
CA SER H 81 15.72 -38.30 16.03
C SER H 81 14.59 -39.06 16.68
N LEU H 82 13.35 -38.56 16.58
CA LEU H 82 12.20 -39.26 17.16
C LEU H 82 11.00 -39.13 16.22
#